data_8WXF
#
_entry.id   8WXF
#
_cell.length_a   1.00
_cell.length_b   1.00
_cell.length_c   1.00
_cell.angle_alpha   90.00
_cell.angle_beta   90.00
_cell.angle_gamma   90.00
#
_symmetry.space_group_name_H-M   'P 1'
#
_entity_poly.entity_id   1
_entity_poly.type   'polypeptide(L)'
_entity_poly.pdbx_seq_one_letter_code
;MGSSHHHHHHSSGLVPRGSHMMSAAEIDEGVFETTATIDNGSFGTRTIRFETGRLALQAAGAVVAYLDDDNMLLSATTAS
KNPKEHFDFFPLTVDVEERMYAAGRIPGSFFRREGRPSTDAILTCRLIDRPLRPSFVDGLRNEIQIVVTILSLDPGDLYD
VLAINAASASTQLGGLPFSGPIGGVRVALIDGTWVGFPTVDQIERAVFDMVVAGRIVEGDVAIMMVEAEATENVVELVEG
GAQAPTESVVAAGLEAAKPFIAALCTAQQELADAAGKSGKPTVDFPVFPDYGEDVYYSVSSVATDELAAALTIGGKAERD
QRIDEIKTQVVQRLADTYEGREKEVGAALRALTKKLVRQRILTDHFRIDGRGITDIRALSAEVAVVPRAHGSALFERGET
QILGVTTLDMIKMAQQIDSLGPETSKRYMHHYNFPPFSTGETGRVGSPKRREIGHGALAERALVPVLPSVEEFPYAIRQV
SEALGSNGSTSMGSVCASTLALLNAGVPLKAPVAGIAMGLVSDDIQVEGAVDGVVERRFVTLTDILGAEDAFGDMDFKVA
GTKDFVTALQLDTKLDGIPSQVLAGALEQAKDARLTILEVMAEAIDRPDEMSPYAPRVTTIKVPVDKIGEVIGPKGKVIN
AITEETGAQISIEDDGTVFVGATDGPSAQAAIDKINAIANPQLPTVGERFLGTVVKTTDFGAFVSLLPGRDGLVHISKLG
KGKRIAKVEDVVNVGDKLRVEIADIDKRGKISLILVADEDSTAAATDAATVTS
;
_entity_poly.pdbx_strand_id   A,B,C
#
# COMPACT_ATOMS: atom_id res chain seq x y z
N ALA A 25 -25.04 37.80 7.15
CA ALA A 25 -25.06 37.38 5.75
C ALA A 25 -23.84 37.93 5.00
N GLU A 26 -24.09 38.62 3.90
CA GLU A 26 -23.05 39.22 3.08
C GLU A 26 -22.90 40.68 3.50
N ILE A 27 -22.49 40.88 4.76
CA ILE A 27 -22.33 42.24 5.27
C ILE A 27 -21.01 42.85 4.80
N ASP A 28 -20.07 42.03 4.34
CA ASP A 28 -18.75 42.50 3.94
C ASP A 28 -18.60 42.43 2.43
N GLU A 29 -17.73 43.26 1.89
CA GLU A 29 -17.51 43.32 0.45
C GLU A 29 -16.43 42.33 0.04
N GLY A 30 -16.74 41.49 -0.94
CA GLY A 30 -15.78 40.53 -1.46
C GLY A 30 -16.39 39.17 -1.71
N VAL A 31 -17.53 38.90 -1.09
CA VAL A 31 -18.24 37.63 -1.25
C VAL A 31 -19.33 37.84 -2.28
N PHE A 32 -19.01 37.58 -3.55
CA PHE A 32 -19.95 37.74 -4.65
C PHE A 32 -20.62 36.43 -4.97
N GLU A 33 -21.93 36.37 -4.77
CA GLU A 33 -22.71 35.18 -5.04
C GLU A 33 -23.59 35.39 -6.26
N THR A 34 -23.95 34.27 -6.89
CA THR A 34 -24.85 34.29 -8.04
C THR A 34 -25.77 33.09 -7.92
N THR A 35 -26.57 32.86 -8.96
CA THR A 35 -27.49 31.74 -8.97
C THR A 35 -27.51 31.13 -10.36
N ALA A 36 -27.87 29.85 -10.42
CA ALA A 36 -28.05 29.14 -11.69
C ALA A 36 -29.34 28.36 -11.59
N THR A 37 -30.44 28.97 -11.99
CA THR A 37 -31.77 28.39 -11.87
C THR A 37 -32.08 27.53 -13.08
N ILE A 38 -32.42 26.26 -12.82
CA ILE A 38 -32.84 25.34 -13.87
C ILE A 38 -34.21 24.80 -13.47
N ASP A 39 -35.15 24.82 -14.43
CA ASP A 39 -36.50 24.35 -14.14
C ASP A 39 -36.57 22.83 -14.07
N ASN A 40 -35.87 22.14 -14.99
CA ASN A 40 -35.98 20.68 -15.15
C ASN A 40 -37.43 20.23 -15.29
N GLY A 41 -38.25 21.06 -15.93
CA GLY A 41 -39.64 20.69 -16.16
C GLY A 41 -40.40 20.48 -14.86
N SER A 42 -41.18 19.40 -14.81
CA SER A 42 -42.04 19.09 -13.68
C SER A 42 -41.43 18.06 -12.74
N PHE A 43 -40.16 17.70 -12.93
CA PHE A 43 -39.48 16.71 -12.09
C PHE A 43 -38.67 17.37 -10.98
N GLY A 44 -39.13 18.51 -10.48
CA GLY A 44 -38.42 19.22 -9.44
C GLY A 44 -37.43 20.23 -9.99
N THR A 45 -37.14 21.24 -9.16
CA THR A 45 -36.23 22.32 -9.52
C THR A 45 -35.08 22.35 -8.52
N ARG A 46 -33.85 22.36 -9.03
CA ARG A 46 -32.66 22.46 -8.21
C ARG A 46 -31.94 23.76 -8.54
N THR A 47 -31.28 24.34 -7.54
CA THR A 47 -30.59 25.60 -7.70
C THR A 47 -29.08 25.38 -7.57
N ILE A 48 -28.31 26.11 -8.37
CA ILE A 48 -26.86 26.06 -8.34
C ILE A 48 -26.35 27.46 -8.02
N ARG A 49 -25.51 27.56 -6.99
CA ARG A 49 -24.97 28.82 -6.52
C ARG A 49 -23.45 28.77 -6.50
N PHE A 50 -22.82 29.86 -6.94
CA PHE A 50 -21.38 30.01 -6.86
C PHE A 50 -21.07 31.21 -5.98
N GLU A 51 -20.27 30.98 -4.93
CA GLU A 51 -19.89 32.03 -3.99
C GLU A 51 -18.37 32.09 -3.94
N THR A 52 -17.82 33.29 -4.09
CA THR A 52 -16.38 33.48 -4.21
C THR A 52 -15.88 34.48 -3.20
N GLY A 53 -14.62 34.33 -2.82
CA GLY A 53 -13.93 35.28 -1.98
C GLY A 53 -13.92 34.96 -0.50
N ARG A 54 -14.83 34.09 -0.04
CA ARG A 54 -14.88 33.77 1.39
C ARG A 54 -13.77 32.82 1.81
N LEU A 55 -13.36 31.91 0.93
CA LEU A 55 -12.35 30.92 1.24
C LEU A 55 -11.23 30.99 0.21
N ALA A 56 -10.06 30.48 0.59
CA ALA A 56 -8.92 30.32 -0.30
C ALA A 56 -8.54 31.65 -0.96
N LEU A 57 -8.21 32.62 -0.12
CA LEU A 57 -7.96 33.98 -0.61
C LEU A 57 -6.73 34.05 -1.51
N GLN A 58 -5.68 33.30 -1.17
CA GLN A 58 -4.40 33.46 -1.85
C GLN A 58 -4.41 32.84 -3.24
N ALA A 59 -5.09 31.72 -3.42
CA ALA A 59 -5.13 31.07 -4.72
C ALA A 59 -5.84 31.96 -5.73
N ALA A 60 -5.34 31.94 -6.97
CA ALA A 60 -5.88 32.79 -8.04
C ALA A 60 -7.20 32.19 -8.51
N GLY A 61 -8.25 32.48 -7.77
CA GLY A 61 -9.58 31.95 -8.06
C GLY A 61 -10.02 30.96 -7.01
N ALA A 62 -11.12 31.26 -6.32
CA ALA A 62 -11.53 30.46 -5.17
C ALA A 62 -13.05 30.25 -5.18
N VAL A 63 -13.61 29.93 -6.34
CA VAL A 63 -15.06 29.74 -6.41
C VAL A 63 -15.45 28.45 -5.71
N VAL A 64 -16.59 28.48 -5.03
CA VAL A 64 -17.19 27.28 -4.47
C VAL A 64 -18.49 27.00 -5.22
N ALA A 65 -19.10 25.86 -4.92
CA ALA A 65 -20.31 25.44 -5.61
C ALA A 65 -21.34 24.93 -4.61
N TYR A 66 -22.60 25.08 -4.98
CA TYR A 66 -23.72 24.62 -4.17
C TYR A 66 -24.77 23.98 -5.07
N LEU A 67 -25.24 22.79 -4.69
CA LEU A 67 -26.38 22.15 -5.33
C LEU A 67 -27.37 21.79 -4.24
N ASP A 68 -28.60 22.30 -4.34
CA ASP A 68 -29.68 22.02 -3.40
C ASP A 68 -29.39 22.58 -2.02
N ASP A 69 -28.21 23.18 -1.82
CA ASP A 69 -27.66 23.67 -0.56
C ASP A 69 -27.21 22.55 0.37
N ASP A 70 -27.10 21.33 -0.15
CA ASP A 70 -26.51 20.22 0.59
C ASP A 70 -25.29 19.64 -0.11
N ASN A 71 -24.75 20.33 -1.12
CA ASN A 71 -23.55 19.91 -1.82
C ASN A 71 -22.58 21.09 -1.85
N MET A 72 -21.30 20.81 -1.59
CA MET A 72 -20.30 21.86 -1.48
C MET A 72 -18.96 21.33 -1.97
N LEU A 73 -18.45 21.91 -3.06
CA LEU A 73 -17.09 21.67 -3.51
C LEU A 73 -16.38 23.00 -3.70
N LEU A 74 -15.09 23.02 -3.40
CA LEU A 74 -14.27 24.22 -3.55
C LEU A 74 -13.23 23.99 -4.63
N SER A 75 -13.09 24.95 -5.53
CA SER A 75 -12.15 24.85 -6.64
C SER A 75 -11.12 25.96 -6.54
N ALA A 76 -9.90 25.68 -6.99
CA ALA A 76 -8.82 26.66 -6.93
C ALA A 76 -7.78 26.32 -7.98
N THR A 77 -7.35 27.34 -8.72
CA THR A 77 -6.27 27.22 -9.69
C THR A 77 -5.16 28.18 -9.32
N THR A 78 -3.93 27.69 -9.29
CA THR A 78 -2.78 28.49 -8.91
C THR A 78 -1.75 28.43 -10.02
N ALA A 79 -1.26 29.61 -10.41
CA ALA A 79 -0.29 29.73 -11.50
C ALA A 79 1.11 29.85 -10.93
N SER A 80 2.04 29.07 -11.47
CA SER A 80 3.44 29.14 -11.06
C SER A 80 4.09 30.36 -11.72
N LYS A 81 4.63 31.26 -10.89
CA LYS A 81 5.22 32.49 -11.42
C LYS A 81 6.42 32.19 -12.31
N ASN A 82 7.27 31.25 -11.89
CA ASN A 82 8.47 30.93 -12.66
C ASN A 82 8.10 30.08 -13.87
N PRO A 83 8.38 30.52 -15.08
CA PRO A 83 8.08 29.70 -16.26
C PRO A 83 9.01 28.49 -16.33
N LYS A 84 8.52 27.46 -17.03
CA LYS A 84 9.25 26.21 -17.21
C LYS A 84 9.85 26.16 -18.60
N GLU A 85 11.11 25.74 -18.68
CA GLU A 85 11.85 25.71 -19.95
C GLU A 85 11.89 24.31 -20.58
N HIS A 86 12.34 23.31 -19.83
CA HIS A 86 12.51 21.97 -20.39
C HIS A 86 11.20 21.36 -20.86
N PHE A 87 10.07 21.80 -20.30
CA PHE A 87 8.79 21.35 -20.79
C PHE A 87 8.52 21.89 -22.19
N ASP A 88 7.82 21.08 -23.00
CA ASP A 88 7.42 21.49 -24.33
C ASP A 88 5.92 21.38 -24.58
N PHE A 89 5.18 20.68 -23.73
CA PHE A 89 3.74 20.55 -23.83
C PHE A 89 3.09 21.47 -22.80
N PHE A 90 1.76 21.35 -22.65
CA PHE A 90 1.04 22.09 -21.62
C PHE A 90 1.00 21.23 -20.37
N PRO A 91 1.66 21.64 -19.27
CA PRO A 91 1.68 20.84 -18.04
C PRO A 91 0.50 21.11 -17.11
N LEU A 92 -0.71 21.06 -17.66
CA LEU A 92 -1.92 21.21 -16.87
C LEU A 92 -2.18 19.90 -16.14
N THR A 93 -2.08 19.92 -14.81
CA THR A 93 -2.27 18.74 -13.97
C THR A 93 -3.44 19.01 -13.03
N VAL A 94 -4.58 18.41 -13.31
CA VAL A 94 -5.76 18.53 -12.48
C VAL A 94 -5.82 17.35 -11.53
N ASP A 95 -6.50 17.54 -10.40
CA ASP A 95 -6.61 16.50 -9.38
C ASP A 95 -7.76 16.84 -8.46
N VAL A 96 -8.48 15.81 -8.01
CA VAL A 96 -9.61 15.97 -7.10
C VAL A 96 -9.26 15.29 -5.78
N GLU A 97 -9.24 16.09 -4.71
CA GLU A 97 -9.02 15.56 -3.37
C GLU A 97 -10.37 15.08 -2.85
N GLU A 98 -10.74 13.87 -3.23
CA GLU A 98 -12.03 13.30 -2.85
C GLU A 98 -11.95 12.91 -1.37
N ARG A 99 -12.12 13.91 -0.52
CA ARG A 99 -12.02 13.70 0.92
C ARG A 99 -13.17 12.84 1.42
N MET A 100 -12.85 11.90 2.32
CA MET A 100 -13.81 10.92 2.80
C MET A 100 -14.82 11.50 3.78
N TYR A 101 -14.57 12.68 4.33
CA TYR A 101 -15.44 13.22 5.37
C TYR A 101 -16.61 14.02 4.83
N ALA A 102 -16.79 14.07 3.52
CA ALA A 102 -17.97 14.74 2.97
C ALA A 102 -19.24 14.03 3.38
N ALA A 103 -19.24 12.71 3.34
CA ALA A 103 -20.29 11.90 3.96
C ALA A 103 -19.88 11.52 5.37
N GLY A 104 -20.87 11.21 6.19
CA GLY A 104 -20.61 10.94 7.59
C GLY A 104 -20.02 9.57 7.85
N ARG A 105 -18.76 9.37 7.46
CA ARG A 105 -18.13 8.08 7.63
C ARG A 105 -16.62 8.25 7.76
N ILE A 106 -15.97 7.20 8.24
CA ILE A 106 -14.53 7.20 8.48
C ILE A 106 -13.89 6.19 7.53
N PRO A 107 -12.73 6.47 6.95
CA PRO A 107 -12.12 5.51 6.02
C PRO A 107 -11.88 4.17 6.70
N GLY A 108 -12.11 3.10 5.95
CA GLY A 108 -11.94 1.74 6.42
C GLY A 108 -10.55 1.16 6.22
N SER A 109 -9.59 1.98 5.82
CA SER A 109 -8.25 1.50 5.56
C SER A 109 -7.54 1.14 6.86
N PHE A 110 -6.42 0.45 6.72
CA PHE A 110 -5.58 0.09 7.87
C PHE A 110 -4.94 1.30 8.53
N PHE A 111 -4.96 2.46 7.88
CA PHE A 111 -4.32 3.66 8.40
C PHE A 111 -5.31 4.77 8.75
N ARG A 112 -6.60 4.57 8.47
CA ARG A 112 -7.65 5.55 8.76
C ARG A 112 -7.32 6.90 8.13
N ARG A 113 -7.18 6.89 6.81
CA ARG A 113 -6.83 8.06 6.04
C ARG A 113 -7.08 7.77 4.58
N GLU A 114 -7.62 8.75 3.86
CA GLU A 114 -7.81 8.60 2.43
C GLU A 114 -6.47 8.39 1.75
N GLY A 115 -6.39 7.37 0.92
CA GLY A 115 -5.17 6.99 0.24
C GLY A 115 -5.08 7.60 -1.14
N ARG A 116 -4.51 6.84 -2.07
CA ARG A 116 -4.50 7.27 -3.46
C ARG A 116 -5.93 7.38 -3.96
N PRO A 117 -6.25 8.39 -4.77
CA PRO A 117 -7.63 8.55 -5.25
C PRO A 117 -8.13 7.29 -5.96
N SER A 118 -9.39 6.95 -5.69
CA SER A 118 -9.95 5.69 -6.15
C SER A 118 -10.27 5.76 -7.63
N THR A 119 -10.92 4.72 -8.15
CA THR A 119 -11.24 4.66 -9.57
C THR A 119 -12.17 5.79 -9.98
N ASP A 120 -13.22 6.04 -9.18
CA ASP A 120 -14.16 7.10 -9.51
C ASP A 120 -13.49 8.47 -9.48
N ALA A 121 -12.57 8.68 -8.55
CA ALA A 121 -11.85 9.95 -8.50
C ALA A 121 -11.03 10.16 -9.76
N ILE A 122 -10.33 9.13 -10.23
CA ILE A 122 -9.54 9.26 -11.45
C ILE A 122 -10.45 9.46 -12.66
N LEU A 123 -11.60 8.78 -12.68
CA LEU A 123 -12.55 8.99 -13.77
C LEU A 123 -13.04 10.42 -13.81
N THR A 124 -13.38 10.99 -12.64
CA THR A 124 -13.79 12.39 -12.60
C THR A 124 -12.63 13.31 -12.98
N CYS A 125 -11.40 12.94 -12.62
CA CYS A 125 -10.23 13.71 -13.00
C CYS A 125 -10.08 13.78 -14.52
N ARG A 126 -10.23 12.65 -15.20
CA ARG A 126 -10.21 12.66 -16.65
C ARG A 126 -11.41 13.40 -17.22
N LEU A 127 -12.56 13.33 -16.53
CA LEU A 127 -13.75 14.03 -16.98
C LEU A 127 -13.53 15.54 -16.98
N ILE A 128 -12.88 16.07 -15.95
CA ILE A 128 -12.65 17.51 -15.87
C ILE A 128 -11.50 17.94 -16.77
N ASP A 129 -10.46 17.11 -16.88
CA ASP A 129 -9.27 17.53 -17.61
C ASP A 129 -9.53 17.60 -19.11
N ARG A 130 -10.39 16.71 -19.64
CA ARG A 130 -10.52 16.59 -21.09
C ARG A 130 -11.01 17.86 -21.76
N PRO A 131 -12.15 18.47 -21.38
CA PRO A 131 -12.61 19.66 -22.11
C PRO A 131 -12.01 20.95 -21.56
N LEU A 132 -10.74 20.92 -21.24
CA LEU A 132 -10.06 22.14 -20.79
C LEU A 132 -8.78 22.41 -21.57
N ARG A 133 -8.04 21.37 -21.96
CA ARG A 133 -6.79 21.57 -22.68
C ARG A 133 -6.99 22.28 -24.01
N PRO A 134 -7.93 21.89 -24.89
CA PRO A 134 -8.09 22.63 -26.15
C PRO A 134 -8.46 24.08 -25.96
N SER A 135 -9.23 24.42 -24.92
CA SER A 135 -9.64 25.81 -24.68
C SER A 135 -8.60 26.56 -23.86
N PHE A 136 -7.35 26.52 -24.31
CA PHE A 136 -6.27 27.26 -23.67
C PHE A 136 -5.41 27.88 -24.77
N VAL A 137 -4.76 29.01 -24.42
CA VAL A 137 -3.87 29.66 -25.37
C VAL A 137 -2.73 28.71 -25.72
N ASP A 138 -2.43 28.61 -27.01
CA ASP A 138 -1.45 27.64 -27.48
C ASP A 138 -0.07 27.93 -26.89
N GLY A 139 0.65 26.86 -26.59
CA GLY A 139 2.03 26.97 -26.12
C GLY A 139 2.22 27.62 -24.77
N LEU A 140 1.39 27.28 -23.78
CA LEU A 140 1.57 27.77 -22.43
C LEU A 140 2.49 26.83 -21.66
N ARG A 141 3.40 27.41 -20.88
CA ARG A 141 4.45 26.64 -20.24
C ARG A 141 4.42 26.66 -18.72
N ASN A 142 3.99 27.75 -18.10
CA ASN A 142 3.96 27.83 -16.65
C ASN A 142 2.98 26.82 -16.09
N GLU A 143 3.42 26.06 -15.09
CA GLU A 143 2.60 24.98 -14.54
C GLU A 143 1.31 25.55 -13.96
N ILE A 144 0.19 24.90 -14.31
CA ILE A 144 -1.13 25.29 -13.85
C ILE A 144 -1.83 24.05 -13.32
N GLN A 145 -2.32 24.11 -12.09
CA GLN A 145 -3.01 22.99 -11.47
C GLN A 145 -4.35 23.44 -10.92
N ILE A 146 -5.37 22.61 -11.14
CA ILE A 146 -6.72 22.84 -10.65
C ILE A 146 -7.02 21.79 -9.60
N VAL A 147 -7.43 22.23 -8.41
CA VAL A 147 -7.76 21.34 -7.31
C VAL A 147 -9.23 21.50 -6.99
N VAL A 148 -9.95 20.37 -6.93
CA VAL A 148 -11.37 20.34 -6.63
C VAL A 148 -11.56 19.41 -5.45
N THR A 149 -11.75 19.98 -4.26
CA THR A 149 -11.89 19.21 -3.03
C THR A 149 -13.37 19.07 -2.70
N ILE A 150 -13.76 17.86 -2.30
CA ILE A 150 -15.16 17.57 -1.98
C ILE A 150 -15.36 17.83 -0.49
N LEU A 151 -16.47 18.48 -0.14
CA LEU A 151 -16.76 18.81 1.25
C LEU A 151 -18.06 18.22 1.77
N SER A 152 -19.05 17.99 0.92
CA SER A 152 -20.34 17.47 1.37
C SER A 152 -21.09 16.91 0.18
N LEU A 153 -21.54 15.65 0.30
CA LEU A 153 -22.22 14.95 -0.79
C LEU A 153 -23.45 14.25 -0.23
N ASP A 154 -24.63 14.74 -0.59
CA ASP A 154 -25.86 14.06 -0.21
C ASP A 154 -25.92 12.70 -0.89
N PRO A 155 -26.52 11.70 -0.23
CA PRO A 155 -26.65 10.38 -0.86
C PRO A 155 -27.53 10.45 -2.09
N GLY A 156 -27.16 9.66 -3.10
CA GLY A 156 -27.90 9.60 -4.34
C GLY A 156 -27.52 10.64 -5.38
N ASP A 157 -26.55 11.51 -5.10
CA ASP A 157 -26.10 12.52 -6.04
C ASP A 157 -24.68 12.21 -6.50
N LEU A 158 -24.33 12.73 -7.67
CA LEU A 158 -23.03 12.52 -8.28
C LEU A 158 -22.28 13.84 -8.38
N TYR A 159 -21.02 13.83 -7.96
CA TYR A 159 -20.19 15.03 -7.90
C TYR A 159 -19.37 15.24 -9.18
N ASP A 160 -20.01 15.14 -10.33
CA ASP A 160 -19.32 15.27 -11.61
C ASP A 160 -19.55 16.62 -12.27
N VAL A 161 -20.81 16.99 -12.52
CA VAL A 161 -21.11 18.15 -13.35
C VAL A 161 -20.78 19.44 -12.63
N LEU A 162 -21.23 19.60 -11.39
CA LEU A 162 -20.95 20.83 -10.68
C LEU A 162 -19.46 20.95 -10.37
N ALA A 163 -18.74 19.83 -10.32
CA ALA A 163 -17.29 19.89 -10.14
C ALA A 163 -16.62 20.56 -11.33
N ILE A 164 -16.93 20.11 -12.54
CA ILE A 164 -16.31 20.71 -13.72
C ILE A 164 -16.78 22.16 -13.89
N ASN A 165 -18.04 22.44 -13.56
CA ASN A 165 -18.51 23.83 -13.60
C ASN A 165 -17.71 24.71 -12.64
N ALA A 166 -17.47 24.21 -11.41
CA ALA A 166 -16.72 24.97 -10.44
C ALA A 166 -15.28 25.17 -10.89
N ALA A 167 -14.67 24.15 -11.48
CA ALA A 167 -13.31 24.30 -11.98
C ALA A 167 -13.24 25.33 -13.10
N SER A 168 -14.22 25.33 -13.99
CA SER A 168 -14.27 26.36 -15.04
C SER A 168 -14.37 27.74 -14.43
N ALA A 169 -15.26 27.92 -13.45
CA ALA A 169 -15.37 29.22 -12.79
C ALA A 169 -14.06 29.61 -12.12
N SER A 170 -13.37 28.64 -11.52
CA SER A 170 -12.13 28.93 -10.82
C SER A 170 -11.05 29.41 -11.79
N THR A 171 -10.85 28.68 -12.89
CA THR A 171 -9.85 29.11 -13.85
C THR A 171 -10.26 30.40 -14.55
N GLN A 172 -11.56 30.70 -14.62
CA GLN A 172 -12.00 31.97 -15.18
C GLN A 172 -11.68 33.14 -14.25
N LEU A 173 -11.93 32.97 -12.94
CA LEU A 173 -11.80 34.09 -12.01
C LEU A 173 -10.35 34.50 -11.80
N GLY A 174 -9.40 33.58 -12.00
CA GLY A 174 -8.02 33.83 -11.61
C GLY A 174 -7.25 34.73 -12.56
N GLY A 175 -7.83 35.08 -13.70
CA GLY A 175 -7.12 35.89 -14.68
C GLY A 175 -6.20 35.11 -15.60
N LEU A 176 -6.25 33.78 -15.53
CA LEU A 176 -5.46 32.96 -16.44
C LEU A 176 -5.97 33.14 -17.88
N PRO A 177 -5.08 32.99 -18.87
CA PRO A 177 -5.56 33.04 -20.26
C PRO A 177 -6.50 31.89 -20.56
N PHE A 178 -7.78 32.20 -20.71
CA PHE A 178 -8.80 31.18 -20.86
C PHE A 178 -9.83 31.67 -21.86
N SER A 179 -10.28 30.78 -22.74
CA SER A 179 -11.21 31.16 -23.82
C SER A 179 -12.66 31.00 -23.37
N GLY A 180 -12.99 31.68 -22.28
CA GLY A 180 -14.34 31.71 -21.78
C GLY A 180 -14.67 30.51 -20.90
N PRO A 181 -15.65 30.67 -20.01
CA PRO A 181 -16.05 29.57 -19.14
C PRO A 181 -16.76 28.47 -19.90
N ILE A 182 -16.74 27.28 -19.32
CA ILE A 182 -17.42 26.12 -19.89
C ILE A 182 -18.39 25.57 -18.85
N GLY A 183 -19.61 25.25 -19.28
CA GLY A 183 -20.60 24.66 -18.43
C GLY A 183 -20.68 23.15 -18.60
N GLY A 184 -21.28 22.49 -17.62
CA GLY A 184 -21.44 21.06 -17.67
C GLY A 184 -22.70 20.57 -16.97
N VAL A 185 -23.54 19.82 -17.68
CA VAL A 185 -24.78 19.31 -17.12
C VAL A 185 -24.90 17.83 -17.46
N ARG A 186 -25.70 17.12 -16.68
CA ARG A 186 -26.10 15.75 -17.00
C ARG A 186 -27.56 15.74 -17.42
N VAL A 187 -27.84 15.05 -18.51
CA VAL A 187 -29.21 14.83 -18.95
C VAL A 187 -29.49 13.33 -18.94
N ALA A 188 -30.77 12.99 -18.86
CA ALA A 188 -31.18 11.60 -18.76
C ALA A 188 -32.55 11.43 -19.39
N LEU A 189 -32.66 10.51 -20.35
CA LEU A 189 -33.95 10.18 -20.94
C LEU A 189 -34.77 9.39 -19.93
N ILE A 190 -35.63 10.08 -19.20
CA ILE A 190 -36.54 9.45 -18.24
C ILE A 190 -37.95 9.61 -18.77
N ASP A 191 -38.53 8.49 -19.22
CA ASP A 191 -39.91 8.46 -19.72
C ASP A 191 -40.14 9.50 -20.82
N GLY A 192 -39.19 9.56 -21.76
CA GLY A 192 -39.32 10.48 -22.87
C GLY A 192 -38.99 11.92 -22.57
N THR A 193 -38.46 12.21 -21.37
CA THR A 193 -38.12 13.57 -20.97
C THR A 193 -36.68 13.59 -20.49
N TRP A 194 -36.08 14.79 -20.57
CA TRP A 194 -34.71 15.00 -20.11
C TRP A 194 -34.73 15.86 -18.85
N VAL A 195 -33.90 15.49 -17.88
CA VAL A 195 -33.79 16.22 -16.62
C VAL A 195 -32.33 16.53 -16.36
N GLY A 196 -32.07 17.70 -15.79
CA GLY A 196 -30.72 18.14 -15.48
C GLY A 196 -30.35 17.86 -14.04
N PHE A 197 -29.09 17.48 -13.84
CA PHE A 197 -28.56 17.13 -12.53
C PHE A 197 -29.45 16.12 -11.80
N PRO A 198 -29.71 14.96 -12.37
CA PRO A 198 -30.59 14.00 -11.72
C PRO A 198 -29.90 13.29 -10.56
N THR A 199 -30.72 12.75 -9.66
CA THR A 199 -30.24 11.93 -8.57
C THR A 199 -30.36 10.46 -8.98
N VAL A 200 -29.87 9.58 -8.10
CA VAL A 200 -29.78 8.16 -8.45
C VAL A 200 -31.15 7.57 -8.73
N ASP A 201 -32.22 8.12 -8.12
CA ASP A 201 -33.55 7.55 -8.31
C ASP A 201 -34.02 7.67 -9.76
N GLN A 202 -33.96 8.88 -10.32
CA GLN A 202 -34.37 9.03 -11.72
C GLN A 202 -33.35 8.38 -12.64
N ILE A 203 -32.10 8.28 -12.22
CA ILE A 203 -31.10 7.58 -13.02
C ILE A 203 -31.50 6.12 -13.20
N GLU A 204 -31.93 5.47 -12.12
CA GLU A 204 -32.50 4.13 -12.26
C GLU A 204 -33.77 4.16 -13.09
N ARG A 205 -34.62 5.17 -12.87
CA ARG A 205 -35.86 5.27 -13.65
C ARG A 205 -35.57 5.55 -15.12
N ALA A 206 -34.57 6.39 -15.41
CA ALA A 206 -34.23 6.70 -16.78
C ALA A 206 -33.54 5.50 -17.44
N VAL A 207 -33.33 5.63 -18.75
CA VAL A 207 -32.72 4.56 -19.54
C VAL A 207 -31.39 4.97 -20.15
N PHE A 208 -31.02 6.24 -20.09
CA PHE A 208 -29.84 6.70 -20.82
C PHE A 208 -29.39 8.02 -20.22
N ASP A 209 -28.17 8.06 -19.70
CA ASP A 209 -27.62 9.28 -19.12
C ASP A 209 -26.33 9.65 -19.84
N MET A 210 -26.08 10.96 -19.91
CA MET A 210 -24.83 11.45 -20.48
C MET A 210 -24.45 12.74 -19.77
N VAL A 211 -23.15 13.04 -19.75
CA VAL A 211 -22.64 14.33 -19.33
C VAL A 211 -22.33 15.14 -20.57
N VAL A 212 -22.61 16.43 -20.53
CA VAL A 212 -22.37 17.32 -21.66
C VAL A 212 -21.68 18.57 -21.14
N ALA A 213 -20.49 18.85 -21.68
CA ALA A 213 -19.73 20.04 -21.35
C ALA A 213 -19.56 20.88 -22.60
N GLY A 214 -19.90 22.16 -22.52
CA GLY A 214 -19.83 23.02 -23.68
C GLY A 214 -19.62 24.48 -23.29
N ARG A 215 -19.36 25.28 -24.31
CA ARG A 215 -19.14 26.71 -24.16
C ARG A 215 -19.95 27.45 -25.21
N ILE A 216 -20.48 28.61 -24.85
CA ILE A 216 -21.22 29.44 -25.79
C ILE A 216 -20.26 30.46 -26.40
N VAL A 217 -20.24 30.53 -27.72
CA VAL A 217 -19.44 31.50 -28.44
C VAL A 217 -20.31 32.17 -29.51
N GLU A 218 -20.19 33.49 -29.63
CA GLU A 218 -20.92 34.27 -30.61
C GLU A 218 -22.43 34.04 -30.51
N GLY A 219 -22.92 33.89 -29.29
CA GLY A 219 -24.33 33.73 -29.04
C GLY A 219 -24.87 32.34 -29.23
N ASP A 220 -24.04 31.37 -29.59
CA ASP A 220 -24.49 30.00 -29.79
C ASP A 220 -23.57 29.06 -29.01
N VAL A 221 -24.16 28.06 -28.37
CA VAL A 221 -23.39 27.10 -27.58
C VAL A 221 -22.80 26.04 -28.50
N ALA A 222 -21.56 25.67 -28.24
CA ALA A 222 -20.85 24.63 -28.97
C ALA A 222 -20.56 23.48 -28.02
N ILE A 223 -20.90 22.26 -28.44
CA ILE A 223 -20.73 21.09 -27.60
C ILE A 223 -19.25 20.74 -27.57
N MET A 224 -18.57 21.12 -26.50
CA MET A 224 -17.15 20.82 -26.38
C MET A 224 -16.91 19.33 -26.18
N MET A 225 -17.77 18.67 -25.40
CA MET A 225 -17.50 17.29 -25.01
C MET A 225 -18.77 16.67 -24.46
N VAL A 226 -18.92 15.37 -24.72
CA VAL A 226 -20.03 14.58 -24.18
C VAL A 226 -19.54 13.16 -23.92
N GLU A 227 -19.90 12.63 -22.76
CA GLU A 227 -19.57 11.26 -22.37
C GLU A 227 -20.87 10.56 -21.99
N ALA A 228 -21.25 9.55 -22.77
CA ALA A 228 -22.57 8.95 -22.66
C ALA A 228 -22.55 7.75 -21.70
N GLU A 229 -23.65 7.00 -21.69
CA GLU A 229 -23.91 5.91 -20.76
C GLU A 229 -25.19 5.18 -21.14
N ALA A 230 -25.29 3.95 -20.65
CA ALA A 230 -26.50 3.17 -20.66
C ALA A 230 -26.65 2.55 -19.28
N THR A 231 -27.84 2.68 -18.69
CA THR A 231 -28.05 2.29 -17.31
C THR A 231 -28.10 0.77 -17.19
N GLU A 232 -28.30 0.27 -15.98
CA GLU A 232 -28.29 -1.15 -15.70
C GLU A 232 -29.63 -1.83 -15.97
N ASN A 233 -30.63 -1.08 -16.41
CA ASN A 233 -31.95 -1.66 -16.68
C ASN A 233 -32.51 -1.15 -18.00
N VAL A 234 -31.64 -0.69 -18.91
CA VAL A 234 -32.12 -0.15 -20.18
C VAL A 234 -32.81 -1.22 -21.00
N VAL A 235 -32.31 -2.46 -20.96
CA VAL A 235 -32.94 -3.54 -21.70
C VAL A 235 -34.34 -3.83 -21.14
N GLU A 236 -34.48 -3.82 -19.82
CA GLU A 236 -35.77 -4.09 -19.22
C GLU A 236 -36.79 -3.00 -19.56
N LEU A 237 -36.37 -1.73 -19.51
CA LEU A 237 -37.27 -0.64 -19.87
C LEU A 237 -37.64 -0.69 -21.35
N VAL A 238 -36.67 -0.99 -22.21
CA VAL A 238 -36.96 -1.08 -23.64
C VAL A 238 -37.96 -2.20 -23.90
N GLU A 239 -37.73 -3.36 -23.28
CA GLU A 239 -38.72 -4.44 -23.34
C GLU A 239 -40.00 -4.05 -22.62
N GLY A 240 -39.89 -3.35 -21.50
CA GLY A 240 -41.03 -2.94 -20.71
C GLY A 240 -41.75 -1.70 -21.20
N GLY A 241 -41.29 -1.11 -22.29
CA GLY A 241 -41.94 0.05 -22.86
C GLY A 241 -41.11 1.32 -22.75
N ALA A 242 -40.45 1.68 -23.84
CA ALA A 242 -39.62 2.88 -23.94
C ALA A 242 -39.21 3.03 -25.39
N GLN A 243 -38.37 4.03 -25.65
CA GLN A 243 -37.80 4.26 -26.97
C GLN A 243 -36.36 3.77 -26.98
N ALA A 244 -35.99 3.04 -28.02
CA ALA A 244 -34.63 2.53 -28.12
C ALA A 244 -33.67 3.67 -28.39
N PRO A 245 -32.66 3.89 -27.54
CA PRO A 245 -31.71 4.99 -27.77
C PRO A 245 -30.99 4.83 -29.11
N THR A 246 -31.13 5.85 -29.96
CA THR A 246 -30.53 5.84 -31.28
C THR A 246 -30.03 7.25 -31.58
N GLU A 247 -29.72 7.52 -32.85
CA GLU A 247 -29.18 8.82 -33.22
C GLU A 247 -30.18 9.94 -32.96
N SER A 248 -31.47 9.69 -33.21
CA SER A 248 -32.48 10.72 -33.01
C SER A 248 -32.54 11.15 -31.54
N VAL A 249 -32.53 10.18 -30.63
CA VAL A 249 -32.69 10.53 -29.22
C VAL A 249 -31.45 11.20 -28.67
N VAL A 250 -30.25 10.83 -29.14
CA VAL A 250 -29.05 11.50 -28.65
C VAL A 250 -28.98 12.92 -29.20
N ALA A 251 -29.42 13.12 -30.45
CA ALA A 251 -29.51 14.48 -30.97
C ALA A 251 -30.50 15.31 -30.14
N ALA A 252 -31.64 14.72 -29.79
CA ALA A 252 -32.61 15.42 -28.95
C ALA A 252 -32.03 15.71 -27.58
N GLY A 253 -31.23 14.79 -27.04
CA GLY A 253 -30.59 15.03 -25.75
C GLY A 253 -29.59 16.17 -25.79
N LEU A 254 -28.81 16.25 -26.87
CA LEU A 254 -27.90 17.38 -27.05
C LEU A 254 -28.69 18.69 -27.13
N GLU A 255 -29.80 18.67 -27.89
CA GLU A 255 -30.64 19.87 -27.99
C GLU A 255 -31.20 20.27 -26.63
N ALA A 256 -31.61 19.30 -25.82
CA ALA A 256 -32.16 19.60 -24.50
C ALA A 256 -31.07 20.05 -23.54
N ALA A 257 -29.84 19.57 -23.72
CA ALA A 257 -28.73 19.98 -22.87
C ALA A 257 -28.23 21.37 -23.21
N LYS A 258 -28.47 21.84 -24.43
CA LYS A 258 -28.00 23.18 -24.80
C LYS A 258 -28.50 24.29 -23.89
N PRO A 259 -29.80 24.41 -23.58
CA PRO A 259 -30.24 25.54 -22.72
C PRO A 259 -29.64 25.52 -21.32
N PHE A 260 -29.46 24.34 -20.73
CA PHE A 260 -28.85 24.27 -19.41
C PHE A 260 -27.41 24.80 -19.44
N ILE A 261 -26.65 24.41 -20.46
CA ILE A 261 -25.30 24.91 -20.62
C ILE A 261 -25.31 26.41 -20.82
N ALA A 262 -26.27 26.92 -21.60
CA ALA A 262 -26.37 28.36 -21.82
C ALA A 262 -26.60 29.08 -20.50
N ALA A 263 -27.52 28.59 -19.68
CA ALA A 263 -27.79 29.21 -18.39
C ALA A 263 -26.57 29.17 -17.48
N LEU A 264 -25.89 28.03 -17.42
CA LEU A 264 -24.72 27.90 -16.57
C LEU A 264 -23.61 28.85 -17.00
N CYS A 265 -23.36 28.94 -18.31
CA CYS A 265 -22.31 29.81 -18.81
C CYS A 265 -22.66 31.28 -18.58
N THR A 266 -23.94 31.64 -18.75
CA THR A 266 -24.33 33.01 -18.46
C THR A 266 -24.12 33.35 -16.99
N ALA A 267 -24.45 32.42 -16.10
CA ALA A 267 -24.21 32.65 -14.67
C ALA A 267 -22.72 32.81 -14.38
N GLN A 268 -21.89 31.97 -15.00
CA GLN A 268 -20.44 32.07 -14.79
C GLN A 268 -19.92 33.41 -15.26
N GLN A 269 -20.37 33.88 -16.43
CA GLN A 269 -19.90 35.16 -16.94
C GLN A 269 -20.41 36.32 -16.08
N GLU A 270 -21.64 36.21 -15.57
CA GLU A 270 -22.15 37.23 -14.66
C GLU A 270 -21.30 37.31 -13.40
N LEU A 271 -20.92 36.16 -12.85
CA LEU A 271 -20.02 36.15 -11.71
C LEU A 271 -18.67 36.78 -12.07
N ALA A 272 -18.13 36.42 -13.23
CA ALA A 272 -16.81 36.89 -13.62
C ALA A 272 -16.79 38.41 -13.77
N ASP A 273 -17.71 38.97 -14.55
CA ASP A 273 -17.71 40.40 -14.78
C ASP A 273 -18.28 41.18 -13.59
N ALA A 274 -18.99 40.51 -12.67
CA ALA A 274 -19.42 41.18 -11.45
C ALA A 274 -18.24 41.57 -10.58
N ALA A 275 -17.22 40.71 -10.49
CA ALA A 275 -16.05 40.96 -9.66
C ALA A 275 -15.13 42.03 -10.24
N GLY A 276 -15.36 42.46 -11.48
CA GLY A 276 -14.47 43.41 -12.13
C GLY A 276 -13.20 42.81 -12.68
N LYS A 277 -13.01 41.50 -12.56
CA LYS A 277 -11.83 40.80 -13.04
C LYS A 277 -12.13 40.16 -14.39
N SER A 278 -11.19 39.35 -14.86
CA SER A 278 -11.30 38.62 -16.13
C SER A 278 -11.42 39.56 -17.33
N GLY A 279 -10.94 40.79 -17.19
CA GLY A 279 -10.92 41.73 -18.30
C GLY A 279 -9.52 41.89 -18.87
N LYS A 280 -8.85 42.98 -18.50
CA LYS A 280 -7.45 43.15 -18.88
C LYS A 280 -6.57 42.31 -17.97
N PRO A 281 -5.78 41.38 -18.51
CA PRO A 281 -4.90 40.58 -17.65
C PRO A 281 -3.72 41.39 -17.13
N THR A 282 -3.74 41.69 -15.83
CA THR A 282 -2.65 42.45 -15.23
C THR A 282 -1.33 41.70 -15.32
N VAL A 283 -1.37 40.39 -15.08
CA VAL A 283 -0.18 39.53 -15.18
C VAL A 283 -0.17 38.90 -16.57
N ASP A 284 0.92 39.11 -17.30
CA ASP A 284 1.08 38.54 -18.62
C ASP A 284 1.79 37.21 -18.52
N PHE A 285 1.55 36.35 -19.51
CA PHE A 285 2.09 35.00 -19.54
C PHE A 285 2.94 34.83 -20.78
N PRO A 286 4.24 34.51 -20.65
CA PRO A 286 5.09 34.37 -21.84
C PRO A 286 4.78 33.06 -22.57
N VAL A 287 4.46 33.17 -23.85
CA VAL A 287 4.06 32.02 -24.65
C VAL A 287 5.29 31.41 -25.30
N PHE A 288 5.22 30.10 -25.54
CA PHE A 288 6.32 29.34 -26.16
C PHE A 288 5.77 28.60 -27.36
N PRO A 289 5.54 29.30 -28.48
CA PRO A 289 5.11 28.60 -29.70
C PRO A 289 6.20 27.68 -30.20
N ASP A 290 5.78 26.55 -30.79
CA ASP A 290 6.74 25.57 -31.27
C ASP A 290 7.58 26.13 -32.42
N TYR A 291 6.95 26.82 -33.36
CA TYR A 291 7.63 27.36 -34.52
C TYR A 291 7.31 28.84 -34.68
N GLY A 292 8.27 29.59 -35.21
CA GLY A 292 8.04 30.99 -35.50
C GLY A 292 7.33 31.19 -36.83
N GLU A 293 6.77 32.39 -36.97
CA GLU A 293 6.11 32.74 -38.23
C GLU A 293 7.11 32.88 -39.38
N ASP A 294 8.33 33.34 -39.09
CA ASP A 294 9.31 33.52 -40.14
C ASP A 294 9.81 32.18 -40.68
N VAL A 295 10.11 31.23 -39.80
CA VAL A 295 10.53 29.91 -40.26
C VAL A 295 9.37 29.21 -40.97
N TYR A 296 8.14 29.42 -40.48
CA TYR A 296 6.97 28.88 -41.16
C TYR A 296 6.87 29.41 -42.58
N TYR A 297 6.98 30.74 -42.74
CA TYR A 297 6.89 31.33 -44.06
C TYR A 297 7.98 30.80 -44.97
N SER A 298 9.22 30.76 -44.48
CA SER A 298 10.33 30.33 -45.33
C SER A 298 10.14 28.87 -45.75
N VAL A 299 9.83 27.99 -44.80
CA VAL A 299 9.68 26.57 -45.11
C VAL A 299 8.52 26.35 -46.06
N SER A 300 7.39 27.00 -45.83
CA SER A 300 6.23 26.82 -46.70
C SER A 300 6.54 27.34 -48.11
N SER A 301 7.19 28.49 -48.21
CA SER A 301 7.47 29.05 -49.53
C SER A 301 8.52 28.24 -50.28
N VAL A 302 9.44 27.58 -49.56
CA VAL A 302 10.48 26.82 -50.23
C VAL A 302 10.06 25.38 -50.54
N ALA A 303 9.07 24.83 -49.82
CA ALA A 303 8.70 23.43 -50.02
C ALA A 303 7.19 23.28 -50.07
N THR A 304 6.49 24.25 -50.65
CA THR A 304 5.02 24.20 -50.67
C THR A 304 4.49 23.24 -51.73
N ASP A 305 5.14 23.18 -52.90
CA ASP A 305 4.53 22.56 -54.07
C ASP A 305 5.08 21.16 -54.39
N GLU A 306 6.39 20.94 -54.26
CA GLU A 306 6.92 19.63 -54.61
C GLU A 306 6.44 18.55 -53.65
N LEU A 307 6.30 18.87 -52.37
CA LEU A 307 5.78 17.90 -51.40
C LEU A 307 4.33 17.54 -51.73
N ALA A 308 3.52 18.54 -52.07
CA ALA A 308 2.14 18.27 -52.45
C ALA A 308 2.06 17.44 -53.71
N ALA A 309 2.92 17.73 -54.70
CA ALA A 309 2.92 16.96 -55.94
C ALA A 309 3.33 15.51 -55.68
N ALA A 310 4.33 15.30 -54.82
CA ALA A 310 4.75 13.94 -54.49
C ALA A 310 3.68 13.21 -53.70
N LEU A 311 2.93 13.93 -52.87
CA LEU A 311 1.84 13.31 -52.11
C LEU A 311 0.66 12.94 -53.00
N THR A 312 0.36 13.76 -54.01
CA THR A 312 -0.86 13.56 -54.78
C THR A 312 -0.85 12.29 -55.61
N ILE A 313 0.32 11.71 -55.90
CA ILE A 313 0.35 10.49 -56.69
C ILE A 313 -0.18 9.31 -55.88
N GLY A 314 0.20 9.22 -54.60
CA GLY A 314 -0.23 8.14 -53.75
C GLY A 314 0.16 6.76 -54.27
N GLY A 315 1.46 6.48 -54.30
CA GLY A 315 1.91 5.19 -54.80
C GLY A 315 1.50 4.02 -53.93
N LYS A 316 1.28 4.27 -52.64
CA LYS A 316 0.78 3.30 -51.67
C LYS A 316 1.84 2.25 -51.33
N ALA A 317 2.97 2.29 -52.02
CA ALA A 317 4.09 1.39 -51.74
C ALA A 317 5.36 2.14 -51.35
N GLU A 318 5.79 3.09 -52.16
CA GLU A 318 6.98 3.88 -51.90
C GLU A 318 6.68 5.37 -51.69
N ARG A 319 5.40 5.74 -51.62
CA ARG A 319 5.07 7.14 -51.35
C ARG A 319 5.59 7.57 -49.98
N ASP A 320 5.51 6.69 -49.00
CA ASP A 320 6.04 7.01 -47.67
C ASP A 320 7.54 7.29 -47.73
N GLN A 321 8.30 6.41 -48.40
CA GLN A 321 9.74 6.63 -48.53
C GLN A 321 10.02 7.92 -49.29
N ARG A 322 9.22 8.22 -50.32
CA ARG A 322 9.39 9.47 -51.05
C ARG A 322 9.18 10.67 -50.14
N ILE A 323 8.14 10.63 -49.30
CA ILE A 323 7.90 11.79 -48.44
C ILE A 323 9.01 11.91 -47.40
N ASP A 324 9.51 10.80 -46.86
CA ASP A 324 10.64 10.92 -45.94
C ASP A 324 11.86 11.52 -46.64
N GLU A 325 12.12 11.12 -47.88
CA GLU A 325 13.27 11.69 -48.57
C GLU A 325 13.08 13.17 -48.87
N ILE A 326 11.84 13.62 -49.12
CA ILE A 326 11.62 15.06 -49.26
C ILE A 326 11.87 15.78 -47.94
N LYS A 327 11.40 15.21 -46.83
CA LYS A 327 11.70 15.86 -45.55
C LYS A 327 13.20 15.96 -45.31
N THR A 328 13.93 14.88 -45.58
CA THR A 328 15.38 14.91 -45.39
C THR A 328 16.05 15.93 -46.30
N GLN A 329 15.66 15.96 -47.58
CA GLN A 329 16.27 16.89 -48.51
C GLN A 329 16.00 18.33 -48.09
N VAL A 330 14.76 18.64 -47.71
CA VAL A 330 14.42 20.00 -47.29
C VAL A 330 15.15 20.37 -46.01
N VAL A 331 15.27 19.43 -45.06
CA VAL A 331 15.90 19.78 -43.80
C VAL A 331 17.40 19.99 -43.97
N GLN A 332 18.08 19.18 -44.79
CA GLN A 332 19.46 19.55 -45.11
C GLN A 332 19.55 20.84 -45.89
N ARG A 333 18.58 21.13 -46.75
CA ARG A 333 18.65 22.33 -47.58
C ARG A 333 18.52 23.60 -46.75
N LEU A 334 17.68 23.57 -45.72
CA LEU A 334 17.44 24.75 -44.89
C LEU A 334 17.93 24.58 -43.45
N ALA A 335 18.84 23.63 -43.21
CA ALA A 335 19.52 23.54 -41.93
C ALA A 335 20.87 24.25 -41.92
N ASP A 336 21.49 24.42 -43.10
CA ASP A 336 22.72 25.20 -43.16
C ASP A 336 22.45 26.69 -42.93
N THR A 337 21.27 27.17 -43.34
CA THR A 337 20.96 28.58 -43.20
C THR A 337 20.83 28.98 -41.73
N TYR A 338 20.06 28.22 -40.96
CA TYR A 338 19.84 28.49 -39.54
C TYR A 338 20.48 27.38 -38.72
N GLU A 339 21.31 27.78 -37.76
CA GLU A 339 22.01 26.85 -36.89
C GLU A 339 21.45 26.93 -35.47
N GLY A 340 21.40 25.78 -34.81
CA GLY A 340 20.92 25.71 -33.45
C GLY A 340 19.42 25.61 -33.28
N ARG A 341 18.67 25.46 -34.38
CA ARG A 341 17.22 25.34 -34.34
C ARG A 341 16.82 24.09 -35.13
N GLU A 342 16.29 23.08 -34.44
CA GLU A 342 15.95 21.80 -35.06
C GLU A 342 14.48 21.43 -34.90
N LYS A 343 13.92 21.57 -33.70
CA LYS A 343 12.53 21.16 -33.47
C LYS A 343 11.53 22.03 -34.22
N GLU A 344 11.79 23.34 -34.32
CA GLU A 344 10.83 24.25 -34.93
C GLU A 344 10.60 23.94 -36.41
N VAL A 345 11.66 23.58 -37.14
CA VAL A 345 11.47 23.27 -38.55
C VAL A 345 10.72 21.95 -38.71
N GLY A 346 10.93 21.01 -37.79
CA GLY A 346 10.14 19.79 -37.81
C GLY A 346 8.66 20.06 -37.57
N ALA A 347 8.35 20.93 -36.61
CA ALA A 347 6.97 21.33 -36.40
C ALA A 347 6.41 22.06 -37.62
N ALA A 348 7.26 22.84 -38.30
CA ALA A 348 6.82 23.54 -39.51
C ALA A 348 6.46 22.55 -40.62
N LEU A 349 7.29 21.52 -40.80
CA LEU A 349 6.94 20.48 -41.78
C LEU A 349 5.69 19.75 -41.36
N ARG A 350 5.51 19.52 -40.06
CA ARG A 350 4.26 18.91 -39.58
C ARG A 350 3.06 19.75 -39.97
N ALA A 351 3.15 21.07 -39.76
CA ALA A 351 2.03 21.95 -40.11
C ALA A 351 1.80 21.99 -41.61
N LEU A 352 2.87 21.99 -42.40
CA LEU A 352 2.73 21.94 -43.85
C LEU A 352 1.95 20.70 -44.26
N THR A 353 2.52 19.52 -43.98
CA THR A 353 1.83 18.28 -44.33
C THR A 353 0.43 18.23 -43.74
N LYS A 354 0.22 18.88 -42.59
CA LYS A 354 -1.10 19.05 -42.00
C LYS A 354 -2.06 19.70 -42.99
N LYS A 355 -1.70 20.90 -43.45
CA LYS A 355 -2.59 21.64 -44.34
C LYS A 355 -2.81 20.88 -45.64
N LEU A 356 -1.73 20.30 -46.19
CA LEU A 356 -1.89 19.51 -47.41
C LEU A 356 -2.83 18.33 -47.22
N VAL A 357 -2.72 17.58 -46.11
CA VAL A 357 -3.60 16.42 -46.00
C VAL A 357 -5.04 16.86 -45.80
N ARG A 358 -5.27 17.98 -45.09
CA ARG A 358 -6.66 18.42 -44.95
C ARG A 358 -7.25 18.93 -46.27
N GLN A 359 -6.51 19.72 -47.03
CA GLN A 359 -7.05 20.15 -48.33
C GLN A 359 -7.26 18.95 -49.24
N ARG A 360 -6.35 17.97 -49.19
CA ARG A 360 -6.48 16.78 -50.03
C ARG A 360 -7.70 15.95 -49.63
N ILE A 361 -7.95 15.81 -48.33
CA ILE A 361 -9.09 15.05 -47.83
C ILE A 361 -10.41 15.80 -47.98
N LEU A 362 -10.39 17.12 -48.13
CA LEU A 362 -11.60 17.87 -48.44
C LEU A 362 -11.86 18.00 -49.94
N THR A 363 -10.85 17.82 -50.78
CA THR A 363 -11.04 17.91 -52.22
C THR A 363 -11.29 16.56 -52.87
N ASP A 364 -10.44 15.57 -52.60
CA ASP A 364 -10.57 14.27 -53.24
C ASP A 364 -10.76 13.13 -52.25
N HIS A 365 -10.59 13.38 -50.95
CA HIS A 365 -11.02 12.48 -49.87
C HIS A 365 -10.38 11.08 -49.96
N PHE A 366 -9.06 11.06 -49.79
CA PHE A 366 -8.33 9.80 -49.67
C PHE A 366 -7.85 9.62 -48.24
N ARG A 367 -7.80 8.38 -47.78
CA ARG A 367 -7.24 8.08 -46.48
C ARG A 367 -5.78 7.64 -46.64
N ILE A 368 -5.06 7.59 -45.50
CA ILE A 368 -3.65 7.23 -45.54
C ILE A 368 -3.47 5.83 -46.12
N ASP A 369 -4.38 4.91 -45.79
CA ASP A 369 -4.37 3.59 -46.43
C ASP A 369 -4.70 3.66 -47.91
N GLY A 370 -5.34 4.74 -48.36
CA GLY A 370 -5.65 4.93 -49.77
C GLY A 370 -7.00 4.41 -50.21
N ARG A 371 -7.75 3.75 -49.34
CA ARG A 371 -9.04 3.19 -49.69
C ARG A 371 -10.15 4.17 -49.35
N GLY A 372 -11.40 3.71 -49.44
CA GLY A 372 -12.56 4.57 -49.28
C GLY A 372 -12.68 5.14 -47.88
N ILE A 373 -13.70 5.98 -47.71
CA ILE A 373 -13.94 6.62 -46.43
C ILE A 373 -15.07 5.95 -45.63
N THR A 374 -15.93 5.18 -46.29
CA THR A 374 -17.08 4.56 -45.62
C THR A 374 -16.90 3.07 -45.42
N ASP A 375 -15.67 2.57 -45.45
CA ASP A 375 -15.38 1.15 -45.30
C ASP A 375 -14.43 0.94 -44.15
N ILE A 376 -14.72 -0.07 -43.33
CA ILE A 376 -13.84 -0.43 -42.23
C ILE A 376 -12.61 -1.16 -42.77
N ARG A 377 -11.49 -0.96 -42.11
CA ARG A 377 -10.26 -1.68 -42.44
C ARG A 377 -10.43 -3.16 -42.08
N ALA A 378 -9.69 -4.01 -42.80
CA ALA A 378 -9.78 -5.46 -42.64
C ALA A 378 -9.62 -5.89 -41.19
N LEU A 379 -10.21 -7.02 -40.83
CA LEU A 379 -10.24 -7.45 -39.43
C LEU A 379 -10.34 -8.97 -39.38
N SER A 380 -10.12 -9.51 -38.19
CA SER A 380 -10.25 -10.94 -37.94
C SER A 380 -10.35 -11.16 -36.43
N ALA A 381 -11.11 -12.18 -36.04
CA ALA A 381 -11.33 -12.49 -34.64
C ALA A 381 -11.21 -13.99 -34.43
N GLU A 382 -10.50 -14.39 -33.37
CA GLU A 382 -10.37 -15.78 -32.98
C GLU A 382 -10.90 -15.95 -31.56
N VAL A 383 -11.29 -17.18 -31.24
CA VAL A 383 -11.89 -17.51 -29.95
C VAL A 383 -11.15 -18.70 -29.36
N ALA A 384 -11.19 -18.79 -28.03
CA ALA A 384 -10.63 -19.92 -27.27
C ALA A 384 -9.14 -20.11 -27.58
N VAL A 385 -8.36 -19.09 -27.19
CA VAL A 385 -6.92 -19.10 -27.41
C VAL A 385 -6.16 -19.45 -26.14
N VAL A 386 -6.39 -18.72 -25.05
CA VAL A 386 -5.72 -19.01 -23.78
C VAL A 386 -6.28 -20.34 -23.25
N PRO A 387 -5.43 -21.34 -23.02
CA PRO A 387 -5.93 -22.67 -22.65
C PRO A 387 -6.67 -22.74 -21.32
N ARG A 388 -6.00 -22.33 -20.23
CA ARG A 388 -6.56 -22.55 -18.91
C ARG A 388 -7.66 -21.54 -18.57
N ALA A 389 -7.55 -20.31 -19.06
CA ALA A 389 -8.51 -19.27 -18.70
C ALA A 389 -9.91 -19.63 -19.22
N HIS A 390 -10.92 -19.16 -18.50
CA HIS A 390 -12.31 -19.50 -18.82
C HIS A 390 -12.80 -18.83 -20.10
N GLY A 391 -12.01 -17.93 -20.68
CA GLY A 391 -12.38 -17.32 -21.94
C GLY A 391 -11.17 -16.67 -22.58
N SER A 392 -11.34 -16.26 -23.83
CA SER A 392 -10.26 -15.64 -24.58
C SER A 392 -10.85 -14.89 -25.76
N ALA A 393 -10.01 -14.07 -26.38
CA ALA A 393 -10.40 -13.26 -27.53
C ALA A 393 -9.16 -12.69 -28.19
N LEU A 394 -9.14 -12.71 -29.52
CA LEU A 394 -8.06 -12.16 -30.32
C LEU A 394 -8.61 -11.21 -31.38
N PHE A 395 -9.47 -10.29 -30.96
CA PHE A 395 -9.95 -9.25 -31.87
C PHE A 395 -8.75 -8.53 -32.47
N GLU A 396 -8.56 -8.69 -33.78
CA GLU A 396 -7.32 -8.28 -34.43
C GLU A 396 -7.58 -7.29 -35.55
N ARG A 397 -8.42 -6.28 -35.29
CA ARG A 397 -8.80 -5.34 -36.34
C ARG A 397 -7.59 -4.60 -36.87
N GLY A 398 -7.17 -4.94 -38.09
CA GLY A 398 -6.03 -4.28 -38.69
C GLY A 398 -4.79 -4.39 -37.84
N GLU A 399 -4.17 -3.24 -37.58
CA GLU A 399 -2.97 -3.22 -36.76
C GLU A 399 -3.30 -3.41 -35.28
N THR A 400 -4.39 -2.81 -34.82
CA THR A 400 -4.76 -2.91 -33.42
C THR A 400 -5.07 -4.35 -33.05
N GLN A 401 -4.38 -4.85 -32.03
CA GLN A 401 -4.54 -6.23 -31.57
C GLN A 401 -4.84 -6.20 -30.08
N ILE A 402 -5.96 -6.82 -29.69
CA ILE A 402 -6.43 -6.79 -28.31
C ILE A 402 -6.74 -8.21 -27.88
N LEU A 403 -6.26 -8.58 -26.69
CA LEU A 403 -6.54 -9.88 -26.10
C LEU A 403 -7.39 -9.69 -24.84
N GLY A 404 -8.52 -10.38 -24.78
CA GLY A 404 -9.41 -10.30 -23.64
C GLY A 404 -9.58 -11.64 -22.97
N VAL A 405 -9.71 -11.63 -21.65
CA VAL A 405 -9.82 -12.85 -20.86
C VAL A 405 -10.85 -12.62 -19.77
N THR A 406 -11.76 -13.58 -19.60
CA THR A 406 -12.66 -13.61 -18.46
C THR A 406 -12.09 -14.49 -17.35
N THR A 407 -12.58 -14.25 -16.13
CA THR A 407 -12.25 -15.12 -15.00
C THR A 407 -13.46 -15.14 -14.09
N LEU A 408 -14.31 -16.15 -14.27
CA LEU A 408 -15.48 -16.31 -13.42
C LEU A 408 -15.08 -16.87 -12.06
N ASP A 409 -15.64 -16.30 -10.99
CA ASP A 409 -15.42 -16.81 -9.66
C ASP A 409 -16.64 -16.50 -8.81
N MET A 410 -16.61 -16.99 -7.57
CA MET A 410 -17.75 -16.85 -6.68
C MET A 410 -18.01 -15.38 -6.35
N ILE A 411 -19.28 -15.08 -6.05
CA ILE A 411 -19.68 -13.73 -5.66
C ILE A 411 -19.02 -13.29 -4.36
N LYS A 412 -18.28 -14.18 -3.69
CA LYS A 412 -17.51 -13.81 -2.51
C LYS A 412 -16.58 -12.64 -2.81
N MET A 413 -15.79 -12.75 -3.89
CA MET A 413 -14.78 -11.77 -4.22
C MET A 413 -15.25 -10.93 -5.40
N ALA A 414 -15.31 -9.62 -5.20
CA ALA A 414 -15.70 -8.67 -6.24
C ALA A 414 -15.21 -7.29 -5.82
N GLN A 415 -15.31 -6.33 -6.74
CA GLN A 415 -14.93 -4.96 -6.43
C GLN A 415 -15.86 -4.40 -5.36
N GLN A 416 -15.27 -3.91 -4.28
CA GLN A 416 -16.03 -3.49 -3.09
C GLN A 416 -15.53 -2.14 -2.59
N ILE A 417 -15.43 -1.17 -3.51
CA ILE A 417 -14.88 0.12 -3.15
C ILE A 417 -15.78 0.84 -2.14
N ASP A 418 -15.19 1.69 -1.33
CA ASP A 418 -15.91 2.64 -0.50
C ASP A 418 -15.46 4.06 -0.85
N SER A 419 -16.43 4.92 -1.09
CA SER A 419 -16.17 6.28 -1.55
C SER A 419 -17.43 7.10 -1.35
N LEU A 420 -17.42 8.33 -1.87
CA LEU A 420 -18.57 9.21 -1.68
C LEU A 420 -19.75 8.82 -2.55
N GLY A 421 -19.49 8.23 -3.72
CA GLY A 421 -20.55 7.79 -4.60
C GLY A 421 -21.38 6.69 -3.96
N PRO A 422 -22.63 6.54 -4.41
CA PRO A 422 -23.50 5.51 -3.85
C PRO A 422 -23.13 4.09 -4.27
N GLU A 423 -22.29 3.93 -5.29
CA GLU A 423 -21.88 2.60 -5.72
C GLU A 423 -21.05 1.93 -4.64
N THR A 424 -21.39 0.70 -4.31
CA THR A 424 -20.69 -0.02 -3.25
C THR A 424 -20.14 -1.36 -3.70
N SER A 425 -20.86 -2.10 -4.53
CA SER A 425 -20.46 -3.46 -4.93
C SER A 425 -20.53 -3.57 -6.45
N LYS A 426 -19.37 -3.55 -7.10
CA LYS A 426 -19.27 -3.74 -8.54
C LYS A 426 -19.11 -5.23 -8.82
N ARG A 427 -20.16 -5.85 -9.36
CA ARG A 427 -20.03 -7.24 -9.78
C ARG A 427 -19.04 -7.38 -10.93
N TYR A 428 -19.10 -6.48 -11.90
CA TYR A 428 -18.31 -6.57 -13.12
C TYR A 428 -17.27 -5.46 -13.10
N MET A 429 -16.01 -5.83 -12.89
CA MET A 429 -14.89 -4.92 -13.01
C MET A 429 -14.10 -5.27 -14.25
N HIS A 430 -13.79 -4.26 -15.06
CA HIS A 430 -13.14 -4.43 -16.35
C HIS A 430 -11.78 -3.76 -16.27
N HIS A 431 -10.75 -4.53 -15.95
CA HIS A 431 -9.40 -4.01 -15.93
C HIS A 431 -8.92 -3.76 -17.36
N TYR A 432 -7.69 -3.29 -17.47
CA TYR A 432 -7.12 -2.93 -18.76
C TYR A 432 -5.61 -2.90 -18.62
N ASN A 433 -4.92 -2.97 -19.75
CA ASN A 433 -3.47 -2.88 -19.75
C ASN A 433 -3.00 -2.18 -21.01
N PHE A 434 -1.89 -1.47 -20.89
CA PHE A 434 -1.21 -0.86 -22.03
C PHE A 434 0.28 -1.15 -21.91
N PRO A 435 0.67 -2.42 -22.06
CA PRO A 435 2.06 -2.79 -21.84
C PRO A 435 2.96 -2.08 -22.82
N PRO A 436 4.17 -1.70 -22.40
CA PRO A 436 5.02 -0.87 -23.26
C PRO A 436 5.44 -1.54 -24.54
N PHE A 437 5.63 -2.86 -24.55
CA PHE A 437 6.08 -3.54 -25.75
C PHE A 437 5.06 -3.48 -26.89
N SER A 438 3.80 -3.15 -26.59
CA SER A 438 2.78 -3.10 -27.62
C SER A 438 2.98 -1.94 -28.57
N THR A 439 3.23 -0.74 -28.01
CA THR A 439 3.30 0.46 -28.83
C THR A 439 4.51 0.44 -29.77
N GLY A 440 5.57 -0.25 -29.38
CA GLY A 440 6.81 -0.22 -30.12
C GLY A 440 7.91 0.63 -29.50
N GLU A 441 7.70 1.11 -28.29
CA GLU A 441 8.67 1.93 -27.57
C GLU A 441 8.76 1.42 -26.14
N THR A 442 9.86 1.76 -25.47
CA THR A 442 10.10 1.29 -24.12
C THR A 442 9.23 2.07 -23.12
N GLY A 443 9.40 1.77 -21.85
CA GLY A 443 8.67 2.42 -20.79
C GLY A 443 8.52 1.52 -19.59
N ARG A 444 8.35 2.14 -18.42
CA ARG A 444 8.20 1.40 -17.18
C ARG A 444 6.82 0.78 -17.09
N VAL A 445 6.74 -0.36 -16.39
CA VAL A 445 5.50 -1.08 -16.17
C VAL A 445 5.22 -1.08 -14.67
N GLY A 446 3.97 -0.77 -14.32
CA GLY A 446 3.57 -0.69 -12.92
C GLY A 446 2.15 -0.23 -12.74
N SER A 447 1.92 0.74 -11.87
CA SER A 447 0.59 1.28 -11.68
C SER A 447 0.12 1.96 -12.96
N PRO A 448 -1.10 1.67 -13.43
CA PRO A 448 -1.57 2.28 -14.68
C PRO A 448 -1.76 3.77 -14.55
N LYS A 449 -1.59 4.47 -15.67
CA LYS A 449 -1.76 5.92 -15.71
C LYS A 449 -3.24 6.25 -15.79
N ARG A 450 -3.55 7.53 -16.02
CA ARG A 450 -4.94 7.96 -16.08
C ARG A 450 -5.63 7.56 -17.38
N ARG A 451 -4.87 7.51 -18.49
CA ARG A 451 -5.46 7.11 -19.76
C ARG A 451 -5.94 5.67 -19.72
N GLU A 452 -5.14 4.78 -19.11
CA GLU A 452 -5.55 3.39 -18.94
C GLU A 452 -6.85 3.29 -18.15
N ILE A 453 -6.93 3.99 -17.03
CA ILE A 453 -8.14 3.94 -16.21
C ILE A 453 -9.32 4.49 -16.96
N GLY A 454 -9.13 5.60 -17.70
CA GLY A 454 -10.23 6.17 -18.46
C GLY A 454 -10.76 5.22 -19.53
N HIS A 455 -9.86 4.61 -20.29
CA HIS A 455 -10.30 3.68 -21.33
C HIS A 455 -10.97 2.45 -20.73
N GLY A 456 -10.42 1.91 -19.65
CA GLY A 456 -11.07 0.78 -19.00
C GLY A 456 -12.44 1.14 -18.44
N ALA A 457 -12.56 2.33 -17.87
CA ALA A 457 -13.86 2.79 -17.38
C ALA A 457 -14.85 2.92 -18.51
N LEU A 458 -14.42 3.46 -19.65
CA LEU A 458 -15.32 3.56 -20.80
C LEU A 458 -15.77 2.18 -21.26
N ALA A 459 -14.84 1.22 -21.33
CA ALA A 459 -15.21 -0.13 -21.74
C ALA A 459 -16.23 -0.74 -20.78
N GLU A 460 -15.98 -0.65 -19.48
CA GLU A 460 -16.91 -1.22 -18.50
C GLU A 460 -18.27 -0.52 -18.57
N ARG A 461 -18.25 0.81 -18.70
CA ARG A 461 -19.50 1.57 -18.76
C ARG A 461 -20.29 1.21 -20.01
N ALA A 462 -19.60 0.85 -21.09
CA ALA A 462 -20.29 0.44 -22.32
C ALA A 462 -20.84 -0.97 -22.21
N LEU A 463 -20.13 -1.88 -21.53
CA LEU A 463 -20.53 -3.28 -21.50
C LEU A 463 -21.43 -3.65 -20.33
N VAL A 464 -21.62 -2.75 -19.37
CA VAL A 464 -22.41 -3.10 -18.18
C VAL A 464 -23.87 -3.46 -18.50
N PRO A 465 -24.61 -2.68 -19.30
CA PRO A 465 -26.07 -2.90 -19.33
C PRO A 465 -26.48 -4.26 -19.87
N VAL A 466 -25.75 -4.82 -20.82
CA VAL A 466 -26.15 -6.09 -21.42
C VAL A 466 -25.78 -7.29 -20.57
N LEU A 467 -24.94 -7.10 -19.56
CA LEU A 467 -24.57 -8.19 -18.68
C LEU A 467 -25.80 -8.67 -17.89
N PRO A 468 -25.98 -9.98 -17.73
CA PRO A 468 -27.19 -10.49 -17.07
C PRO A 468 -27.34 -10.06 -15.62
N SER A 469 -28.48 -10.42 -15.02
CA SER A 469 -28.80 -10.05 -13.65
C SER A 469 -28.06 -10.94 -12.66
N VAL A 470 -28.14 -10.55 -11.38
CA VAL A 470 -27.45 -11.29 -10.33
C VAL A 470 -28.10 -12.65 -10.09
N GLU A 471 -29.44 -12.68 -10.04
CA GLU A 471 -30.13 -13.87 -9.60
C GLU A 471 -30.02 -15.01 -10.61
N GLU A 472 -30.18 -14.71 -11.90
CA GLU A 472 -30.08 -15.75 -12.92
C GLU A 472 -28.68 -16.32 -13.00
N PHE A 473 -27.66 -15.46 -12.89
CA PHE A 473 -26.26 -15.86 -13.06
C PHE A 473 -25.45 -15.30 -11.90
N PRO A 474 -25.49 -15.97 -10.75
CA PRO A 474 -24.71 -15.48 -9.60
C PRO A 474 -23.24 -15.84 -9.72
N TYR A 475 -22.42 -14.85 -10.08
CA TYR A 475 -21.01 -15.07 -10.35
C TYR A 475 -20.29 -13.73 -10.30
N ALA A 476 -18.97 -13.80 -10.24
CA ALA A 476 -18.12 -12.62 -10.30
C ALA A 476 -17.26 -12.70 -11.56
N ILE A 477 -17.38 -11.70 -12.41
CA ILE A 477 -16.68 -11.66 -13.70
C ILE A 477 -15.61 -10.58 -13.64
N ARG A 478 -14.40 -10.93 -14.03
CA ARG A 478 -13.32 -9.97 -14.22
C ARG A 478 -12.79 -10.12 -15.64
N GLN A 479 -12.67 -9.00 -16.35
CA GLN A 479 -12.18 -9.00 -17.71
C GLN A 479 -10.92 -8.15 -17.78
N VAL A 480 -9.87 -8.72 -18.35
CA VAL A 480 -8.61 -8.01 -18.57
C VAL A 480 -8.45 -7.81 -20.07
N SER A 481 -8.31 -6.55 -20.48
CA SER A 481 -8.15 -6.21 -21.89
C SER A 481 -6.68 -5.90 -22.15
N GLU A 482 -5.91 -6.97 -22.34
CA GLU A 482 -4.51 -6.82 -22.71
C GLU A 482 -4.42 -6.21 -24.10
N ALA A 483 -3.50 -5.27 -24.28
CA ALA A 483 -3.26 -4.62 -25.56
C ALA A 483 -1.92 -5.13 -26.08
N LEU A 484 -1.96 -5.94 -27.12
CA LEU A 484 -0.77 -6.55 -27.68
C LEU A 484 -0.17 -5.74 -28.82
N GLY A 485 -0.70 -4.54 -29.07
CA GLY A 485 -0.21 -3.66 -30.12
C GLY A 485 -1.31 -2.75 -30.61
N SER A 486 -1.00 -1.47 -30.79
CA SER A 486 -2.03 -0.49 -31.11
C SER A 486 -1.42 0.66 -31.89
N ASN A 487 -2.16 1.14 -32.89
CA ASN A 487 -1.77 2.31 -33.68
C ASN A 487 -2.52 3.55 -33.24
N GLY A 488 -3.85 3.51 -33.25
CA GLY A 488 -4.65 4.65 -32.86
C GLY A 488 -5.57 4.33 -31.70
N SER A 489 -6.88 4.50 -31.93
CA SER A 489 -7.86 4.17 -30.90
C SER A 489 -7.82 2.69 -30.58
N THR A 490 -7.92 2.37 -29.28
CA THR A 490 -7.79 1.00 -28.81
C THR A 490 -8.84 0.58 -27.79
N SER A 491 -9.71 1.49 -27.35
CA SER A 491 -10.73 1.11 -26.38
C SER A 491 -11.83 0.27 -27.02
N MET A 492 -12.20 0.59 -28.27
CA MET A 492 -13.26 -0.16 -28.93
C MET A 492 -12.83 -1.61 -29.15
N GLY A 493 -11.57 -1.82 -29.51
CA GLY A 493 -11.05 -3.18 -29.57
C GLY A 493 -11.14 -3.87 -28.23
N SER A 494 -10.93 -3.14 -27.14
CA SER A 494 -11.08 -3.72 -25.81
C SER A 494 -12.52 -4.14 -25.57
N VAL A 495 -13.49 -3.32 -26.00
CA VAL A 495 -14.89 -3.70 -25.84
C VAL A 495 -15.20 -4.95 -26.64
N CYS A 496 -14.68 -5.03 -27.87
CA CYS A 496 -14.91 -6.21 -28.70
C CYS A 496 -14.29 -7.46 -28.07
N ALA A 497 -13.07 -7.34 -27.55
CA ALA A 497 -12.46 -8.48 -26.87
C ALA A 497 -13.26 -8.87 -25.64
N SER A 498 -13.78 -7.89 -24.91
CA SER A 498 -14.58 -8.16 -23.73
C SER A 498 -15.84 -8.95 -24.07
N THR A 499 -16.55 -8.55 -25.13
CA THR A 499 -17.76 -9.30 -25.48
C THR A 499 -17.42 -10.69 -26.01
N LEU A 500 -16.36 -10.80 -26.82
CA LEU A 500 -15.94 -12.12 -27.28
C LEU A 500 -15.67 -13.05 -26.09
N ALA A 501 -14.89 -12.57 -25.12
CA ALA A 501 -14.58 -13.37 -23.95
C ALA A 501 -15.83 -13.71 -23.15
N LEU A 502 -16.74 -12.74 -23.01
CA LEU A 502 -17.96 -12.99 -22.24
C LEU A 502 -18.81 -14.10 -22.86
N LEU A 503 -19.01 -14.06 -24.19
CA LEU A 503 -19.74 -15.15 -24.83
C LEU A 503 -18.98 -16.48 -24.74
N ASN A 504 -17.65 -16.44 -24.85
CA ASN A 504 -16.91 -17.70 -24.77
C ASN A 504 -16.95 -18.29 -23.36
N ALA A 505 -17.06 -17.45 -22.33
CA ALA A 505 -17.02 -17.94 -20.96
C ALA A 505 -18.33 -18.60 -20.52
N GLY A 506 -19.43 -18.33 -21.21
CA GLY A 506 -20.71 -18.88 -20.84
C GLY A 506 -21.67 -17.90 -20.20
N VAL A 507 -21.35 -16.61 -20.18
CA VAL A 507 -22.25 -15.61 -19.61
C VAL A 507 -23.35 -15.35 -20.63
N PRO A 508 -24.62 -15.55 -20.29
CA PRO A 508 -25.71 -15.41 -21.28
C PRO A 508 -26.04 -13.95 -21.60
N LEU A 509 -25.23 -13.37 -22.50
CA LEU A 509 -25.44 -11.98 -22.89
C LEU A 509 -26.80 -11.80 -23.55
N LYS A 510 -27.43 -10.67 -23.27
CA LYS A 510 -28.71 -10.34 -23.92
C LYS A 510 -28.52 -10.10 -25.40
N ALA A 511 -27.42 -9.43 -25.77
CA ALA A 511 -27.08 -9.15 -27.16
C ALA A 511 -25.61 -8.79 -27.26
N PRO A 512 -24.86 -9.39 -28.17
CA PRO A 512 -23.44 -9.05 -28.30
C PRO A 512 -23.26 -7.57 -28.63
N VAL A 513 -22.21 -6.99 -28.06
CA VAL A 513 -21.94 -5.56 -28.19
C VAL A 513 -20.70 -5.37 -29.04
N ALA A 514 -20.58 -4.18 -29.64
CA ALA A 514 -19.45 -3.86 -30.49
C ALA A 514 -19.23 -2.36 -30.49
N GLY A 515 -18.03 -1.95 -30.90
CA GLY A 515 -17.69 -0.54 -30.96
C GLY A 515 -16.86 -0.24 -32.18
N ILE A 516 -16.72 1.06 -32.46
CA ILE A 516 -15.97 1.52 -33.63
C ILE A 516 -15.62 2.98 -33.41
N ALA A 517 -14.50 3.40 -33.99
CA ALA A 517 -14.00 4.76 -33.84
C ALA A 517 -14.41 5.59 -35.05
N MET A 518 -14.89 6.80 -34.80
CA MET A 518 -15.45 7.67 -35.83
C MET A 518 -14.73 9.01 -35.83
N GLY A 519 -14.05 9.31 -36.94
CA GLY A 519 -13.39 10.58 -37.10
C GLY A 519 -14.22 11.54 -37.92
N LEU A 520 -13.72 12.78 -38.03
CA LEU A 520 -14.38 13.81 -38.82
C LEU A 520 -13.45 15.01 -38.93
N VAL A 521 -13.37 15.60 -40.13
CA VAL A 521 -12.52 16.74 -40.40
C VAL A 521 -13.40 17.92 -40.78
N SER A 522 -13.09 19.09 -40.22
CA SER A 522 -13.88 20.29 -40.46
C SER A 522 -13.46 20.97 -41.76
N ASP A 523 -14.17 22.03 -42.12
CA ASP A 523 -13.95 22.76 -43.36
C ASP A 523 -13.26 24.07 -43.02
N ASP A 524 -11.95 24.13 -43.27
CA ASP A 524 -11.20 25.36 -43.08
C ASP A 524 -10.89 26.09 -44.39
N ILE A 525 -10.96 25.40 -45.53
CA ILE A 525 -10.64 26.00 -46.82
C ILE A 525 -11.81 25.77 -47.78
N GLN A 526 -12.21 26.83 -48.46
CA GLN A 526 -13.32 26.78 -49.39
C GLN A 526 -12.83 26.39 -50.78
N VAL A 527 -13.73 26.47 -51.76
CA VAL A 527 -13.39 26.21 -53.16
C VAL A 527 -12.89 27.52 -53.74
N GLU A 528 -11.57 27.64 -53.90
CA GLU A 528 -10.93 28.83 -54.43
C GLU A 528 -11.34 30.05 -53.61
N GLY A 529 -12.52 30.60 -53.87
CA GLY A 529 -13.07 31.65 -53.04
C GLY A 529 -12.41 33.00 -53.16
N ALA A 530 -11.88 33.32 -54.34
CA ALA A 530 -11.30 34.64 -54.56
C ALA A 530 -12.38 35.71 -54.60
N VAL A 531 -13.49 35.45 -55.28
CA VAL A 531 -14.60 36.40 -55.36
C VAL A 531 -15.91 35.70 -55.02
N ASP A 532 -15.90 34.37 -55.06
CA ASP A 532 -17.09 33.57 -54.82
C ASP A 532 -17.10 33.06 -53.38
N GLY A 533 -18.21 33.29 -52.68
CA GLY A 533 -18.34 32.78 -51.34
C GLY A 533 -19.13 31.49 -51.29
N VAL A 534 -18.42 30.37 -51.20
CA VAL A 534 -19.04 29.05 -51.10
C VAL A 534 -18.29 28.25 -50.05
N VAL A 535 -19.03 27.55 -49.20
CA VAL A 535 -18.45 26.75 -48.13
C VAL A 535 -18.82 25.30 -48.37
N GLU A 536 -17.91 24.53 -48.95
CA GLU A 536 -18.12 23.11 -49.23
C GLU A 536 -17.72 22.34 -47.96
N ARG A 537 -18.64 22.25 -47.02
CA ARG A 537 -18.39 21.59 -45.74
C ARG A 537 -18.49 20.09 -45.93
N ARG A 538 -17.53 19.54 -46.68
CA ARG A 538 -17.49 18.10 -46.97
C ARG A 538 -17.02 17.40 -45.70
N PHE A 539 -17.95 17.20 -44.78
CA PHE A 539 -17.64 16.70 -43.43
C PHE A 539 -17.40 15.21 -43.53
N VAL A 540 -16.21 14.85 -43.98
CA VAL A 540 -15.85 13.44 -44.18
C VAL A 540 -15.69 12.77 -42.82
N THR A 541 -16.56 11.82 -42.52
CA THR A 541 -16.49 11.04 -41.29
C THR A 541 -15.77 9.73 -41.60
N LEU A 542 -14.46 9.72 -41.37
CA LEU A 542 -13.65 8.54 -41.65
C LEU A 542 -14.13 7.35 -40.82
N THR A 543 -14.19 6.18 -41.46
CA THR A 543 -14.73 4.99 -40.78
C THR A 543 -13.84 4.55 -39.63
N ASP A 544 -12.55 4.85 -39.70
CA ASP A 544 -11.63 4.46 -38.64
C ASP A 544 -10.50 5.48 -38.58
N ILE A 545 -9.78 5.47 -37.45
CA ILE A 545 -8.77 6.47 -37.16
C ILE A 545 -7.45 5.76 -36.86
N LEU A 546 -6.38 6.25 -37.47
CA LEU A 546 -5.02 5.83 -37.18
C LEU A 546 -4.38 6.85 -36.24
N GLY A 547 -3.21 6.51 -35.70
CA GLY A 547 -2.53 7.42 -34.80
C GLY A 547 -2.22 8.76 -35.46
N ALA A 548 -1.67 8.72 -36.66
CA ALA A 548 -1.50 9.94 -37.44
C ALA A 548 -2.84 10.57 -37.78
N GLU A 549 -3.86 9.73 -38.03
CA GLU A 549 -5.18 10.26 -38.33
C GLU A 549 -5.78 11.01 -37.13
N ASP A 550 -5.61 10.47 -35.92
CA ASP A 550 -6.04 11.20 -34.75
C ASP A 550 -5.18 12.44 -34.53
N ALA A 551 -3.92 12.37 -34.93
CA ALA A 551 -3.03 13.51 -34.78
C ALA A 551 -3.51 14.68 -35.64
N PHE A 552 -3.86 14.42 -36.90
CA PHE A 552 -4.33 15.48 -37.78
C PHE A 552 -5.85 15.49 -37.92
N GLY A 553 -6.55 14.66 -37.17
CA GLY A 553 -8.00 14.74 -37.13
C GLY A 553 -8.44 15.92 -36.28
N ASP A 554 -9.73 16.21 -36.36
CA ASP A 554 -10.34 17.31 -35.63
C ASP A 554 -11.52 16.87 -34.77
N MET A 555 -12.04 15.67 -35.00
CA MET A 555 -13.25 15.21 -34.33
C MET A 555 -13.03 13.75 -33.95
N ASP A 556 -13.81 13.26 -32.99
CA ASP A 556 -13.81 11.84 -32.66
C ASP A 556 -14.99 11.51 -31.77
N PHE A 557 -15.69 10.42 -32.09
CA PHE A 557 -16.85 9.99 -31.33
C PHE A 557 -16.56 8.69 -30.54
N LYS A 558 -16.03 7.67 -31.22
CA LYS A 558 -15.77 6.37 -30.60
C LYS A 558 -17.03 5.79 -29.98
N VAL A 559 -18.12 5.77 -30.75
CA VAL A 559 -19.37 5.23 -30.24
C VAL A 559 -19.29 3.71 -30.13
N ALA A 560 -20.19 3.15 -29.33
CA ALA A 560 -20.22 1.70 -29.10
C ALA A 560 -21.58 1.32 -28.55
N GLY A 561 -22.10 0.20 -29.01
CA GLY A 561 -23.39 -0.26 -28.55
C GLY A 561 -23.76 -1.59 -29.18
N THR A 562 -25.02 -1.96 -29.00
CA THR A 562 -25.55 -3.18 -29.61
C THR A 562 -26.20 -2.84 -30.95
N LYS A 563 -26.94 -3.79 -31.51
CA LYS A 563 -27.62 -3.55 -32.78
C LYS A 563 -28.71 -2.51 -32.67
N ASP A 564 -29.31 -2.34 -31.50
CA ASP A 564 -30.47 -1.47 -31.34
C ASP A 564 -30.13 -0.16 -30.63
N PHE A 565 -29.54 -0.22 -29.45
CA PHE A 565 -29.32 0.95 -28.62
C PHE A 565 -27.83 1.14 -28.32
N VAL A 566 -27.37 2.37 -28.47
CA VAL A 566 -25.97 2.69 -28.18
C VAL A 566 -25.73 2.59 -26.67
N THR A 567 -24.45 2.48 -26.31
CA THR A 567 -24.06 2.37 -24.92
C THR A 567 -23.16 3.51 -24.47
N ALA A 568 -22.11 3.82 -25.24
CA ALA A 568 -21.14 4.83 -24.83
C ALA A 568 -20.83 5.76 -25.99
N LEU A 569 -20.46 6.99 -25.66
CA LEU A 569 -19.99 7.97 -26.62
C LEU A 569 -18.86 8.77 -25.97
N GLN A 570 -17.99 9.32 -26.82
CA GLN A 570 -16.91 10.17 -26.33
C GLN A 570 -16.55 11.16 -27.43
N LEU A 571 -17.11 12.37 -27.35
CA LEU A 571 -16.91 13.40 -28.36
C LEU A 571 -16.07 14.50 -27.74
N ASP A 572 -15.00 14.91 -28.44
CA ASP A 572 -13.99 15.81 -27.90
C ASP A 572 -13.76 16.99 -28.84
N THR A 573 -14.85 17.70 -29.20
CA THR A 573 -14.76 18.83 -30.11
C THR A 573 -13.73 19.84 -29.66
N LYS A 574 -12.81 20.19 -30.56
CA LYS A 574 -11.86 21.27 -30.28
C LYS A 574 -12.58 22.61 -30.21
N LEU A 575 -13.36 22.94 -31.24
CA LEU A 575 -14.05 24.22 -31.30
C LEU A 575 -15.06 24.28 -32.44
N ASP A 576 -16.23 24.85 -32.17
CA ASP A 576 -17.16 25.31 -33.21
C ASP A 576 -17.58 24.19 -34.16
N GLY A 577 -17.67 22.97 -33.64
CA GLY A 577 -18.12 21.86 -34.46
C GLY A 577 -19.53 22.07 -34.96
N ILE A 578 -20.49 22.00 -34.04
CA ILE A 578 -21.92 22.26 -34.24
C ILE A 578 -22.38 21.89 -35.65
N PRO A 579 -22.28 20.63 -36.06
CA PRO A 579 -22.76 20.26 -37.39
C PRO A 579 -24.26 20.40 -37.52
N SER A 580 -25.00 19.74 -36.62
CA SER A 580 -26.45 19.85 -36.51
C SER A 580 -27.18 19.33 -37.75
N GLN A 581 -26.42 18.86 -38.74
CA GLN A 581 -27.00 18.35 -39.96
C GLN A 581 -26.42 16.99 -40.37
N VAL A 582 -25.13 16.77 -40.13
CA VAL A 582 -24.44 15.57 -40.58
C VAL A 582 -24.11 14.66 -39.39
N LEU A 583 -24.41 15.10 -38.17
CA LEU A 583 -24.25 14.22 -37.01
C LEU A 583 -25.06 12.94 -37.19
N ALA A 584 -26.27 13.06 -37.73
CA ALA A 584 -27.07 11.87 -38.02
C ALA A 584 -26.38 10.96 -39.02
N GLY A 585 -25.79 11.54 -40.07
CA GLY A 585 -25.07 10.72 -41.04
C GLY A 585 -23.87 10.03 -40.45
N ALA A 586 -23.13 10.72 -39.58
CA ALA A 586 -21.98 10.11 -38.92
C ALA A 586 -22.41 8.98 -38.00
N LEU A 587 -23.49 9.18 -37.25
CA LEU A 587 -24.02 8.12 -36.41
C LEU A 587 -24.49 6.94 -37.24
N GLU A 588 -25.07 7.21 -38.41
CA GLU A 588 -25.51 6.14 -39.31
C GLU A 588 -24.32 5.35 -39.85
N GLN A 589 -23.24 6.05 -40.21
CA GLN A 589 -22.03 5.36 -40.64
C GLN A 589 -21.46 4.50 -39.51
N ALA A 590 -21.45 5.05 -38.29
CA ALA A 590 -21.00 4.27 -37.14
C ALA A 590 -21.86 3.04 -36.93
N LYS A 591 -23.18 3.18 -37.10
CA LYS A 591 -24.08 2.06 -36.96
C LYS A 591 -23.81 0.99 -38.01
N ASP A 592 -23.58 1.42 -39.26
CA ASP A 592 -23.26 0.45 -40.31
C ASP A 592 -21.96 -0.29 -40.00
N ALA A 593 -20.94 0.44 -39.53
CA ALA A 593 -19.70 -0.22 -39.14
C ALA A 593 -19.93 -1.20 -38.00
N ARG A 594 -20.78 -0.82 -37.05
CA ARG A 594 -21.07 -1.70 -35.92
C ARG A 594 -21.77 -2.98 -36.37
N LEU A 595 -22.75 -2.87 -37.28
CA LEU A 595 -23.40 -4.08 -37.77
C LEU A 595 -22.45 -4.94 -38.60
N THR A 596 -21.56 -4.32 -39.37
CA THR A 596 -20.55 -5.11 -40.10
C THR A 596 -19.66 -5.88 -39.13
N ILE A 597 -19.20 -5.19 -38.08
CA ILE A 597 -18.33 -5.82 -37.09
C ILE A 597 -19.06 -6.97 -36.40
N LEU A 598 -20.33 -6.75 -36.04
CA LEU A 598 -21.11 -7.80 -35.40
C LEU A 598 -21.39 -8.96 -36.33
N GLU A 599 -21.58 -8.69 -37.62
CA GLU A 599 -21.77 -9.77 -38.59
C GLU A 599 -20.52 -10.65 -38.66
N VAL A 600 -19.34 -10.02 -38.71
CA VAL A 600 -18.11 -10.80 -38.70
C VAL A 600 -17.97 -11.57 -37.39
N MET A 601 -18.36 -10.96 -36.27
CA MET A 601 -18.36 -11.68 -35.00
C MET A 601 -19.25 -12.92 -35.08
N ALA A 602 -20.48 -12.75 -35.58
CA ALA A 602 -21.40 -13.87 -35.67
C ALA A 602 -20.87 -14.96 -36.56
N GLU A 603 -20.18 -14.59 -37.64
CA GLU A 603 -19.49 -15.59 -38.45
C GLU A 603 -18.42 -16.29 -37.63
N ALA A 604 -17.79 -15.57 -36.69
CA ALA A 604 -16.79 -16.19 -35.83
C ALA A 604 -17.45 -17.01 -34.71
N ILE A 605 -18.26 -16.36 -33.88
CA ILE A 605 -19.03 -17.04 -32.84
C ILE A 605 -20.34 -16.31 -32.66
N ASP A 606 -21.42 -17.06 -32.41
CA ASP A 606 -22.76 -16.50 -32.42
C ASP A 606 -23.46 -16.57 -31.07
N ARG A 607 -23.53 -17.75 -30.46
CA ARG A 607 -24.34 -17.97 -29.28
C ARG A 607 -23.48 -18.18 -28.04
N PRO A 608 -24.01 -17.90 -26.86
CA PRO A 608 -23.25 -18.17 -25.62
C PRO A 608 -22.84 -19.63 -25.54
N ASP A 609 -21.54 -19.86 -25.50
CA ASP A 609 -21.00 -21.20 -25.50
C ASP A 609 -21.30 -21.91 -24.18
N GLU A 610 -21.20 -23.24 -24.21
CA GLU A 610 -21.35 -24.02 -22.99
C GLU A 610 -20.23 -23.67 -22.02
N MET A 611 -20.55 -23.65 -20.73
CA MET A 611 -19.61 -23.19 -19.73
C MET A 611 -18.52 -24.24 -19.54
N SER A 612 -17.25 -23.79 -19.45
CA SER A 612 -16.10 -24.68 -19.47
C SER A 612 -15.81 -25.23 -18.07
N PRO A 613 -15.63 -26.54 -17.92
CA PRO A 613 -15.60 -27.14 -16.57
C PRO A 613 -14.47 -26.63 -15.68
N TYR A 614 -13.46 -25.98 -16.24
CA TYR A 614 -12.37 -25.45 -15.40
C TYR A 614 -12.85 -24.40 -14.42
N ALA A 615 -13.97 -23.74 -14.70
CA ALA A 615 -14.50 -22.72 -13.81
C ALA A 615 -15.19 -23.38 -12.61
N PRO A 616 -15.38 -22.64 -11.52
CA PRO A 616 -16.04 -23.23 -10.33
C PRO A 616 -17.54 -23.37 -10.55
N ARG A 617 -18.05 -24.58 -10.35
CA ARG A 617 -19.47 -24.88 -10.50
C ARG A 617 -20.21 -24.43 -9.25
N VAL A 618 -20.72 -23.20 -9.26
CA VAL A 618 -21.51 -22.65 -8.17
C VAL A 618 -22.97 -22.66 -8.61
N THR A 619 -23.79 -23.43 -7.90
CA THR A 619 -25.21 -23.56 -8.21
C THR A 619 -26.01 -22.91 -7.09
N THR A 620 -26.92 -22.01 -7.46
CA THR A 620 -27.69 -21.27 -6.47
C THR A 620 -28.74 -22.17 -5.83
N ILE A 621 -29.04 -21.91 -4.57
CA ILE A 621 -30.11 -22.60 -3.84
C ILE A 621 -30.91 -21.55 -3.09
N LYS A 622 -32.16 -21.87 -2.80
CA LYS A 622 -33.07 -20.96 -2.13
C LYS A 622 -33.41 -21.50 -0.75
N VAL A 623 -33.19 -20.67 0.27
CA VAL A 623 -33.50 -21.05 1.65
C VAL A 623 -34.26 -19.91 2.31
N PRO A 624 -35.05 -20.23 3.34
CA PRO A 624 -35.67 -19.17 4.14
C PRO A 624 -34.60 -18.37 4.89
N VAL A 625 -34.88 -17.08 5.05
CA VAL A 625 -33.91 -16.19 5.70
C VAL A 625 -33.77 -16.54 7.17
N ASP A 626 -34.88 -16.81 7.86
CA ASP A 626 -34.82 -17.16 9.27
C ASP A 626 -34.17 -18.52 9.50
N LYS A 627 -34.12 -19.36 8.46
CA LYS A 627 -33.57 -20.70 8.57
C LYS A 627 -32.04 -20.71 8.45
N ILE A 628 -31.43 -19.59 8.08
CA ILE A 628 -29.97 -19.51 7.99
C ILE A 628 -29.33 -19.79 9.33
N GLY A 629 -29.99 -19.45 10.43
CA GLY A 629 -29.48 -19.77 11.75
C GLY A 629 -29.25 -21.26 11.95
N GLU A 630 -30.04 -22.09 11.25
CA GLU A 630 -29.82 -23.53 11.25
C GLU A 630 -28.83 -23.98 10.19
N VAL A 631 -28.69 -23.23 9.10
CA VAL A 631 -27.82 -23.65 8.01
C VAL A 631 -26.35 -23.39 8.38
N ILE A 632 -26.03 -22.15 8.75
CA ILE A 632 -24.65 -21.77 9.03
C ILE A 632 -24.38 -21.57 10.52
N GLY A 633 -25.39 -21.16 11.28
CA GLY A 633 -25.21 -20.92 12.70
C GLY A 633 -24.39 -19.67 12.97
N PRO A 634 -23.85 -19.56 14.19
CA PRO A 634 -23.03 -18.39 14.58
C PRO A 634 -21.62 -18.42 13.98
N LYS A 635 -21.54 -18.49 12.66
CA LYS A 635 -20.27 -18.49 11.92
C LYS A 635 -19.36 -19.61 12.43
N GLY A 636 -19.80 -20.85 12.23
CA GLY A 636 -19.19 -22.01 12.81
C GLY A 636 -18.07 -22.58 11.98
N LYS A 637 -17.44 -23.62 12.52
CA LYS A 637 -16.32 -24.31 11.89
C LYS A 637 -16.84 -25.48 11.04
N VAL A 638 -15.91 -26.38 10.67
CA VAL A 638 -16.17 -27.59 9.89
C VAL A 638 -16.34 -27.23 8.42
N ILE A 639 -16.73 -25.99 8.15
CA ILE A 639 -16.84 -25.52 6.77
C ILE A 639 -15.48 -25.55 6.08
N ASN A 640 -14.44 -25.10 6.78
CA ASN A 640 -13.09 -25.14 6.21
C ASN A 640 -12.60 -26.58 6.05
N ALA A 641 -12.94 -27.46 6.99
CA ALA A 641 -12.55 -28.86 6.86
C ALA A 641 -13.21 -29.50 5.65
N ILE A 642 -14.49 -29.23 5.42
CA ILE A 642 -15.17 -29.78 4.25
C ILE A 642 -14.61 -29.13 2.98
N THR A 643 -14.17 -27.88 3.06
CA THR A 643 -13.51 -27.24 1.93
C THR A 643 -12.23 -27.98 1.56
N GLU A 644 -11.41 -28.30 2.56
CA GLU A 644 -10.17 -29.01 2.29
C GLU A 644 -10.43 -30.42 1.77
N GLU A 645 -11.40 -31.11 2.36
CA GLU A 645 -11.59 -32.53 2.05
C GLU A 645 -12.36 -32.76 0.76
N THR A 646 -13.24 -31.84 0.34
CA THR A 646 -14.04 -32.04 -0.87
C THR A 646 -13.92 -30.90 -1.87
N GLY A 647 -13.71 -29.67 -1.39
CA GLY A 647 -13.59 -28.55 -2.30
C GLY A 647 -14.78 -27.60 -2.24
N ALA A 648 -15.39 -27.48 -1.07
CA ALA A 648 -16.51 -26.57 -0.85
C ALA A 648 -15.94 -25.25 -0.34
N GLN A 649 -15.26 -24.53 -1.23
CA GLN A 649 -14.62 -23.26 -0.86
C GLN A 649 -15.65 -22.14 -0.84
N ILE A 650 -16.71 -22.32 -0.06
CA ILE A 650 -17.68 -21.28 0.20
C ILE A 650 -17.37 -20.67 1.56
N SER A 651 -17.61 -19.37 1.68
CA SER A 651 -17.41 -18.66 2.93
C SER A 651 -18.65 -17.86 3.28
N ILE A 652 -18.59 -17.16 4.41
CA ILE A 652 -19.71 -16.37 4.91
C ILE A 652 -20.04 -15.30 3.88
N GLU A 653 -21.28 -15.29 3.39
CA GLU A 653 -21.71 -14.32 2.40
C GLU A 653 -22.34 -13.11 3.10
N ASP A 654 -22.14 -11.93 2.51
CA ASP A 654 -22.73 -10.72 3.06
C ASP A 654 -24.25 -10.74 2.96
N ASP A 655 -24.78 -11.26 1.84
CA ASP A 655 -26.23 -11.30 1.66
C ASP A 655 -26.89 -12.33 2.55
N GLY A 656 -26.14 -13.30 3.08
CA GLY A 656 -26.67 -14.34 3.93
C GLY A 656 -27.04 -15.62 3.21
N THR A 657 -27.86 -15.53 2.16
CA THR A 657 -28.22 -16.69 1.36
C THR A 657 -26.97 -17.24 0.69
N VAL A 658 -26.57 -18.44 1.08
CA VAL A 658 -25.27 -18.99 0.70
C VAL A 658 -25.44 -19.80 -0.58
N PHE A 659 -24.61 -19.50 -1.58
CA PHE A 659 -24.55 -20.25 -2.82
C PHE A 659 -23.22 -21.01 -2.83
N VAL A 660 -23.26 -22.28 -2.45
CA VAL A 660 -22.04 -23.07 -2.36
C VAL A 660 -21.60 -23.48 -3.77
N GLY A 661 -20.30 -23.48 -4.00
CA GLY A 661 -19.75 -23.92 -5.28
C GLY A 661 -18.52 -24.78 -5.07
N ALA A 662 -18.20 -25.53 -6.12
CA ALA A 662 -17.01 -26.37 -6.13
C ALA A 662 -16.47 -26.43 -7.55
N THR A 663 -15.15 -26.54 -7.67
CA THR A 663 -14.50 -26.44 -8.97
C THR A 663 -14.95 -27.55 -9.90
N ASP A 664 -14.99 -28.79 -9.41
CA ASP A 664 -15.31 -29.94 -10.25
C ASP A 664 -16.81 -30.22 -10.20
N GLY A 665 -17.36 -30.61 -11.34
CA GLY A 665 -18.78 -30.84 -11.48
C GLY A 665 -19.31 -31.91 -10.55
N PRO A 666 -18.79 -33.14 -10.65
CA PRO A 666 -19.18 -34.18 -9.68
C PRO A 666 -18.92 -33.78 -8.25
N SER A 667 -17.80 -33.09 -7.98
CA SER A 667 -17.55 -32.60 -6.63
C SER A 667 -18.59 -31.57 -6.22
N ALA A 668 -19.02 -30.72 -7.16
CA ALA A 668 -20.07 -29.76 -6.86
C ALA A 668 -21.38 -30.46 -6.52
N GLN A 669 -21.73 -31.52 -7.27
CA GLN A 669 -22.96 -32.24 -6.98
C GLN A 669 -22.88 -32.94 -5.63
N ALA A 670 -21.75 -33.56 -5.33
CA ALA A 670 -21.57 -34.22 -4.03
C ALA A 670 -21.64 -33.21 -2.91
N ALA A 671 -21.07 -32.02 -3.11
CA ALA A 671 -21.17 -30.96 -2.12
C ALA A 671 -22.62 -30.54 -1.92
N ILE A 672 -23.37 -30.39 -3.02
CA ILE A 672 -24.78 -30.07 -2.91
C ILE A 672 -25.48 -31.10 -2.03
N ASP A 673 -25.25 -32.38 -2.30
CA ASP A 673 -25.92 -33.42 -1.52
C ASP A 673 -25.52 -33.36 -0.05
N LYS A 674 -24.23 -33.24 0.25
CA LYS A 674 -23.82 -33.38 1.64
C LYS A 674 -24.22 -32.15 2.45
N ILE A 675 -24.14 -30.95 1.86
CA ILE A 675 -24.59 -29.76 2.57
C ILE A 675 -26.11 -29.76 2.73
N ASN A 676 -26.83 -30.22 1.70
CA ASN A 676 -28.27 -30.36 1.86
C ASN A 676 -28.63 -31.40 2.91
N ALA A 677 -27.70 -32.32 3.19
CA ALA A 677 -27.94 -33.34 4.22
C ALA A 677 -27.59 -32.82 5.61
N ILE A 678 -26.56 -32.01 5.72
CA ILE A 678 -26.05 -31.63 7.05
C ILE A 678 -26.70 -30.34 7.54
N ALA A 679 -26.99 -29.40 6.64
CA ALA A 679 -27.39 -28.04 7.03
C ALA A 679 -28.80 -27.99 7.60
N ASN A 680 -29.70 -28.84 7.10
CA ASN A 680 -31.13 -28.66 7.38
C ASN A 680 -31.69 -29.87 8.12
N PRO A 681 -32.74 -29.71 8.93
CA PRO A 681 -33.49 -30.87 9.43
C PRO A 681 -34.55 -31.30 8.44
N GLN A 682 -34.09 -31.84 7.32
CA GLN A 682 -34.94 -32.11 6.16
C GLN A 682 -36.07 -33.08 6.50
N LEU A 683 -37.21 -32.86 5.89
CA LEU A 683 -38.37 -33.70 6.15
C LEU A 683 -38.07 -35.15 5.73
N PRO A 684 -38.54 -36.14 6.49
CA PRO A 684 -38.33 -37.53 6.09
C PRO A 684 -39.16 -37.87 4.86
N THR A 685 -38.70 -37.39 3.70
CA THR A 685 -39.39 -37.56 2.44
C THR A 685 -39.12 -38.96 1.87
N VAL A 686 -39.57 -39.19 0.65
CA VAL A 686 -39.39 -40.49 0.00
C VAL A 686 -37.91 -40.65 -0.32
N GLY A 687 -37.29 -41.71 0.20
CA GLY A 687 -35.88 -41.95 -0.01
C GLY A 687 -34.95 -41.03 0.73
N GLU A 688 -35.43 -40.36 1.77
CA GLU A 688 -34.61 -39.42 2.53
C GLU A 688 -33.77 -40.18 3.55
N ARG A 689 -32.47 -39.92 3.56
CA ARG A 689 -31.55 -40.50 4.53
C ARG A 689 -30.83 -39.39 5.26
N PHE A 690 -30.42 -39.66 6.50
CA PHE A 690 -29.78 -38.68 7.36
C PHE A 690 -28.29 -38.98 7.46
N LEU A 691 -27.47 -38.04 7.02
CA LEU A 691 -26.02 -38.15 7.07
C LEU A 691 -25.48 -36.92 7.79
N GLY A 692 -25.45 -36.98 9.11
CA GLY A 692 -24.89 -35.93 9.94
C GLY A 692 -23.54 -36.31 10.52
N THR A 693 -23.21 -35.68 11.64
CA THR A 693 -21.99 -36.00 12.36
C THR A 693 -22.34 -36.81 13.59
N VAL A 694 -22.18 -38.13 13.50
CA VAL A 694 -22.52 -39.02 14.60
C VAL A 694 -21.28 -39.23 15.46
N VAL A 695 -21.27 -38.59 16.63
CA VAL A 695 -20.13 -38.65 17.53
C VAL A 695 -20.40 -39.57 18.73
N LYS A 696 -21.65 -39.65 19.18
CA LYS A 696 -22.00 -40.38 20.38
C LYS A 696 -23.30 -41.15 20.17
N THR A 697 -23.31 -42.41 20.59
CA THR A 697 -24.51 -43.25 20.63
C THR A 697 -24.52 -43.97 21.97
N THR A 698 -25.66 -43.94 22.66
CA THR A 698 -25.78 -44.53 23.98
C THR A 698 -27.06 -45.36 24.03
N ASP A 699 -27.27 -46.05 25.15
CA ASP A 699 -28.42 -46.92 25.32
C ASP A 699 -29.46 -46.41 26.32
N PHE A 700 -29.13 -45.39 27.12
CA PHE A 700 -30.07 -44.79 28.06
C PHE A 700 -30.84 -43.65 27.40
N GLY A 701 -30.94 -43.67 26.08
CA GLY A 701 -31.62 -42.63 25.35
C GLY A 701 -30.91 -42.35 24.04
N ALA A 702 -31.18 -41.16 23.50
CA ALA A 702 -30.54 -40.73 22.26
C ALA A 702 -30.43 -39.22 22.27
N PHE A 703 -29.39 -38.70 21.63
CA PHE A 703 -29.12 -37.27 21.59
C PHE A 703 -28.54 -36.91 20.22
N VAL A 704 -29.09 -35.88 19.60
CA VAL A 704 -28.62 -35.38 18.31
C VAL A 704 -28.02 -34.00 18.56
N SER A 705 -26.71 -33.94 18.72
CA SER A 705 -26.00 -32.69 18.98
C SER A 705 -25.56 -32.10 17.64
N LEU A 706 -26.55 -31.72 16.83
CA LEU A 706 -26.27 -31.12 15.54
C LEU A 706 -25.60 -29.76 15.71
N LEU A 707 -26.31 -28.81 16.31
CA LEU A 707 -25.80 -27.48 16.59
C LEU A 707 -26.23 -27.05 17.99
N PRO A 708 -25.45 -26.19 18.64
CA PRO A 708 -25.83 -25.73 19.98
C PRO A 708 -27.09 -24.89 19.94
N GLY A 709 -27.80 -24.84 21.07
CA GLY A 709 -29.02 -24.08 21.20
C GLY A 709 -30.30 -24.85 20.94
N ARG A 710 -30.39 -25.59 19.85
CA ARG A 710 -31.59 -26.32 19.48
C ARG A 710 -31.24 -27.79 19.26
N ASP A 711 -32.19 -28.67 19.56
CA ASP A 711 -32.00 -30.12 19.41
C ASP A 711 -33.09 -30.68 18.51
N GLY A 712 -32.74 -31.70 17.74
CA GLY A 712 -33.69 -32.36 16.86
C GLY A 712 -34.85 -32.97 17.62
N LEU A 713 -36.07 -32.65 17.20
CA LEU A 713 -37.26 -33.15 17.89
C LEU A 713 -37.41 -34.64 17.64
N VAL A 714 -37.71 -35.39 18.70
CA VAL A 714 -37.90 -36.84 18.65
C VAL A 714 -39.19 -37.17 19.36
N HIS A 715 -39.72 -38.37 19.12
CA HIS A 715 -40.94 -38.80 19.79
C HIS A 715 -40.63 -39.95 20.74
N ILE A 716 -41.11 -39.84 21.98
CA ILE A 716 -40.74 -40.79 23.02
C ILE A 716 -41.36 -42.16 22.75
N SER A 717 -42.60 -42.19 22.27
CA SER A 717 -43.29 -43.47 22.14
C SER A 717 -43.07 -44.11 20.78
N LYS A 718 -42.59 -43.34 19.80
CA LYS A 718 -42.24 -43.91 18.51
C LYS A 718 -40.88 -44.59 18.55
N LEU A 719 -40.09 -44.32 19.59
CA LEU A 719 -38.77 -44.95 19.70
C LEU A 719 -38.79 -46.09 20.70
N GLY A 720 -39.57 -45.94 21.77
CA GLY A 720 -39.68 -46.93 22.82
C GLY A 720 -40.84 -47.90 22.71
N LYS A 721 -41.61 -47.83 21.63
CA LYS A 721 -42.77 -48.71 21.41
C LYS A 721 -43.78 -48.58 22.55
N GLY A 722 -43.95 -47.37 23.06
CA GLY A 722 -44.87 -47.13 24.15
C GLY A 722 -44.53 -47.83 25.45
N LYS A 723 -43.25 -48.00 25.75
CA LYS A 723 -42.80 -48.61 26.99
C LYS A 723 -41.68 -47.77 27.59
N ARG A 724 -41.72 -47.62 28.91
CA ARG A 724 -40.69 -46.87 29.62
C ARG A 724 -39.67 -47.80 30.24
N ILE A 725 -38.54 -47.23 30.64
CA ILE A 725 -37.42 -47.96 31.23
C ILE A 725 -37.27 -47.50 32.68
N ALA A 726 -36.79 -48.40 33.54
CA ALA A 726 -36.66 -48.10 34.96
C ALA A 726 -35.22 -47.76 35.35
N LYS A 727 -34.27 -48.58 34.92
CA LYS A 727 -32.87 -48.40 35.27
C LYS A 727 -31.99 -48.71 34.07
N VAL A 728 -30.71 -48.32 34.17
CA VAL A 728 -29.75 -48.51 33.09
C VAL A 728 -28.84 -49.68 33.42
N GLU A 729 -28.53 -49.86 34.71
CA GLU A 729 -27.56 -50.86 35.11
C GLU A 729 -28.19 -52.25 35.15
N ASP A 730 -29.25 -52.42 35.95
CA ASP A 730 -29.81 -53.75 36.15
C ASP A 730 -30.92 -54.08 35.18
N VAL A 731 -31.81 -53.12 34.89
CA VAL A 731 -32.98 -53.37 34.05
C VAL A 731 -32.54 -53.68 32.62
N VAL A 732 -31.59 -52.91 32.11
CA VAL A 732 -31.13 -53.08 30.73
C VAL A 732 -30.30 -54.37 30.66
N ASN A 733 -30.87 -55.41 30.05
CA ASN A 733 -30.20 -56.69 29.93
C ASN A 733 -29.21 -56.67 28.77
N VAL A 734 -28.19 -57.51 28.89
CA VAL A 734 -27.19 -57.69 27.82
C VAL A 734 -27.79 -58.66 26.81
N GLY A 735 -28.16 -58.16 25.64
CA GLY A 735 -28.81 -58.98 24.64
C GLY A 735 -30.01 -58.30 24.02
N ASP A 736 -30.19 -57.01 24.31
CA ASP A 736 -31.34 -56.27 23.83
C ASP A 736 -31.19 -56.04 22.32
N LYS A 737 -31.90 -56.86 21.54
CA LYS A 737 -31.91 -56.69 20.09
C LYS A 737 -32.80 -55.49 19.73
N LEU A 738 -32.17 -54.36 19.44
CA LEU A 738 -32.89 -53.11 19.20
C LEU A 738 -33.42 -53.12 17.77
N ARG A 739 -34.57 -53.76 17.58
CA ARG A 739 -35.30 -53.68 16.31
C ARG A 739 -36.28 -52.53 16.41
N VAL A 740 -35.76 -51.31 16.48
CA VAL A 740 -36.57 -50.10 16.61
C VAL A 740 -36.39 -49.27 15.34
N GLU A 741 -37.50 -49.00 14.66
CA GLU A 741 -37.51 -48.16 13.47
C GLU A 741 -38.62 -47.14 13.58
N ILE A 742 -38.33 -45.88 13.24
CA ILE A 742 -39.34 -44.84 13.25
C ILE A 742 -40.34 -45.08 12.14
N ALA A 743 -41.62 -44.89 12.44
CA ALA A 743 -42.69 -45.15 11.49
C ALA A 743 -43.20 -43.89 10.80
N ASP A 744 -43.47 -42.83 11.57
CA ASP A 744 -44.03 -41.61 11.00
C ASP A 744 -43.42 -40.41 11.71
N ILE A 745 -43.08 -39.37 10.94
CA ILE A 745 -42.63 -38.10 11.48
C ILE A 745 -43.45 -37.00 10.83
N ASP A 746 -44.26 -36.30 11.63
CA ASP A 746 -45.16 -35.28 11.13
C ASP A 746 -44.56 -33.89 11.30
N LYS A 747 -45.17 -32.89 10.67
CA LYS A 747 -44.62 -31.55 10.65
C LYS A 747 -45.31 -30.59 11.62
N ARG A 748 -46.05 -31.11 12.61
CA ARG A 748 -46.70 -30.22 13.58
C ARG A 748 -45.69 -29.50 14.46
N GLY A 749 -44.54 -30.10 14.73
CA GLY A 749 -43.56 -29.51 15.61
C GLY A 749 -43.74 -29.81 17.07
N LYS A 750 -44.55 -30.80 17.42
CA LYS A 750 -44.81 -31.18 18.80
C LYS A 750 -44.85 -32.70 18.93
N ILE A 751 -45.16 -33.19 20.12
CA ILE A 751 -45.27 -34.62 20.36
C ILE A 751 -46.65 -34.92 20.94
N SER A 752 -47.47 -35.62 20.15
CA SER A 752 -48.80 -36.05 20.57
C SER A 752 -49.29 -37.18 19.68
N LEU A 753 -49.68 -38.28 20.31
CA LEU A 753 -50.24 -39.44 19.61
C LEU A 753 -51.75 -39.47 19.84
N ILE A 754 -52.38 -40.54 19.36
CA ILE A 754 -53.82 -40.71 19.49
C ILE A 754 -54.20 -40.92 20.95
N ALA B 25 32.46 -3.34 30.73
CA ALA B 25 33.72 -4.06 30.75
C ALA B 25 34.51 -3.82 29.48
N GLU B 26 35.78 -4.24 29.47
CA GLU B 26 36.64 -4.14 28.30
C GLU B 26 36.84 -5.55 27.76
N ILE B 27 35.92 -6.00 26.90
CA ILE B 27 35.95 -7.33 26.32
C ILE B 27 36.62 -7.34 24.96
N ASP B 28 37.24 -6.23 24.56
CA ASP B 28 37.92 -6.15 23.27
C ASP B 28 38.91 -5.00 23.32
N GLU B 29 39.92 -5.07 22.45
CA GLU B 29 40.90 -4.02 22.30
C GLU B 29 40.42 -3.08 21.19
N GLY B 30 40.12 -1.84 21.56
CA GLY B 30 39.61 -0.86 20.62
C GLY B 30 38.15 -0.53 20.76
N VAL B 31 37.44 -1.13 21.72
CA VAL B 31 36.04 -0.82 21.97
C VAL B 31 35.96 0.01 23.25
N PHE B 32 35.53 1.26 23.10
CA PHE B 32 35.46 2.20 24.23
C PHE B 32 34.01 2.36 24.66
N GLU B 33 33.79 2.30 25.98
CA GLU B 33 32.48 2.45 26.55
C GLU B 33 32.55 3.40 27.74
N THR B 34 31.38 3.91 28.13
CA THR B 34 31.28 4.83 29.26
C THR B 34 29.92 4.64 29.90
N THR B 35 29.56 5.56 30.79
CA THR B 35 28.30 5.47 31.52
C THR B 35 27.67 6.86 31.61
N ALA B 36 26.36 6.87 31.88
CA ALA B 36 25.61 8.10 32.10
C ALA B 36 24.61 7.81 33.21
N THR B 37 24.97 8.15 34.44
CA THR B 37 24.15 7.83 35.60
C THR B 37 23.27 9.01 35.96
N ILE B 38 22.04 8.71 36.38
CA ILE B 38 21.06 9.70 36.78
C ILE B 38 20.42 9.25 38.08
N ASP B 39 20.24 10.19 39.01
CA ASP B 39 19.70 9.86 40.32
C ASP B 39 18.19 9.63 40.28
N ASN B 40 17.45 10.55 39.65
CA ASN B 40 15.99 10.54 39.64
C ASN B 40 15.40 10.41 41.05
N GLY B 41 16.14 10.88 42.05
CA GLY B 41 15.65 10.83 43.42
C GLY B 41 15.37 9.41 43.87
N SER B 42 14.21 9.21 44.46
CA SER B 42 13.81 7.93 45.02
C SER B 42 12.97 7.10 44.05
N PHE B 43 12.77 7.56 42.82
CA PHE B 43 11.95 6.87 41.83
C PHE B 43 12.77 5.88 40.99
N GLY B 44 13.88 5.39 41.50
CA GLY B 44 14.70 4.45 40.76
C GLY B 44 15.78 5.13 39.94
N THR B 45 16.87 4.42 39.74
CA THR B 45 18.02 4.91 38.98
C THR B 45 18.22 4.01 37.77
N ARG B 46 18.32 4.64 36.59
CA ARG B 46 18.50 3.92 35.33
C ARG B 46 19.79 4.39 34.69
N THR B 47 20.78 3.50 34.64
CA THR B 47 22.06 3.80 34.02
C THR B 47 21.91 3.87 32.50
N ILE B 48 22.70 4.74 31.88
CA ILE B 48 22.74 4.91 30.44
C ILE B 48 24.17 4.70 29.98
N ARG B 49 24.36 3.84 28.98
CA ARG B 49 25.69 3.48 28.51
C ARG B 49 25.76 3.59 26.99
N PHE B 50 26.89 4.10 26.51
CA PHE B 50 27.22 4.07 25.09
C PHE B 50 28.56 3.39 24.91
N GLU B 51 28.62 2.42 24.00
CA GLU B 51 29.86 1.77 23.64
C GLU B 51 30.01 1.77 22.12
N THR B 52 31.22 2.04 21.65
CA THR B 52 31.49 2.26 20.24
C THR B 52 32.56 1.30 19.75
N GLY B 53 32.47 0.94 18.47
CA GLY B 53 33.46 0.13 17.81
C GLY B 53 33.09 -1.34 17.67
N ARG B 54 32.11 -1.81 18.44
CA ARG B 54 31.77 -3.23 18.37
C ARG B 54 30.94 -3.57 17.15
N LEU B 55 30.15 -2.61 16.64
CA LEU B 55 29.27 -2.85 15.51
C LEU B 55 29.37 -1.69 14.54
N ALA B 56 29.05 -1.96 13.28
CA ALA B 56 29.00 -0.95 12.22
C ALA B 56 30.36 -0.23 12.08
N LEU B 57 31.39 -1.03 11.84
CA LEU B 57 32.75 -0.50 11.78
C LEU B 57 32.95 0.43 10.59
N GLN B 58 32.33 0.13 9.45
CA GLN B 58 32.64 0.86 8.23
C GLN B 58 32.08 2.27 8.24
N ALA B 59 30.88 2.48 8.79
CA ALA B 59 30.30 3.82 8.83
C ALA B 59 31.10 4.72 9.77
N ALA B 60 31.12 6.01 9.45
CA ALA B 60 31.86 7.01 10.22
C ALA B 60 31.05 7.37 11.47
N GLY B 61 31.08 6.46 12.44
CA GLY B 61 30.32 6.63 13.66
C GLY B 61 29.51 5.40 13.98
N ALA B 62 29.76 4.80 15.14
CA ALA B 62 29.21 3.48 15.46
C ALA B 62 28.70 3.43 16.89
N VAL B 63 27.99 4.47 17.32
CA VAL B 63 27.53 4.54 18.70
C VAL B 63 26.26 3.70 18.86
N VAL B 64 26.22 2.89 19.92
CA VAL B 64 25.01 2.22 20.35
C VAL B 64 24.63 2.77 21.71
N ALA B 65 23.41 2.46 22.15
CA ALA B 65 22.89 3.00 23.40
C ALA B 65 22.22 1.92 24.21
N TYR B 66 22.33 2.03 25.53
CA TYR B 66 21.69 1.12 26.48
C TYR B 66 20.87 1.91 27.49
N LEU B 67 19.70 1.38 27.83
CA LEU B 67 18.91 1.86 28.96
C LEU B 67 18.51 0.66 29.80
N ASP B 68 18.93 0.65 31.06
CA ASP B 68 18.61 -0.39 32.04
C ASP B 68 19.07 -1.76 31.49
N ASP B 69 20.10 -1.74 30.64
CA ASP B 69 20.68 -2.94 30.03
C ASP B 69 19.63 -3.80 29.32
N ASP B 70 18.48 -3.22 28.99
CA ASP B 70 17.42 -3.92 28.27
C ASP B 70 16.92 -3.18 27.03
N ASN B 71 17.46 -2.01 26.73
CA ASN B 71 17.09 -1.24 25.55
C ASN B 71 18.32 -1.01 24.69
N MET B 72 18.19 -1.22 23.38
CA MET B 72 19.32 -1.16 22.47
C MET B 72 18.91 -0.46 21.18
N LEU B 73 19.57 0.64 20.87
CA LEU B 73 19.50 1.25 19.55
C LEU B 73 20.92 1.50 19.05
N LEU B 74 21.10 1.42 17.74
CA LEU B 74 22.39 1.66 17.10
C LEU B 74 22.27 2.85 16.16
N SER B 75 23.17 3.81 16.31
CA SER B 75 23.16 5.03 15.51
C SER B 75 24.39 5.06 14.61
N ALA B 76 24.21 5.47 13.36
CA ALA B 76 25.28 5.52 12.39
C ALA B 76 25.17 6.79 11.55
N THR B 77 26.30 7.42 11.28
CA THR B 77 26.37 8.60 10.43
C THR B 77 27.38 8.34 9.33
N THR B 78 26.99 8.62 8.09
CA THR B 78 27.83 8.37 6.92
C THR B 78 27.88 9.63 6.08
N ALA B 79 29.08 10.04 5.68
CA ALA B 79 29.29 11.25 4.90
C ALA B 79 29.64 10.89 3.47
N SER B 80 28.93 11.50 2.53
CA SER B 80 29.21 11.26 1.11
C SER B 80 30.48 12.00 0.70
N LYS B 81 31.43 11.25 0.14
CA LYS B 81 32.71 11.86 -0.24
C LYS B 81 32.54 12.86 -1.37
N ASN B 82 31.74 12.53 -2.37
CA ASN B 82 31.59 13.40 -3.53
C ASN B 82 30.73 14.61 -3.18
N PRO B 83 31.23 15.83 -3.39
CA PRO B 83 30.41 17.02 -3.09
C PRO B 83 29.20 17.13 -3.99
N LYS B 84 28.15 17.74 -3.45
CA LYS B 84 26.92 18.01 -4.18
C LYS B 84 26.88 19.48 -4.56
N GLU B 85 26.57 19.76 -5.82
CA GLU B 85 26.59 21.11 -6.35
C GLU B 85 25.20 21.72 -6.51
N HIS B 86 24.29 21.00 -7.17
CA HIS B 86 22.96 21.55 -7.44
C HIS B 86 22.18 21.87 -6.17
N PHE B 87 22.47 21.19 -5.06
CA PHE B 87 21.81 21.50 -3.80
C PHE B 87 22.24 22.89 -3.32
N ASP B 88 21.30 23.57 -2.65
CA ASP B 88 21.55 24.88 -2.06
C ASP B 88 21.30 24.92 -0.56
N PHE B 89 20.52 24.00 -0.01
CA PHE B 89 20.28 23.90 1.41
C PHE B 89 21.21 22.84 2.01
N PHE B 90 20.97 22.50 3.28
CA PHE B 90 21.71 21.41 3.92
C PHE B 90 20.91 20.13 3.79
N PRO B 91 21.40 19.13 3.07
CA PRO B 91 20.61 17.91 2.82
C PRO B 91 20.80 16.85 3.91
N LEU B 92 20.53 17.23 5.16
CA LEU B 92 20.59 16.31 6.28
C LEU B 92 19.30 15.51 6.29
N THR B 93 19.37 14.26 5.82
CA THR B 93 18.22 13.37 5.77
C THR B 93 18.37 12.34 6.89
N VAL B 94 17.51 12.40 7.89
CA VAL B 94 17.52 11.47 8.99
C VAL B 94 16.34 10.51 8.84
N ASP B 95 16.49 9.31 9.41
CA ASP B 95 15.46 8.29 9.29
C ASP B 95 15.68 7.26 10.39
N VAL B 96 14.58 6.73 10.92
CA VAL B 96 14.61 5.72 11.96
C VAL B 96 13.99 4.44 11.41
N GLU B 97 14.75 3.35 11.44
CA GLU B 97 14.25 2.06 11.00
C GLU B 97 13.64 1.38 12.22
N GLU B 98 12.36 1.66 12.47
CA GLU B 98 11.65 1.11 13.62
C GLU B 98 11.37 -0.36 13.34
N ARG B 99 12.39 -1.19 13.54
CA ARG B 99 12.28 -2.60 13.26
C ARG B 99 11.26 -3.27 14.18
N MET B 100 10.36 -4.06 13.58
CA MET B 100 9.25 -4.63 14.32
C MET B 100 9.69 -5.72 15.30
N TYR B 101 10.89 -6.27 15.12
CA TYR B 101 11.33 -7.39 15.94
C TYR B 101 11.99 -6.98 17.25
N ALA B 102 11.99 -5.68 17.58
CA ALA B 102 12.53 -5.27 18.86
C ALA B 102 11.70 -5.85 20.00
N ALA B 103 10.37 -5.83 19.86
CA ALA B 103 9.49 -6.61 20.71
C ALA B 103 9.24 -7.97 20.08
N GLY B 104 8.82 -8.93 20.90
CA GLY B 104 8.66 -10.29 20.43
C GLY B 104 7.38 -10.51 19.65
N ARG B 105 7.31 -9.97 18.44
CA ARG B 105 6.12 -10.08 17.63
C ARG B 105 6.48 -9.98 16.15
N ILE B 106 5.53 -10.35 15.30
CA ILE B 106 5.70 -10.39 13.85
C ILE B 106 4.81 -9.32 13.24
N PRO B 107 5.24 -8.63 12.19
CA PRO B 107 4.35 -7.64 11.56
C PRO B 107 3.05 -8.27 11.08
N GLY B 108 1.96 -7.54 11.25
CA GLY B 108 0.63 -7.98 10.88
C GLY B 108 0.20 -7.62 9.48
N SER B 109 1.11 -7.12 8.65
CA SER B 109 0.75 -6.70 7.31
C SER B 109 0.52 -7.91 6.41
N PHE B 110 -0.01 -7.64 5.21
CA PHE B 110 -0.26 -8.67 4.23
C PHE B 110 1.00 -9.33 3.72
N PHE B 111 2.17 -8.73 3.94
CA PHE B 111 3.43 -9.26 3.44
C PHE B 111 4.41 -9.60 4.57
N ARG B 112 3.99 -9.50 5.82
CA ARG B 112 4.82 -9.85 6.98
C ARG B 112 6.16 -9.11 6.95
N ARG B 113 6.09 -7.80 6.80
CA ARG B 113 7.28 -6.97 6.73
C ARG B 113 6.89 -5.53 7.05
N GLU B 114 7.70 -4.85 7.84
CA GLU B 114 7.44 -3.46 8.13
C GLU B 114 7.50 -2.63 6.85
N GLY B 115 6.46 -1.82 6.63
CA GLY B 115 6.38 -1.03 5.43
C GLY B 115 6.95 0.36 5.63
N ARG B 116 6.21 1.39 5.21
CA ARG B 116 6.64 2.75 5.47
C ARG B 116 6.63 3.00 6.97
N PRO B 117 7.55 3.81 7.49
CA PRO B 117 7.57 4.08 8.94
C PRO B 117 6.25 4.68 9.40
N SER B 118 5.81 4.25 10.57
CA SER B 118 4.49 4.62 11.08
C SER B 118 4.52 6.06 11.59
N THR B 119 3.39 6.50 12.16
CA THR B 119 3.28 7.87 12.63
C THR B 119 4.29 8.17 13.74
N ASP B 120 4.45 7.25 14.69
CA ASP B 120 5.39 7.48 15.79
C ASP B 120 6.82 7.51 15.29
N ALA B 121 7.14 6.69 14.28
CA ALA B 121 8.47 6.74 13.70
C ALA B 121 8.76 8.09 13.05
N ILE B 122 7.77 8.63 12.33
CA ILE B 122 7.95 9.95 11.73
C ILE B 122 8.06 11.02 12.80
N LEU B 123 7.31 10.86 13.89
CA LEU B 123 7.42 11.80 15.00
C LEU B 123 8.83 11.80 15.59
N THR B 124 9.40 10.61 15.81
CA THR B 124 10.76 10.53 16.30
C THR B 124 11.76 11.07 15.28
N CYS B 125 11.48 10.87 14.00
CA CYS B 125 12.33 11.40 12.94
C CYS B 125 12.38 12.93 12.98
N ARG B 126 11.22 13.56 13.15
CA ARG B 126 11.20 15.00 13.32
C ARG B 126 11.80 15.41 14.65
N LEU B 127 11.67 14.56 15.67
CA LEU B 127 12.23 14.86 16.98
C LEU B 127 13.75 14.94 16.92
N ILE B 128 14.36 14.07 16.13
CA ILE B 128 15.82 14.08 16.00
C ILE B 128 16.29 15.12 15.00
N ASP B 129 15.58 15.26 13.88
CA ASP B 129 16.02 16.19 12.84
C ASP B 129 15.88 17.64 13.27
N ARG B 130 14.98 17.95 14.22
CA ARG B 130 14.72 19.35 14.55
C ARG B 130 15.92 20.01 15.20
N PRO B 131 16.45 19.53 16.36
CA PRO B 131 17.58 20.21 17.01
C PRO B 131 18.93 19.70 16.54
N LEU B 132 19.09 19.58 15.24
CA LEU B 132 20.40 19.25 14.68
C LEU B 132 20.83 20.20 13.57
N ARG B 133 19.88 20.65 12.74
CA ARG B 133 20.22 21.52 11.63
C ARG B 133 20.89 22.83 12.07
N PRO B 134 20.37 23.57 13.07
CA PRO B 134 21.10 24.77 13.51
C PRO B 134 22.49 24.47 14.04
N SER B 135 22.69 23.31 14.68
CA SER B 135 23.99 22.95 15.24
C SER B 135 24.89 22.30 14.20
N PHE B 136 25.06 22.97 13.06
CA PHE B 136 25.95 22.51 12.00
C PHE B 136 26.68 23.72 11.42
N VAL B 137 27.83 23.44 10.81
CA VAL B 137 28.61 24.50 10.17
C VAL B 137 27.79 25.06 9.00
N ASP B 138 27.76 26.37 8.88
CA ASP B 138 26.95 27.03 7.86
C ASP B 138 27.46 26.67 6.46
N GLY B 139 26.53 26.59 5.52
CA GLY B 139 26.86 26.34 4.13
C GLY B 139 27.45 24.98 3.83
N LEU B 140 26.94 23.93 4.46
CA LEU B 140 27.38 22.57 4.17
C LEU B 140 26.48 21.95 3.11
N ARG B 141 27.10 21.31 2.11
CA ARG B 141 26.37 20.74 0.99
C ARG B 141 26.54 19.24 0.85
N ASN B 142 27.53 18.65 1.51
CA ASN B 142 27.76 17.22 1.38
C ASN B 142 26.66 16.43 2.09
N GLU B 143 26.09 15.45 1.39
CA GLU B 143 24.96 14.71 1.96
C GLU B 143 25.40 13.97 3.21
N ILE B 144 24.64 14.15 4.28
CA ILE B 144 24.89 13.51 5.57
C ILE B 144 23.59 12.91 6.06
N GLN B 145 23.61 11.61 6.36
CA GLN B 145 22.41 10.93 6.83
C GLN B 145 22.70 10.20 8.13
N ILE B 146 21.76 10.29 9.06
CA ILE B 146 21.82 9.62 10.35
C ILE B 146 20.75 8.53 10.36
N VAL B 147 21.15 7.29 10.66
CA VAL B 147 20.24 6.16 10.74
C VAL B 147 20.22 5.67 12.18
N VAL B 148 19.03 5.56 12.75
CA VAL B 148 18.84 5.12 14.13
C VAL B 148 17.88 3.94 14.08
N THR B 149 18.40 2.74 14.30
CA THR B 149 17.62 1.51 14.23
C THR B 149 17.30 1.00 15.62
N ILE B 150 16.19 0.29 15.74
CA ILE B 150 15.74 -0.26 17.02
C ILE B 150 16.09 -1.74 17.04
N LEU B 151 16.45 -2.25 18.21
CA LEU B 151 16.77 -3.66 18.35
C LEU B 151 16.00 -4.32 19.49
N SER B 152 15.69 -3.55 20.53
CA SER B 152 14.97 -4.08 21.68
C SER B 152 14.31 -2.95 22.43
N LEU B 153 13.06 -3.16 22.84
CA LEU B 153 12.28 -2.14 23.53
C LEU B 153 11.39 -2.83 24.55
N ASP B 154 11.75 -2.71 25.82
CA ASP B 154 10.91 -3.24 26.89
C ASP B 154 9.58 -2.50 26.89
N PRO B 155 8.48 -3.20 27.19
CA PRO B 155 7.17 -2.53 27.24
C PRO B 155 7.14 -1.46 28.33
N GLY B 156 6.43 -0.38 28.04
CA GLY B 156 6.35 0.74 28.95
C GLY B 156 7.46 1.76 28.84
N ASP B 157 8.35 1.63 27.86
CA ASP B 157 9.43 2.59 27.66
C ASP B 157 9.28 3.25 26.30
N LEU B 158 9.81 4.46 26.18
CA LEU B 158 9.70 5.28 24.98
C LEU B 158 11.08 5.48 24.37
N TYR B 159 11.19 5.20 23.07
CA TYR B 159 12.46 5.25 22.35
C TYR B 159 12.70 6.62 21.69
N ASP B 160 12.50 7.68 22.45
CA ASP B 160 12.64 9.04 21.90
C ASP B 160 13.95 9.71 22.31
N VAL B 161 14.21 9.79 23.61
CA VAL B 161 15.29 10.64 24.12
C VAL B 161 16.64 9.95 23.99
N LEU B 162 16.73 8.67 24.37
CA LEU B 162 18.01 8.00 24.20
C LEU B 162 18.36 7.85 22.73
N ALA B 163 17.35 7.86 21.86
CA ALA B 163 17.61 7.83 20.42
C ALA B 163 18.35 9.08 19.97
N ILE B 164 17.83 10.27 20.33
CA ILE B 164 18.49 11.50 19.93
C ILE B 164 19.86 11.62 20.60
N ASN B 165 19.99 11.16 21.85
CA ASN B 165 21.30 11.15 22.50
C ASN B 165 22.29 10.27 21.73
N ALA B 166 21.85 9.08 21.32
CA ALA B 166 22.73 8.16 20.59
C ALA B 166 23.11 8.74 19.24
N ALA B 167 22.16 9.39 18.56
CA ALA B 167 22.48 10.01 17.28
C ALA B 167 23.48 11.14 17.45
N SER B 168 23.33 11.94 18.52
CA SER B 168 24.32 12.98 18.79
C SER B 168 25.70 12.39 19.00
N ALA B 169 25.78 11.31 19.79
CA ALA B 169 27.07 10.65 20.00
C ALA B 169 27.64 10.12 18.69
N SER B 170 26.78 9.53 17.85
CA SER B 170 27.24 9.00 16.56
C SER B 170 27.81 10.10 15.69
N THR B 171 27.09 11.21 15.57
CA THR B 171 27.58 12.31 14.74
C THR B 171 28.82 12.97 15.35
N GLN B 172 28.99 12.89 16.66
CA GLN B 172 30.19 13.45 17.28
C GLN B 172 31.41 12.56 17.04
N LEU B 173 31.22 11.24 17.11
CA LEU B 173 32.35 10.32 16.98
C LEU B 173 32.92 10.27 15.57
N GLY B 174 32.12 10.59 14.55
CA GLY B 174 32.54 10.38 13.18
C GLY B 174 33.52 11.39 12.64
N GLY B 175 33.82 12.45 13.39
CA GLY B 175 34.71 13.48 12.90
C GLY B 175 34.06 14.48 11.98
N LEU B 176 32.74 14.44 11.82
CA LEU B 176 32.04 15.39 10.99
C LEU B 176 32.14 16.80 11.58
N PRO B 177 32.14 17.83 10.75
CA PRO B 177 32.08 19.19 11.28
C PRO B 177 30.78 19.40 12.06
N PHE B 178 30.92 19.65 13.36
CA PHE B 178 29.76 19.71 14.24
C PHE B 178 30.01 20.75 15.32
N SER B 179 28.93 21.41 15.75
CA SER B 179 29.05 22.42 16.80
C SER B 179 29.45 21.80 18.12
N GLY B 180 28.92 20.62 18.43
CA GLY B 180 29.21 19.96 19.68
C GLY B 180 28.10 19.01 20.09
N PRO B 181 28.40 18.06 20.96
CA PRO B 181 27.40 17.06 21.33
C PRO B 181 26.19 17.70 22.00
N ILE B 182 25.03 17.09 21.79
CA ILE B 182 23.79 17.55 22.39
C ILE B 182 23.17 16.42 23.19
N GLY B 183 22.59 16.77 24.33
CA GLY B 183 21.95 15.80 25.20
C GLY B 183 20.45 16.05 25.27
N GLY B 184 19.69 14.96 25.38
CA GLY B 184 18.25 15.06 25.47
C GLY B 184 17.63 14.05 26.39
N VAL B 185 16.83 14.52 27.34
CA VAL B 185 16.14 13.66 28.29
C VAL B 185 14.66 14.02 28.29
N ARG B 186 13.83 13.06 28.72
CA ARG B 186 12.41 13.29 28.92
C ARG B 186 12.15 13.42 30.41
N VAL B 187 11.64 14.57 30.83
CA VAL B 187 11.43 14.88 32.24
C VAL B 187 9.94 15.12 32.45
N ALA B 188 9.38 14.48 33.48
CA ALA B 188 7.96 14.54 33.76
C ALA B 188 7.74 14.96 35.20
N LEU B 189 6.86 15.94 35.41
CA LEU B 189 6.49 16.36 36.75
C LEU B 189 5.55 15.34 37.36
N ILE B 190 5.96 14.74 38.48
CA ILE B 190 5.12 13.81 39.21
C ILE B 190 5.15 14.19 40.69
N ASP B 191 3.96 14.44 41.25
CA ASP B 191 3.81 14.72 42.67
C ASP B 191 4.75 15.83 43.14
N GLY B 192 4.88 16.87 42.33
CA GLY B 192 5.78 17.97 42.64
C GLY B 192 7.25 17.66 42.42
N THR B 193 7.57 16.51 41.83
CA THR B 193 8.96 16.12 41.57
C THR B 193 9.11 15.79 40.10
N TRP B 194 10.33 15.98 39.60
CA TRP B 194 10.65 15.74 38.20
C TRP B 194 11.53 14.50 38.09
N VAL B 195 11.17 13.61 37.18
CA VAL B 195 11.89 12.36 36.96
C VAL B 195 12.29 12.27 35.50
N GLY B 196 13.55 11.93 35.24
CA GLY B 196 14.04 11.77 33.89
C GLY B 196 14.01 10.33 33.43
N PHE B 197 13.84 10.14 32.12
CA PHE B 197 13.70 8.83 31.51
C PHE B 197 12.64 7.98 32.23
N PRO B 198 11.39 8.41 32.22
CA PRO B 198 10.34 7.67 32.91
C PRO B 198 9.73 6.58 32.04
N THR B 199 9.14 5.59 32.72
CA THR B 199 8.39 4.55 32.06
C THR B 199 6.92 4.94 32.00
N VAL B 200 6.13 4.15 31.27
CA VAL B 200 4.75 4.54 31.01
C VAL B 200 3.93 4.64 32.29
N ASP B 201 4.31 3.88 33.32
CA ASP B 201 3.53 3.89 34.56
C ASP B 201 3.58 5.26 35.24
N GLN B 202 4.79 5.79 35.45
CA GLN B 202 4.89 7.13 36.03
C GLN B 202 4.32 8.18 35.10
N ILE B 203 4.46 7.98 33.79
CA ILE B 203 3.91 8.95 32.83
C ILE B 203 2.40 9.05 32.99
N GLU B 204 1.71 7.92 33.12
CA GLU B 204 0.29 7.94 33.42
C GLU B 204 0.04 8.57 34.79
N ARG B 205 0.86 8.24 35.78
CA ARG B 205 0.71 8.84 37.10
C ARG B 205 1.03 10.34 37.07
N ALA B 206 2.02 10.75 36.28
CA ALA B 206 2.38 12.14 36.21
C ALA B 206 1.29 12.95 35.50
N VAL B 207 1.47 14.28 35.50
CA VAL B 207 0.51 15.19 34.89
C VAL B 207 1.11 15.99 33.75
N PHE B 208 2.40 15.86 33.48
CA PHE B 208 3.04 16.71 32.48
C PHE B 208 4.37 16.05 32.09
N ASP B 209 4.53 15.74 30.81
CA ASP B 209 5.76 15.13 30.32
C ASP B 209 6.41 16.06 29.30
N MET B 210 7.71 16.27 29.44
CA MET B 210 8.46 17.18 28.60
C MET B 210 9.74 16.52 28.15
N VAL B 211 10.09 16.72 26.88
CA VAL B 211 11.37 16.28 26.32
C VAL B 211 12.21 17.51 26.03
N VAL B 212 13.39 17.57 26.64
CA VAL B 212 14.28 18.72 26.53
C VAL B 212 15.59 18.25 25.91
N ALA B 213 15.98 18.89 24.81
CA ALA B 213 17.24 18.60 24.14
C ALA B 213 18.06 19.88 24.09
N GLY B 214 19.32 19.79 24.48
CA GLY B 214 20.18 20.96 24.48
C GLY B 214 21.62 20.57 24.59
N ARG B 215 22.49 21.55 24.34
CA ARG B 215 23.93 21.40 24.44
C ARG B 215 24.46 22.23 25.60
N ILE B 216 25.75 22.07 25.87
CA ILE B 216 26.45 22.87 26.86
C ILE B 216 27.57 23.61 26.16
N VAL B 217 27.62 24.93 26.37
CA VAL B 217 28.64 25.78 25.76
C VAL B 217 29.26 26.67 26.83
N GLU B 218 30.58 26.76 26.82
CA GLU B 218 31.34 27.60 27.75
C GLU B 218 31.00 27.26 29.21
N GLY B 219 30.81 25.97 29.49
CA GLY B 219 30.57 25.51 30.84
C GLY B 219 29.16 25.66 31.34
N ASP B 220 28.23 26.12 30.51
CA ASP B 220 26.84 26.29 30.90
C ASP B 220 25.93 25.66 29.86
N VAL B 221 24.90 24.95 30.32
CA VAL B 221 23.95 24.31 29.42
C VAL B 221 23.07 25.36 28.77
N ALA B 222 22.75 25.14 27.49
CA ALA B 222 21.83 25.99 26.75
C ALA B 222 20.70 25.12 26.22
N ILE B 223 19.48 25.46 26.59
CA ILE B 223 18.32 24.70 26.15
C ILE B 223 18.08 24.99 24.68
N MET B 224 18.13 23.95 23.85
CA MET B 224 18.05 24.12 22.41
C MET B 224 16.73 23.65 21.82
N MET B 225 15.90 22.94 22.59
CA MET B 225 14.62 22.48 22.07
C MET B 225 13.78 21.95 23.23
N VAL B 226 12.48 22.23 23.17
CA VAL B 226 11.52 21.74 24.16
C VAL B 226 10.24 21.34 23.43
N GLU B 227 9.69 20.18 23.78
CA GLU B 227 8.42 19.71 23.21
C GLU B 227 7.58 19.17 24.36
N ALA B 228 6.63 19.98 24.83
CA ALA B 228 5.86 19.65 26.03
C ALA B 228 4.69 18.74 25.69
N GLU B 229 3.81 18.54 26.66
CA GLU B 229 2.70 17.59 26.56
C GLU B 229 1.79 17.73 27.76
N ALA B 230 0.59 17.18 27.62
CA ALA B 230 -0.34 16.97 28.71
C ALA B 230 -0.89 15.56 28.59
N THR B 231 -1.02 14.88 29.72
CA THR B 231 -1.35 13.46 29.71
C THR B 231 -2.81 13.25 29.34
N GLU B 232 -3.23 11.99 29.35
CA GLU B 232 -4.58 11.64 28.95
C GLU B 232 -5.60 11.87 30.05
N ASN B 233 -5.16 12.07 31.29
CA ASN B 233 -6.05 12.32 32.42
C ASN B 233 -5.47 13.39 33.33
N VAL B 234 -4.91 14.45 32.74
CA VAL B 234 -4.29 15.50 33.53
C VAL B 234 -5.32 16.26 34.35
N VAL B 235 -6.51 16.49 33.78
CA VAL B 235 -7.51 17.29 34.46
C VAL B 235 -8.04 16.56 35.69
N GLU B 236 -8.25 15.25 35.58
CA GLU B 236 -8.77 14.49 36.71
C GLU B 236 -7.75 14.43 37.84
N LEU B 237 -6.46 14.29 37.51
CA LEU B 237 -5.42 14.33 38.54
C LEU B 237 -5.34 15.71 39.19
N VAL B 238 -5.42 16.77 38.37
CA VAL B 238 -5.26 18.11 38.92
C VAL B 238 -6.45 18.48 39.79
N GLU B 239 -7.65 17.97 39.47
CA GLU B 239 -8.79 18.18 40.33
C GLU B 239 -8.81 17.21 41.51
N GLY B 240 -8.04 16.12 41.43
CA GLY B 240 -7.90 15.17 42.51
C GLY B 240 -6.76 15.45 43.46
N GLY B 241 -6.12 16.62 43.33
CA GLY B 241 -5.01 16.99 44.19
C GLY B 241 -3.70 17.04 43.44
N ALA B 242 -3.30 18.23 43.03
CA ALA B 242 -2.06 18.48 42.29
C ALA B 242 -1.92 19.99 42.14
N GLN B 243 -0.90 20.40 41.39
CA GLN B 243 -0.72 21.79 41.02
C GLN B 243 -0.98 21.94 39.52
N ALA B 244 -1.66 23.01 39.16
CA ALA B 244 -1.97 23.25 37.76
C ALA B 244 -0.69 23.54 36.99
N PRO B 245 -0.38 22.77 35.93
CA PRO B 245 0.83 23.05 35.15
C PRO B 245 0.84 24.46 34.59
N THR B 246 1.74 25.30 35.07
CA THR B 246 1.77 26.71 34.69
C THR B 246 3.17 27.13 34.26
N GLU B 247 3.35 28.44 34.11
CA GLU B 247 4.63 28.98 33.66
C GLU B 247 5.74 28.70 34.66
N SER B 248 5.43 28.88 35.95
CA SER B 248 6.44 28.67 36.99
C SER B 248 6.92 27.23 37.00
N VAL B 249 5.99 26.26 36.91
CA VAL B 249 6.41 24.88 36.90
C VAL B 249 7.12 24.52 35.60
N VAL B 250 6.83 25.21 34.50
CA VAL B 250 7.57 24.99 33.26
C VAL B 250 9.02 25.42 33.44
N ALA B 251 9.24 26.59 34.05
CA ALA B 251 10.59 27.03 34.35
C ALA B 251 11.29 26.06 35.30
N ALA B 252 10.55 25.56 36.30
CA ALA B 252 11.11 24.58 37.22
C ALA B 252 11.51 23.30 36.49
N GLY B 253 10.69 22.88 35.51
CA GLY B 253 11.02 21.70 34.74
C GLY B 253 12.25 21.89 33.89
N LEU B 254 12.40 23.07 33.29
CA LEU B 254 13.62 23.38 32.56
C LEU B 254 14.84 23.31 33.47
N GLU B 255 14.71 23.90 34.67
CA GLU B 255 15.81 23.88 35.63
C GLU B 255 16.15 22.46 36.06
N ALA B 256 15.13 21.61 36.26
CA ALA B 256 15.37 20.23 36.66
C ALA B 256 15.96 19.41 35.53
N ALA B 257 15.61 19.73 34.28
CA ALA B 257 16.17 19.01 33.14
C ALA B 257 17.60 19.44 32.82
N LYS B 258 18.01 20.62 33.29
CA LYS B 258 19.38 21.08 33.01
C LYS B 258 20.46 20.11 33.52
N PRO B 259 20.44 19.63 34.77
CA PRO B 259 21.52 18.73 35.21
C PRO B 259 21.60 17.43 34.42
N PHE B 260 20.46 16.88 34.00
CA PHE B 260 20.48 15.66 33.21
C PHE B 260 21.16 15.89 31.87
N ILE B 261 20.84 17.01 31.21
CA ILE B 261 21.52 17.37 29.97
C ILE B 261 23.01 17.53 30.21
N ALA B 262 23.37 18.18 31.32
CA ALA B 262 24.79 18.37 31.64
C ALA B 262 25.51 17.04 31.76
N ALA B 263 24.93 16.11 32.52
CA ALA B 263 25.58 14.81 32.71
C ALA B 263 25.66 14.04 31.41
N LEU B 264 24.59 14.04 30.61
CA LEU B 264 24.61 13.32 29.35
C LEU B 264 25.65 13.87 28.39
N CYS B 265 25.72 15.21 28.27
CA CYS B 265 26.70 15.82 27.40
C CYS B 265 28.12 15.57 27.89
N THR B 266 28.31 15.56 29.21
CA THR B 266 29.63 15.24 29.76
C THR B 266 30.03 13.82 29.39
N ALA B 267 29.09 12.87 29.51
CA ALA B 267 29.38 11.49 29.12
C ALA B 267 29.75 11.40 27.64
N GLN B 268 28.99 12.11 26.80
CA GLN B 268 29.30 12.11 25.37
C GLN B 268 30.69 12.66 25.11
N GLN B 269 31.05 13.76 25.80
CA GLN B 269 32.36 14.37 25.59
C GLN B 269 33.49 13.46 26.04
N GLU B 270 33.35 12.81 27.20
CA GLU B 270 34.42 11.91 27.64
C GLU B 270 34.53 10.70 26.71
N LEU B 271 33.39 10.20 26.21
CA LEU B 271 33.45 9.13 25.22
C LEU B 271 34.20 9.58 23.97
N ALA B 272 33.90 10.79 23.49
CA ALA B 272 34.50 11.27 22.25
C ALA B 272 36.00 11.49 22.42
N ASP B 273 36.40 12.21 23.46
CA ASP B 273 37.82 12.52 23.63
C ASP B 273 38.62 11.34 24.17
N ALA B 274 37.95 10.29 24.67
CA ALA B 274 38.67 9.08 25.05
C ALA B 274 39.29 8.40 23.83
N ALA B 275 38.60 8.44 22.69
CA ALA B 275 39.08 7.81 21.47
C ALA B 275 40.23 8.57 20.81
N GLY B 276 40.55 9.77 21.29
CA GLY B 276 41.54 10.60 20.64
C GLY B 276 41.05 11.33 19.41
N LYS B 277 39.78 11.19 19.07
CA LYS B 277 39.16 11.82 17.93
C LYS B 277 38.46 13.10 18.35
N SER B 278 37.68 13.69 17.45
CA SER B 278 36.87 14.88 17.71
C SER B 278 37.73 16.10 18.04
N GLY B 279 38.99 16.08 17.66
CA GLY B 279 39.86 17.24 17.82
C GLY B 279 40.10 17.92 16.48
N LYS B 280 41.27 17.69 15.91
CA LYS B 280 41.53 18.13 14.55
C LYS B 280 41.04 17.06 13.58
N PRO B 281 40.08 17.34 12.72
CA PRO B 281 39.54 16.31 11.82
C PRO B 281 40.53 15.98 10.71
N THR B 282 40.87 14.69 10.61
CA THR B 282 41.72 14.25 9.51
C THR B 282 41.02 14.45 8.17
N VAL B 283 39.72 14.15 8.11
CA VAL B 283 38.92 14.37 6.92
C VAL B 283 38.38 15.78 6.94
N ASP B 284 38.66 16.53 5.88
CA ASP B 284 38.21 17.91 5.75
C ASP B 284 36.96 17.95 4.87
N PHE B 285 36.22 19.04 4.99
CA PHE B 285 34.94 19.21 4.30
C PHE B 285 34.92 20.56 3.60
N PRO B 286 34.76 20.58 2.28
CA PRO B 286 34.68 21.86 1.56
C PRO B 286 33.28 22.44 1.68
N VAL B 287 33.22 23.74 1.94
CA VAL B 287 31.96 24.41 2.24
C VAL B 287 31.54 25.27 1.06
N PHE B 288 30.25 25.58 1.01
CA PHE B 288 29.65 26.43 -0.02
C PHE B 288 28.96 27.60 0.66
N PRO B 289 29.69 28.68 0.96
CA PRO B 289 29.02 29.88 1.47
C PRO B 289 27.94 30.36 0.53
N ASP B 290 26.84 30.86 1.10
CA ASP B 290 25.75 31.37 0.28
C ASP B 290 26.18 32.62 -0.47
N TYR B 291 26.66 33.63 0.25
CA TYR B 291 27.18 34.85 -0.35
C TYR B 291 28.65 34.99 0.00
N GLY B 292 29.40 35.58 -0.93
CA GLY B 292 30.80 35.84 -0.68
C GLY B 292 31.00 36.99 0.29
N GLU B 293 32.18 36.99 0.94
CA GLU B 293 32.53 38.10 1.81
C GLU B 293 32.68 39.40 1.02
N ASP B 294 33.36 39.32 -0.13
CA ASP B 294 33.63 40.53 -0.92
C ASP B 294 32.35 41.14 -1.47
N VAL B 295 31.42 40.31 -1.95
CA VAL B 295 30.15 40.85 -2.44
C VAL B 295 29.34 41.45 -1.30
N TYR B 296 29.42 40.85 -0.11
CA TYR B 296 28.79 41.46 1.06
C TYR B 296 29.38 42.84 1.34
N TYR B 297 30.71 42.96 1.30
CA TYR B 297 31.34 44.26 1.50
C TYR B 297 30.85 45.26 0.44
N SER B 298 30.81 44.83 -0.81
CA SER B 298 30.42 45.74 -1.89
C SER B 298 28.98 46.22 -1.73
N VAL B 299 28.07 45.26 -1.52
CA VAL B 299 26.62 45.59 -1.37
C VAL B 299 26.46 46.52 -0.17
N SER B 300 27.05 46.14 0.97
CA SER B 300 26.97 46.99 2.19
C SER B 300 27.46 48.40 1.85
N SER B 301 28.60 48.53 1.16
CA SER B 301 29.16 49.85 0.89
C SER B 301 28.25 50.67 -0.01
N VAL B 302 27.60 50.02 -1.00
CA VAL B 302 26.77 50.81 -1.91
C VAL B 302 25.42 51.14 -1.28
N ALA B 303 24.93 50.27 -0.41
CA ALA B 303 23.60 50.48 0.22
C ALA B 303 23.74 50.40 1.74
N THR B 304 24.70 51.13 2.32
CA THR B 304 24.89 51.14 3.78
C THR B 304 23.79 51.98 4.45
N ASP B 305 23.79 53.29 4.18
CA ASP B 305 22.85 54.19 4.82
C ASP B 305 21.72 54.63 3.91
N GLU B 306 21.90 54.54 2.59
CA GLU B 306 20.80 54.86 1.68
C GLU B 306 19.65 53.89 1.86
N LEU B 307 19.97 52.59 1.94
CA LEU B 307 18.94 51.57 2.17
C LEU B 307 18.26 51.77 3.51
N ALA B 308 19.05 52.03 4.56
CA ALA B 308 18.48 52.24 5.89
C ALA B 308 17.55 53.45 5.91
N ALA B 309 17.98 54.56 5.29
CA ALA B 309 17.14 55.76 5.26
C ALA B 309 15.88 55.52 4.44
N ALA B 310 15.99 54.80 3.32
CA ALA B 310 14.82 54.50 2.51
C ALA B 310 13.82 53.66 3.29
N LEU B 311 14.31 52.66 4.04
CA LEU B 311 13.43 51.82 4.82
C LEU B 311 12.89 52.54 6.07
N THR B 312 13.58 53.59 6.53
CA THR B 312 13.17 54.27 7.76
C THR B 312 11.80 54.92 7.63
N ILE B 313 11.38 55.26 6.42
CA ILE B 313 10.10 55.92 6.24
C ILE B 313 8.95 55.03 6.67
N GLY B 314 9.07 53.71 6.48
CA GLY B 314 8.02 52.79 6.85
C GLY B 314 6.72 53.05 6.11
N GLY B 315 6.81 53.24 4.79
CA GLY B 315 5.62 53.52 4.01
C GLY B 315 4.65 52.36 3.98
N LYS B 316 5.18 51.13 3.96
CA LYS B 316 4.40 49.89 3.95
C LYS B 316 3.53 49.75 2.71
N ALA B 317 3.65 50.69 1.77
CA ALA B 317 2.90 50.64 0.52
C ALA B 317 3.79 50.50 -0.70
N GLU B 318 4.75 51.40 -0.88
CA GLU B 318 5.67 51.36 -2.02
C GLU B 318 7.02 50.76 -1.64
N ARG B 319 7.11 50.12 -0.47
CA ARG B 319 8.39 49.55 -0.05
C ARG B 319 8.88 48.50 -1.04
N ASP B 320 7.98 47.70 -1.61
CA ASP B 320 8.39 46.74 -2.63
C ASP B 320 8.96 47.48 -3.85
N GLN B 321 8.31 48.57 -4.25
CA GLN B 321 8.78 49.34 -5.38
C GLN B 321 10.19 49.87 -5.14
N ARG B 322 10.46 50.38 -3.94
CA ARG B 322 11.78 50.96 -3.71
C ARG B 322 12.85 49.90 -3.47
N ILE B 323 12.49 48.74 -2.93
CA ILE B 323 13.52 47.71 -2.82
C ILE B 323 13.83 47.14 -4.19
N ASP B 324 12.83 47.08 -5.08
CA ASP B 324 13.12 46.65 -6.45
C ASP B 324 13.90 47.72 -7.21
N GLU B 325 13.68 48.99 -6.86
CA GLU B 325 14.54 50.05 -7.38
C GLU B 325 15.98 49.85 -6.95
N ILE B 326 16.19 49.53 -5.67
CA ILE B 326 17.53 49.23 -5.17
C ILE B 326 18.09 47.99 -5.87
N LYS B 327 17.23 47.01 -6.13
CA LYS B 327 17.66 45.79 -6.81
C LYS B 327 18.16 46.12 -8.22
N THR B 328 17.38 46.92 -8.96
CA THR B 328 17.77 47.29 -10.31
C THR B 328 19.04 48.14 -10.33
N GLN B 329 19.17 49.08 -9.39
CA GLN B 329 20.38 49.87 -9.36
C GLN B 329 21.59 49.04 -8.97
N VAL B 330 21.43 48.11 -8.02
CA VAL B 330 22.49 47.14 -7.71
C VAL B 330 22.87 46.36 -8.94
N VAL B 331 21.87 45.96 -9.73
CA VAL B 331 22.17 45.29 -11.00
C VAL B 331 23.08 46.17 -11.84
N GLN B 332 22.69 47.42 -12.04
CA GLN B 332 23.40 48.25 -13.01
C GLN B 332 24.71 48.83 -12.46
N ARG B 333 25.05 48.62 -11.19
CA ARG B 333 26.39 48.99 -10.74
C ARG B 333 27.25 47.81 -10.30
N LEU B 334 26.70 46.59 -10.23
CA LEU B 334 27.50 45.43 -9.85
C LEU B 334 27.45 44.25 -10.81
N ALA B 335 26.29 43.95 -11.43
CA ALA B 335 26.21 42.78 -12.30
C ALA B 335 27.06 42.96 -13.54
N ASP B 336 27.14 44.19 -14.05
CA ASP B 336 28.11 44.49 -15.10
C ASP B 336 29.54 44.35 -14.59
N THR B 337 29.80 44.79 -13.36
CA THR B 337 31.14 44.68 -12.80
C THR B 337 31.51 43.24 -12.48
N TYR B 338 30.63 42.52 -11.80
CA TYR B 338 30.81 41.11 -11.49
C TYR B 338 29.74 40.30 -12.20
N GLU B 339 30.18 39.36 -13.04
CA GLU B 339 29.31 38.56 -13.87
C GLU B 339 29.33 37.10 -13.42
N GLY B 340 28.27 36.37 -13.76
CA GLY B 340 28.16 34.98 -13.36
C GLY B 340 27.84 34.77 -11.90
N ARG B 341 27.59 35.85 -11.16
CA ARG B 341 27.29 35.79 -9.73
C ARG B 341 26.05 36.64 -9.49
N GLU B 342 24.88 36.00 -9.39
CA GLU B 342 23.63 36.71 -9.20
C GLU B 342 22.89 36.29 -7.94
N LYS B 343 22.84 34.99 -7.63
CA LYS B 343 22.09 34.54 -6.47
C LYS B 343 22.70 35.05 -5.17
N GLU B 344 24.03 35.04 -5.07
CA GLU B 344 24.67 35.49 -3.84
C GLU B 344 24.47 36.99 -3.64
N VAL B 345 24.24 37.75 -4.73
CA VAL B 345 23.87 39.15 -4.57
C VAL B 345 22.56 39.27 -3.80
N GLY B 346 21.54 38.54 -4.25
CA GLY B 346 20.26 38.58 -3.56
C GLY B 346 20.35 38.08 -2.14
N ALA B 347 21.19 37.08 -1.91
CA ALA B 347 21.46 36.64 -0.54
C ALA B 347 22.05 37.77 0.28
N ALA B 348 22.96 38.55 -0.31
CA ALA B 348 23.54 39.69 0.40
C ALA B 348 22.47 40.73 0.74
N LEU B 349 21.61 41.01 -0.24
CA LEU B 349 20.53 42.01 -0.02
C LEU B 349 19.65 41.54 1.13
N ARG B 350 19.24 40.26 1.13
CA ARG B 350 18.32 39.78 2.15
C ARG B 350 18.98 39.69 3.52
N ALA B 351 20.27 39.35 3.56
CA ALA B 351 20.98 39.33 4.84
C ALA B 351 21.12 40.74 5.42
N LEU B 352 21.47 41.71 4.58
CA LEU B 352 21.57 43.08 5.05
C LEU B 352 20.21 43.60 5.48
N THR B 353 19.15 43.21 4.77
CA THR B 353 17.80 43.61 5.13
C THR B 353 17.41 43.03 6.49
N LYS B 354 17.73 41.76 6.73
CA LYS B 354 17.40 41.17 8.03
C LYS B 354 18.21 41.84 9.14
N LYS B 355 19.44 42.24 8.83
CA LYS B 355 20.24 42.98 9.82
C LYS B 355 19.57 44.29 10.20
N LEU B 356 19.14 45.06 9.20
CA LEU B 356 18.48 46.34 9.50
C LEU B 356 17.16 46.14 10.23
N VAL B 357 16.34 45.16 9.81
CA VAL B 357 15.05 45.02 10.47
C VAL B 357 15.25 44.54 11.90
N ARG B 358 16.29 43.74 12.16
CA ARG B 358 16.57 43.31 13.53
C ARG B 358 17.01 44.50 14.39
N GLN B 359 17.97 45.30 13.90
CA GLN B 359 18.41 46.43 14.71
C GLN B 359 17.27 47.42 14.94
N ARG B 360 16.35 47.53 13.98
CA ARG B 360 15.23 48.46 14.14
C ARG B 360 14.19 47.91 15.10
N ILE B 361 13.87 46.61 15.00
CA ILE B 361 12.94 46.00 15.95
C ILE B 361 13.51 46.05 17.34
N LEU B 362 14.84 46.19 17.46
CA LEU B 362 15.43 46.49 18.76
C LEU B 362 15.21 47.96 19.15
N THR B 363 15.70 48.89 18.34
CA THR B 363 15.71 50.31 18.72
C THR B 363 14.32 50.94 18.73
N ASP B 364 13.66 50.99 17.57
CA ASP B 364 12.35 51.62 17.48
C ASP B 364 11.24 50.78 18.09
N HIS B 365 11.48 49.49 18.32
CA HIS B 365 10.54 48.62 19.04
C HIS B 365 9.21 48.51 18.30
N PHE B 366 9.26 48.07 17.05
CA PHE B 366 8.08 47.94 16.21
C PHE B 366 8.33 46.86 15.16
N ARG B 367 7.24 46.29 14.64
CA ARG B 367 7.29 45.18 13.72
C ARG B 367 6.69 45.58 12.37
N ILE B 368 6.56 44.59 11.47
CA ILE B 368 6.12 44.85 10.10
C ILE B 368 4.73 45.46 10.07
N ASP B 369 3.81 45.02 10.94
CA ASP B 369 2.47 45.58 10.97
C ASP B 369 2.48 47.08 11.29
N GLY B 370 3.44 47.53 12.10
CA GLY B 370 3.55 48.92 12.45
C GLY B 370 2.86 49.32 13.74
N ARG B 371 2.03 48.46 14.31
CA ARG B 371 1.31 48.75 15.53
C ARG B 371 2.01 48.08 16.72
N GLY B 372 1.35 48.11 17.88
CA GLY B 372 2.00 47.69 19.11
C GLY B 372 2.48 46.25 19.07
N ILE B 373 3.58 46.01 19.80
CA ILE B 373 4.16 44.67 19.85
C ILE B 373 3.19 43.71 20.53
N THR B 374 2.68 44.08 21.71
CA THR B 374 1.76 43.23 22.45
C THR B 374 0.33 43.41 21.94
N ASP B 375 0.18 43.24 20.63
CA ASP B 375 -1.11 43.38 19.97
C ASP B 375 -1.33 42.17 19.07
N ILE B 376 -2.45 41.49 19.25
CA ILE B 376 -2.80 40.39 18.36
C ILE B 376 -3.39 40.94 17.08
N ARG B 377 -2.93 40.39 15.95
CA ARG B 377 -3.44 40.79 14.66
C ARG B 377 -4.89 40.33 14.51
N ALA B 378 -5.64 41.05 13.66
CA ALA B 378 -7.07 40.86 13.55
C ALA B 378 -7.44 39.39 13.31
N LEU B 379 -8.65 39.02 13.74
CA LEU B 379 -9.06 37.63 13.72
C LEU B 379 -10.58 37.57 13.66
N SER B 380 -11.09 36.40 13.28
CA SER B 380 -12.52 36.13 13.24
C SER B 380 -12.74 34.63 13.17
N ALA B 381 -13.89 34.19 13.69
CA ALA B 381 -14.25 32.78 13.70
C ALA B 381 -15.72 32.62 13.36
N GLU B 382 -16.05 31.52 12.69
CA GLU B 382 -17.41 31.17 12.34
C GLU B 382 -17.67 29.70 12.63
N VAL B 383 -18.95 29.33 12.67
CA VAL B 383 -19.37 27.98 13.01
C VAL B 383 -20.37 27.49 11.98
N ALA B 384 -20.52 26.16 11.93
CA ALA B 384 -21.53 25.49 11.10
C ALA B 384 -21.46 25.97 9.65
N VAL B 385 -20.32 25.69 9.01
CA VAL B 385 -20.10 26.14 7.64
C VAL B 385 -20.37 24.99 6.68
N VAL B 386 -19.70 23.86 6.89
CA VAL B 386 -19.91 22.70 6.03
C VAL B 386 -21.30 22.13 6.34
N PRO B 387 -22.18 22.03 5.34
CA PRO B 387 -23.58 21.65 5.62
C PRO B 387 -23.74 20.23 6.15
N ARG B 388 -23.24 19.25 5.41
CA ARG B 388 -23.55 17.85 5.72
C ARG B 388 -22.75 17.33 6.91
N ALA B 389 -21.51 17.78 7.08
CA ALA B 389 -20.64 17.23 8.10
C ALA B 389 -21.16 17.56 9.50
N HIS B 390 -20.68 16.79 10.48
CA HIS B 390 -21.13 16.93 11.86
C HIS B 390 -20.57 18.16 12.56
N GLY B 391 -19.65 18.87 11.94
CA GLY B 391 -19.11 20.08 12.53
C GLY B 391 -18.30 20.85 11.51
N SER B 392 -17.87 22.04 11.92
CA SER B 392 -17.10 22.90 11.04
C SER B 392 -16.41 23.98 11.87
N ALA B 393 -15.50 24.70 11.22
CA ALA B 393 -14.80 25.80 11.86
C ALA B 393 -14.09 26.64 10.80
N LEU B 394 -14.22 27.96 10.89
CA LEU B 394 -13.60 28.89 9.96
C LEU B 394 -12.71 29.87 10.70
N PHE B 395 -11.85 29.35 11.58
CA PHE B 395 -10.87 30.19 12.27
C PHE B 395 -10.06 30.94 11.23
N GLU B 396 -10.20 32.26 11.19
CA GLU B 396 -9.69 33.06 10.09
C GLU B 396 -8.73 34.13 10.60
N ARG B 397 -7.76 33.73 11.42
CA ARG B 397 -6.87 34.72 12.03
C ARG B 397 -6.00 35.36 10.95
N GLY B 398 -6.37 36.57 10.55
CA GLY B 398 -5.60 37.29 9.55
C GLY B 398 -5.49 36.53 8.25
N GLU B 399 -4.26 36.41 7.77
CA GLU B 399 -4.01 35.74 6.49
C GLU B 399 -4.17 34.23 6.61
N THR B 400 -3.66 33.63 7.69
CA THR B 400 -3.68 32.17 7.83
C THR B 400 -5.11 31.72 8.09
N GLN B 401 -5.78 31.29 7.03
CA GLN B 401 -7.16 30.81 7.10
C GLN B 401 -7.15 29.29 7.17
N ILE B 402 -7.80 28.73 8.19
CA ILE B 402 -7.81 27.30 8.42
C ILE B 402 -9.24 26.82 8.57
N LEU B 403 -9.43 25.53 8.33
CA LEU B 403 -10.74 24.90 8.38
C LEU B 403 -10.63 23.56 9.10
N GLY B 404 -11.64 23.24 9.89
CA GLY B 404 -11.68 21.97 10.59
C GLY B 404 -13.05 21.35 10.53
N VAL B 405 -13.09 20.02 10.42
CA VAL B 405 -14.33 19.28 10.32
C VAL B 405 -14.24 18.02 11.19
N THR B 406 -15.22 17.83 12.06
CA THR B 406 -15.32 16.60 12.82
C THR B 406 -16.12 15.56 12.07
N THR B 407 -15.89 14.29 12.44
CA THR B 407 -16.68 13.18 11.87
C THR B 407 -16.76 12.11 12.95
N LEU B 408 -17.85 12.10 13.69
CA LEU B 408 -18.08 11.09 14.71
C LEU B 408 -18.51 9.78 14.08
N ASP B 409 -18.04 8.66 14.63
CA ASP B 409 -18.46 7.36 14.16
C ASP B 409 -18.22 6.34 15.26
N MET B 410 -18.43 5.07 14.90
CA MET B 410 -18.50 4.00 15.88
C MET B 410 -17.11 3.62 16.38
N ILE B 411 -17.05 3.08 17.60
CA ILE B 411 -15.78 2.63 18.18
C ILE B 411 -15.14 1.53 17.35
N LYS B 412 -15.95 0.63 16.79
CA LYS B 412 -15.42 -0.54 16.10
C LYS B 412 -14.41 -0.16 15.04
N MET B 413 -14.59 0.98 14.39
CA MET B 413 -13.61 1.51 13.45
C MET B 413 -12.90 2.71 14.06
N ALA B 414 -11.58 2.66 14.08
CA ALA B 414 -10.70 3.70 14.62
C ALA B 414 -9.27 3.31 14.25
N GLN B 415 -8.31 4.10 14.71
CA GLN B 415 -6.91 3.76 14.48
C GLN B 415 -6.49 2.64 15.42
N GLN B 416 -5.81 1.64 14.87
CA GLN B 416 -5.39 0.45 15.60
C GLN B 416 -3.96 0.09 15.25
N ILE B 417 -3.08 1.10 15.25
CA ILE B 417 -1.70 0.89 14.81
C ILE B 417 -1.00 -0.14 15.70
N ASP B 418 -0.01 -0.81 15.11
CA ASP B 418 0.89 -1.70 15.85
C ASP B 418 2.32 -1.24 15.62
N SER B 419 3.07 -1.06 16.69
CA SER B 419 4.42 -0.55 16.63
C SER B 419 5.14 -0.89 17.93
N LEU B 420 6.32 -0.33 18.12
CA LEU B 420 7.07 -0.58 19.35
C LEU B 420 6.45 0.12 20.55
N GLY B 421 5.83 1.28 20.35
CA GLY B 421 5.23 2.02 21.43
C GLY B 421 4.12 1.23 22.10
N PRO B 422 3.83 1.57 23.36
CA PRO B 422 2.76 0.85 24.08
C PRO B 422 1.35 1.27 23.69
N GLU B 423 1.20 2.28 22.83
CA GLU B 423 -0.11 2.72 22.40
C GLU B 423 -0.65 1.76 21.35
N THR B 424 -1.86 1.26 21.57
CA THR B 424 -2.51 0.33 20.67
C THR B 424 -3.78 0.88 20.04
N SER B 425 -4.71 1.37 20.86
CA SER B 425 -6.00 1.86 20.39
C SER B 425 -6.05 3.37 20.56
N LYS B 426 -6.03 4.08 19.44
CA LYS B 426 -6.16 5.54 19.44
C LYS B 426 -7.59 5.89 19.05
N ARG B 427 -8.25 6.70 19.89
CA ARG B 427 -9.60 7.16 19.61
C ARG B 427 -9.58 8.46 18.79
N TYR B 428 -8.87 9.46 19.29
CA TYR B 428 -8.83 10.77 18.64
C TYR B 428 -7.62 10.82 17.72
N MET B 429 -7.86 10.73 16.42
CA MET B 429 -6.82 10.93 15.42
C MET B 429 -7.09 12.25 14.71
N HIS B 430 -6.06 13.09 14.65
CA HIS B 430 -6.17 14.46 14.13
C HIS B 430 -5.32 14.54 12.88
N HIS B 431 -5.95 14.34 11.72
CA HIS B 431 -5.23 14.49 10.47
C HIS B 431 -4.96 15.96 10.20
N TYR B 432 -4.33 16.24 9.06
CA TYR B 432 -3.95 17.59 8.69
C TYR B 432 -3.79 17.64 7.19
N ASN B 433 -3.83 18.85 6.65
CA ASN B 433 -3.67 19.02 5.21
C ASN B 433 -2.91 20.30 4.93
N PHE B 434 -2.06 20.27 3.91
CA PHE B 434 -1.35 21.44 3.41
C PHE B 434 -1.45 21.45 1.90
N PRO B 435 -2.66 21.68 1.36
CA PRO B 435 -2.83 21.61 -0.09
C PRO B 435 -2.01 22.69 -0.77
N PRO B 436 -1.51 22.41 -1.97
CA PRO B 436 -0.56 23.34 -2.59
C PRO B 436 -1.14 24.70 -2.91
N PHE B 437 -2.44 24.80 -3.19
CA PHE B 437 -3.03 26.09 -3.55
C PHE B 437 -3.09 27.06 -2.37
N SER B 438 -2.77 26.61 -1.16
CA SER B 438 -2.81 27.49 0.00
C SER B 438 -1.80 28.63 -0.13
N THR B 439 -0.51 28.29 -0.21
CA THR B 439 0.55 29.30 -0.14
C THR B 439 0.57 30.21 -1.36
N GLY B 440 -0.06 29.82 -2.46
CA GLY B 440 0.02 30.58 -3.70
C GLY B 440 1.04 30.06 -4.68
N GLU B 441 1.59 28.87 -4.47
CA GLU B 441 2.54 28.25 -5.38
C GLU B 441 2.08 26.84 -5.68
N THR B 442 2.48 26.34 -6.85
CA THR B 442 2.07 25.01 -7.26
C THR B 442 2.79 23.95 -6.43
N GLY B 443 2.34 22.71 -6.57
CA GLY B 443 2.95 21.61 -5.84
C GLY B 443 2.22 20.32 -6.14
N ARG B 444 2.80 19.23 -5.64
CA ARG B 444 2.28 17.89 -5.85
C ARG B 444 1.44 17.48 -4.64
N VAL B 445 0.19 17.12 -4.88
CA VAL B 445 -0.71 16.67 -3.84
C VAL B 445 -0.67 15.14 -3.77
N GLY B 446 -0.59 14.61 -2.56
CA GLY B 446 -0.52 13.17 -2.37
C GLY B 446 -0.21 12.79 -0.94
N SER B 447 0.77 11.92 -0.76
CA SER B 447 1.17 11.53 0.59
C SER B 447 1.75 12.73 1.33
N PRO B 448 1.31 13.00 2.55
CA PRO B 448 1.83 14.16 3.28
C PRO B 448 3.30 13.99 3.63
N LYS B 449 4.01 15.11 3.70
CA LYS B 449 5.42 15.12 4.05
C LYS B 449 5.57 15.02 5.56
N ARG B 450 6.80 15.22 6.05
CA ARG B 450 7.05 15.09 7.48
C ARG B 450 6.54 16.29 8.27
N ARG B 451 6.57 17.48 7.68
CA ARG B 451 6.09 18.68 8.37
C ARG B 451 4.60 18.59 8.66
N GLU B 452 3.83 18.10 7.68
CA GLU B 452 2.41 17.88 7.88
C GLU B 452 2.15 16.96 9.07
N ILE B 453 2.84 15.81 9.10
CA ILE B 453 2.63 14.85 10.18
C ILE B 453 3.03 15.47 11.51
N GLY B 454 4.15 16.21 11.54
CA GLY B 454 4.59 16.83 12.78
C GLY B 454 3.59 17.83 13.33
N HIS B 455 3.09 18.71 12.46
CA HIS B 455 2.10 19.70 12.92
C HIS B 455 0.81 19.03 13.37
N GLY B 456 0.34 18.04 12.61
CA GLY B 456 -0.86 17.33 13.02
C GLY B 456 -0.70 16.61 14.34
N ALA B 457 0.45 15.99 14.56
CA ALA B 457 0.72 15.31 15.81
C ALA B 457 0.78 16.29 16.97
N LEU B 458 1.40 17.46 16.75
CA LEU B 458 1.41 18.48 17.79
C LEU B 458 -0.01 18.92 18.15
N ALA B 459 -0.85 19.13 17.13
CA ALA B 459 -2.23 19.52 17.39
C ALA B 459 -2.97 18.45 18.19
N GLU B 460 -2.86 17.19 17.76
CA GLU B 460 -3.53 16.12 18.46
C GLU B 460 -3.05 15.98 19.90
N ARG B 461 -1.74 16.05 20.10
CA ARG B 461 -1.17 15.94 21.44
C ARG B 461 -1.60 17.11 22.32
N ALA B 462 -1.80 18.28 21.74
CA ALA B 462 -2.27 19.42 22.51
C ALA B 462 -3.74 19.26 22.89
N LEU B 463 -4.55 18.67 21.99
CA LEU B 463 -5.98 18.59 22.23
C LEU B 463 -6.40 17.36 23.04
N VAL B 464 -5.57 16.31 23.06
CA VAL B 464 -6.01 15.05 23.67
C VAL B 464 -6.42 15.17 25.14
N PRO B 465 -5.70 15.90 26.01
CA PRO B 465 -6.05 15.82 27.44
C PRO B 465 -7.47 16.27 27.77
N VAL B 466 -8.01 17.26 27.06
CA VAL B 466 -9.31 17.81 27.41
C VAL B 466 -10.47 17.00 26.83
N LEU B 467 -10.20 16.14 25.86
CA LEU B 467 -11.27 15.34 25.26
C LEU B 467 -11.84 14.36 26.28
N PRO B 468 -13.16 14.16 26.31
CA PRO B 468 -13.77 13.29 27.33
C PRO B 468 -13.37 11.83 27.23
N SER B 469 -13.87 11.01 28.14
CA SER B 469 -13.48 9.62 28.27
C SER B 469 -14.38 8.72 27.39
N VAL B 470 -14.07 7.43 27.41
CA VAL B 470 -14.79 6.47 26.57
C VAL B 470 -16.21 6.26 27.10
N GLU B 471 -16.35 6.06 28.41
CA GLU B 471 -17.63 5.60 28.96
C GLU B 471 -18.71 6.67 28.85
N GLU B 472 -18.39 7.92 29.20
CA GLU B 472 -19.38 8.98 29.13
C GLU B 472 -19.79 9.26 27.70
N PHE B 473 -18.83 9.27 26.78
CA PHE B 473 -19.08 9.65 25.38
C PHE B 473 -18.39 8.65 24.47
N PRO B 474 -19.00 7.48 24.26
CA PRO B 474 -18.37 6.51 23.36
C PRO B 474 -18.57 6.87 21.90
N TYR B 475 -17.52 7.44 21.30
CA TYR B 475 -17.55 7.84 19.90
C TYR B 475 -16.13 7.83 19.37
N ALA B 476 -16.01 7.67 18.06
CA ALA B 476 -14.73 7.75 17.37
C ALA B 476 -14.67 9.09 16.65
N ILE B 477 -13.83 9.99 17.14
CA ILE B 477 -13.72 11.34 16.59
C ILE B 477 -12.54 11.38 15.63
N ARG B 478 -12.80 11.78 14.39
CA ARG B 478 -11.76 12.02 13.40
C ARG B 478 -11.93 13.43 12.89
N GLN B 479 -10.88 14.23 12.96
CA GLN B 479 -10.93 15.61 12.50
C GLN B 479 -9.81 15.88 11.52
N VAL B 480 -10.15 16.55 10.43
CA VAL B 480 -9.18 16.99 9.43
C VAL B 480 -9.05 18.51 9.55
N SER B 481 -7.81 18.99 9.52
CA SER B 481 -7.54 20.42 9.55
C SER B 481 -7.08 20.85 8.16
N GLU B 482 -8.05 21.12 7.30
CA GLU B 482 -7.72 21.65 5.98
C GLU B 482 -7.12 23.04 6.10
N ALA B 483 -6.11 23.31 5.30
CA ALA B 483 -5.45 24.60 5.26
C ALA B 483 -5.90 25.32 4.00
N LEU B 484 -6.54 26.48 4.18
CA LEU B 484 -7.12 27.22 3.05
C LEU B 484 -6.33 28.50 2.78
N GLY B 485 -5.01 28.44 2.90
CA GLY B 485 -4.18 29.60 2.72
C GLY B 485 -3.48 30.03 3.99
N SER B 486 -2.22 29.64 4.15
CA SER B 486 -1.45 29.92 5.35
C SER B 486 -0.17 30.64 4.99
N ASN B 487 0.18 31.67 5.78
CA ASN B 487 1.39 32.44 5.55
C ASN B 487 2.58 31.90 6.35
N GLY B 488 2.45 31.85 7.68
CA GLY B 488 3.51 31.38 8.53
C GLY B 488 3.11 30.22 9.41
N SER B 489 3.13 30.43 10.72
CA SER B 489 2.68 29.40 11.64
C SER B 489 1.20 29.10 11.43
N THR B 490 0.87 27.82 11.36
CA THR B 490 -0.48 27.39 11.05
C THR B 490 -0.99 26.26 11.94
N SER B 491 -0.14 25.66 12.77
CA SER B 491 -0.60 24.58 13.65
C SER B 491 -1.54 25.11 14.73
N MET B 492 -1.26 26.31 15.25
CA MET B 492 -2.10 26.87 16.31
C MET B 492 -3.51 27.16 15.79
N GLY B 493 -3.60 27.69 14.57
CA GLY B 493 -4.91 27.80 13.94
C GLY B 493 -5.59 26.46 13.79
N SER B 494 -4.81 25.42 13.51
CA SER B 494 -5.37 24.08 13.45
C SER B 494 -5.96 23.67 14.80
N VAL B 495 -5.26 23.99 15.89
CA VAL B 495 -5.77 23.66 17.21
C VAL B 495 -7.05 24.43 17.51
N CYS B 496 -7.10 25.71 17.14
CA CYS B 496 -8.30 26.50 17.35
C CYS B 496 -9.49 25.93 16.57
N ALA B 497 -9.28 25.66 15.28
CA ALA B 497 -10.32 25.02 14.48
C ALA B 497 -10.69 23.66 15.06
N SER B 498 -9.73 22.97 15.67
CA SER B 498 -10.00 21.68 16.27
C SER B 498 -10.98 21.81 17.43
N THR B 499 -10.71 22.76 18.32
CA THR B 499 -11.61 22.92 19.47
C THR B 499 -12.98 23.42 19.02
N LEU B 500 -13.04 24.23 17.95
CA LEU B 500 -14.34 24.64 17.42
C LEU B 500 -15.11 23.48 16.82
N ALA B 501 -14.43 22.65 16.02
CA ALA B 501 -15.12 21.51 15.43
C ALA B 501 -15.61 20.56 16.50
N LEU B 502 -14.80 20.30 17.52
CA LEU B 502 -15.24 19.44 18.62
C LEU B 502 -16.43 20.05 19.36
N LEU B 503 -16.40 21.36 19.63
CA LEU B 503 -17.51 22.00 20.33
C LEU B 503 -18.79 21.93 19.52
N ASN B 504 -18.71 22.19 18.21
CA ASN B 504 -19.89 22.11 17.37
C ASN B 504 -20.33 20.68 17.11
N ALA B 505 -19.45 19.70 17.38
CA ALA B 505 -19.77 18.31 17.13
C ALA B 505 -20.68 17.70 18.19
N GLY B 506 -20.78 18.33 19.36
CA GLY B 506 -21.64 17.86 20.42
C GLY B 506 -20.93 17.15 21.56
N VAL B 507 -19.63 16.88 21.43
CA VAL B 507 -18.87 16.24 22.50
C VAL B 507 -18.62 17.25 23.61
N PRO B 508 -18.88 16.91 24.87
CA PRO B 508 -18.75 17.87 25.96
C PRO B 508 -17.32 18.12 26.39
N LEU B 509 -16.60 19.01 25.70
CA LEU B 509 -15.26 19.37 26.10
C LEU B 509 -15.23 19.93 27.52
N LYS B 510 -14.19 19.57 28.27
CA LYS B 510 -14.03 20.09 29.62
C LYS B 510 -13.75 21.59 29.60
N ALA B 511 -12.92 22.05 28.66
CA ALA B 511 -12.59 23.45 28.52
C ALA B 511 -12.00 23.72 27.13
N PRO B 512 -12.52 24.70 26.40
CA PRO B 512 -11.94 25.03 25.10
C PRO B 512 -10.49 25.48 25.24
N VAL B 513 -9.68 25.15 24.23
CA VAL B 513 -8.24 25.38 24.28
C VAL B 513 -7.80 25.99 22.95
N ALA B 514 -6.85 26.92 23.03
CA ALA B 514 -6.26 27.53 21.84
C ALA B 514 -4.81 27.88 22.14
N GLY B 515 -4.16 28.55 21.20
CA GLY B 515 -2.77 28.93 21.38
C GLY B 515 -2.33 29.87 20.28
N ILE B 516 -1.31 30.66 20.60
CA ILE B 516 -0.78 31.67 19.70
C ILE B 516 0.72 31.52 19.62
N ALA B 517 1.26 31.58 18.40
CA ALA B 517 2.70 31.48 18.21
C ALA B 517 3.41 32.68 18.81
N MET B 518 4.58 32.42 19.40
CA MET B 518 5.31 33.42 20.18
C MET B 518 6.69 33.65 19.54
N GLY B 519 7.00 34.89 19.23
CA GLY B 519 8.25 35.24 18.58
C GLY B 519 9.13 36.07 19.49
N LEU B 520 10.45 36.01 19.26
CA LEU B 520 11.42 36.74 20.06
C LEU B 520 12.75 36.74 19.32
N VAL B 521 13.44 37.88 19.32
CA VAL B 521 14.70 38.06 18.63
C VAL B 521 15.76 38.45 19.66
N SER B 522 16.99 37.98 19.45
CA SER B 522 18.09 38.33 20.34
C SER B 522 18.55 39.76 20.08
N ASP B 523 19.41 40.25 20.96
CA ASP B 523 19.86 41.64 20.94
C ASP B 523 21.36 41.68 20.73
N ASP B 524 21.78 41.92 19.49
CA ASP B 524 23.19 42.10 19.17
C ASP B 524 23.62 43.56 19.24
N ILE B 525 22.73 44.46 19.61
CA ILE B 525 22.99 45.88 19.56
C ILE B 525 23.34 46.39 20.94
N GLN B 526 23.86 47.62 20.99
CA GLN B 526 24.38 48.25 22.19
C GLN B 526 23.76 49.63 22.37
N VAL B 527 23.96 50.22 23.54
CA VAL B 527 23.53 51.59 23.81
C VAL B 527 24.59 52.53 23.26
N GLU B 528 24.37 53.02 22.04
CA GLU B 528 25.29 53.95 21.37
C GLU B 528 26.72 53.41 21.37
N GLY B 529 27.57 53.96 22.24
CA GLY B 529 28.93 53.48 22.38
C GLY B 529 29.76 53.57 21.12
N ALA B 530 30.09 54.80 20.72
CA ALA B 530 30.90 55.00 19.51
C ALA B 530 32.30 54.43 19.64
N VAL B 531 32.77 54.19 20.87
CA VAL B 531 34.09 53.61 21.08
C VAL B 531 34.07 52.30 21.85
N ASP B 532 33.08 52.05 22.70
CA ASP B 532 33.00 50.83 23.49
C ASP B 532 31.84 49.96 23.02
N GLY B 533 31.74 48.77 23.62
CA GLY B 533 30.63 47.88 23.33
C GLY B 533 29.93 47.41 24.58
N VAL B 534 28.63 47.68 24.69
CA VAL B 534 27.87 47.36 25.90
C VAL B 534 26.74 46.40 25.56
N VAL B 535 26.06 45.89 26.59
CA VAL B 535 24.99 44.93 26.43
C VAL B 535 23.68 45.62 26.81
N GLU B 536 22.79 45.73 25.83
CA GLU B 536 21.42 46.19 26.06
C GLU B 536 20.48 45.07 25.68
N ARG B 537 19.93 44.39 26.69
CA ARG B 537 19.33 43.07 26.53
C ARG B 537 17.81 43.17 26.55
N ARG B 538 17.27 44.13 25.82
CA ARG B 538 15.81 44.31 25.72
C ARG B 538 15.27 43.20 24.82
N PHE B 539 14.83 42.11 25.45
CA PHE B 539 14.28 40.95 24.74
C PHE B 539 12.85 41.26 24.33
N VAL B 540 12.67 41.75 23.11
CA VAL B 540 11.33 42.03 22.61
C VAL B 540 10.69 40.73 22.14
N THR B 541 9.54 40.41 22.73
CA THR B 541 8.83 39.17 22.46
C THR B 541 7.68 39.48 21.50
N LEU B 542 7.88 39.13 20.23
CA LEU B 542 6.84 39.31 19.23
C LEU B 542 5.65 38.42 19.55
N THR B 543 4.46 39.03 19.61
CA THR B 543 3.26 38.29 19.99
C THR B 543 2.57 37.62 18.81
N ASP B 544 3.05 37.83 17.58
CA ASP B 544 2.59 37.05 16.44
C ASP B 544 3.74 36.90 15.47
N ILE B 545 3.73 35.80 14.72
CA ILE B 545 4.82 35.45 13.82
C ILE B 545 4.30 35.42 12.39
N LEU B 546 4.99 36.13 11.51
CA LEU B 546 4.86 35.93 10.08
C LEU B 546 6.03 35.09 9.58
N GLY B 547 5.92 34.62 8.34
CA GLY B 547 6.97 33.76 7.80
C GLY B 547 8.34 34.41 7.83
N ALA B 548 8.41 35.67 7.40
CA ALA B 548 9.67 36.41 7.47
C ALA B 548 10.09 36.63 8.92
N GLU B 549 9.12 36.86 9.81
CA GLU B 549 9.45 37.10 11.22
C GLU B 549 10.15 35.89 11.83
N ASP B 550 9.65 34.69 11.55
CA ASP B 550 10.35 33.49 12.00
C ASP B 550 11.64 33.28 11.21
N ALA B 551 11.68 33.75 9.95
CA ALA B 551 12.89 33.60 9.16
C ALA B 551 14.07 34.36 9.78
N PHE B 552 13.84 35.59 10.23
CA PHE B 552 14.87 36.35 10.91
C PHE B 552 14.64 36.43 12.42
N GLY B 553 13.84 35.52 12.97
CA GLY B 553 13.72 35.38 14.40
C GLY B 553 14.79 34.47 14.97
N ASP B 554 14.77 34.34 16.30
CA ASP B 554 15.70 33.46 16.98
C ASP B 554 15.04 32.66 18.10
N MET B 555 13.71 32.65 18.16
CA MET B 555 13.02 32.12 19.33
C MET B 555 11.55 31.94 18.96
N ASP B 556 10.98 30.75 19.16
CA ASP B 556 9.59 30.53 18.78
C ASP B 556 9.01 29.39 19.61
N PHE B 557 7.82 29.64 20.17
CA PHE B 557 7.22 28.75 21.16
C PHE B 557 6.06 27.94 20.61
N LYS B 558 5.07 28.60 20.00
CA LYS B 558 3.83 27.94 19.57
C LYS B 558 3.13 27.24 20.73
N VAL B 559 3.07 27.92 21.89
CA VAL B 559 2.37 27.33 23.03
C VAL B 559 0.87 27.29 22.77
N ALA B 560 0.19 26.42 23.52
CA ALA B 560 -1.25 26.27 23.39
C ALA B 560 -1.78 25.59 24.65
N GLY B 561 -2.80 26.18 25.25
CA GLY B 561 -3.36 25.64 26.48
C GLY B 561 -4.64 26.36 26.83
N THR B 562 -5.35 25.78 27.80
CA THR B 562 -6.62 26.32 28.26
C THR B 562 -6.37 27.51 29.19
N LYS B 563 -7.44 27.99 29.83
CA LYS B 563 -7.32 29.15 30.71
C LYS B 563 -6.43 28.85 31.92
N ASP B 564 -6.42 27.60 32.38
CA ASP B 564 -5.70 27.24 33.60
C ASP B 564 -4.30 26.72 33.32
N PHE B 565 -4.19 25.65 32.53
CA PHE B 565 -2.94 24.93 32.37
C PHE B 565 -2.60 24.78 30.89
N VAL B 566 -1.32 24.91 30.56
CA VAL B 566 -0.89 24.72 29.18
C VAL B 566 -0.97 23.25 28.80
N THR B 567 -0.97 23.00 27.50
CA THR B 567 -1.02 21.64 26.97
C THR B 567 0.19 21.29 26.14
N ALA B 568 0.60 22.16 25.21
CA ALA B 568 1.71 21.88 24.31
C ALA B 568 2.70 23.04 24.34
N LEU B 569 3.91 22.75 23.89
CA LEU B 569 4.96 23.74 23.75
C LEU B 569 5.98 23.21 22.74
N GLN B 570 6.58 24.12 21.98
CA GLN B 570 7.57 23.73 20.97
C GLN B 570 8.62 24.82 20.89
N LEU B 571 9.71 24.64 21.64
CA LEU B 571 10.78 25.62 21.70
C LEU B 571 11.89 25.21 20.73
N ASP B 572 12.37 26.17 19.94
CA ASP B 572 13.33 25.89 18.88
C ASP B 572 14.41 26.98 18.84
N THR B 573 15.00 27.26 20.00
CA THR B 573 16.03 28.30 20.08
C THR B 573 17.16 28.04 19.10
N LYS B 574 17.53 29.08 18.34
CA LYS B 574 18.63 28.97 17.39
C LYS B 574 19.93 28.59 18.09
N LEU B 575 20.43 29.47 18.96
CA LEU B 575 21.66 29.20 19.68
C LEU B 575 21.80 30.21 20.80
N ASP B 576 22.29 29.74 21.95
CA ASP B 576 22.68 30.59 23.08
C ASP B 576 21.54 31.51 23.52
N GLY B 577 20.31 30.99 23.46
CA GLY B 577 19.17 31.75 23.93
C GLY B 577 19.26 32.10 25.40
N ILE B 578 19.18 31.08 26.25
CA ILE B 578 19.28 31.14 27.71
C ILE B 578 18.74 32.44 28.27
N PRO B 579 17.47 32.76 28.10
CA PRO B 579 16.94 33.98 28.71
C PRO B 579 16.87 33.93 30.23
N SER B 580 16.22 32.91 30.79
CA SER B 580 16.22 32.62 32.21
C SER B 580 15.64 33.75 33.07
N GLN B 581 15.21 34.84 32.43
CA GLN B 581 14.67 35.97 33.16
C GLN B 581 13.34 36.43 32.59
N VAL B 582 13.16 36.25 31.28
CA VAL B 582 11.99 36.76 30.57
C VAL B 582 11.18 35.64 29.95
N LEU B 583 11.59 34.38 30.11
CA LEU B 583 10.76 33.27 29.66
C LEU B 583 9.38 33.32 30.30
N ALA B 584 9.33 33.62 31.61
CA ALA B 584 8.05 33.76 32.29
C ALA B 584 7.22 34.90 31.69
N GLY B 585 7.86 36.04 31.41
CA GLY B 585 7.14 37.15 30.82
C GLY B 585 6.58 36.83 29.44
N ALA B 586 7.37 36.13 28.62
CA ALA B 586 6.90 35.74 27.30
C ALA B 586 5.73 34.76 27.41
N LEU B 587 5.82 33.81 28.34
CA LEU B 587 4.71 32.89 28.55
C LEU B 587 3.46 33.63 29.04
N GLU B 588 3.64 34.67 29.86
CA GLU B 588 2.49 35.47 30.28
C GLU B 588 1.90 36.25 29.10
N GLN B 589 2.74 36.74 28.21
CA GLN B 589 2.24 37.36 26.98
C GLN B 589 1.41 36.37 26.17
N ALA B 590 1.92 35.14 26.05
CA ALA B 590 1.16 34.09 25.37
C ALA B 590 -0.16 33.83 26.09
N LYS B 591 -0.14 33.85 27.41
CA LYS B 591 -1.36 33.63 28.19
C LYS B 591 -2.40 34.71 27.91
N ASP B 592 -1.96 35.96 27.86
CA ASP B 592 -2.88 37.04 27.51
C ASP B 592 -3.43 36.86 26.10
N ALA B 593 -2.57 36.46 25.16
CA ALA B 593 -3.00 36.25 23.79
C ALA B 593 -4.07 35.16 23.71
N ARG B 594 -3.83 34.03 24.37
CA ARG B 594 -4.81 32.95 24.30
C ARG B 594 -6.07 33.28 25.09
N LEU B 595 -5.96 34.11 26.14
CA LEU B 595 -7.17 34.56 26.82
C LEU B 595 -8.02 35.44 25.92
N THR B 596 -7.39 36.34 25.17
CA THR B 596 -8.13 37.13 24.18
C THR B 596 -8.76 36.23 23.13
N ILE B 597 -8.01 35.25 22.65
CA ILE B 597 -8.54 34.30 21.69
C ILE B 597 -9.77 33.61 22.25
N LEU B 598 -9.68 33.09 23.48
CA LEU B 598 -10.79 32.39 24.10
C LEU B 598 -11.98 33.30 24.35
N GLU B 599 -11.75 34.57 24.66
CA GLU B 599 -12.87 35.49 24.85
C GLU B 599 -13.64 35.68 23.55
N VAL B 600 -12.93 35.99 22.46
CA VAL B 600 -13.59 36.10 21.16
C VAL B 600 -14.21 34.75 20.79
N MET B 601 -13.58 33.66 21.23
CA MET B 601 -13.97 32.32 20.86
C MET B 601 -15.31 31.97 21.49
N ALA B 602 -15.47 32.29 22.78
CA ALA B 602 -16.75 32.14 23.45
C ALA B 602 -17.79 33.10 22.87
N GLU B 603 -17.35 34.29 22.46
CA GLU B 603 -18.26 35.19 21.75
C GLU B 603 -18.80 34.53 20.48
N ALA B 604 -18.02 33.64 19.87
CA ALA B 604 -18.50 32.88 18.72
C ALA B 604 -19.43 31.74 19.15
N ILE B 605 -18.91 30.83 19.98
CA ILE B 605 -19.71 29.73 20.54
C ILE B 605 -19.14 29.38 21.91
N ASP B 606 -20.02 29.00 22.83
CA ASP B 606 -19.62 28.82 24.22
C ASP B 606 -19.83 27.41 24.73
N ARG B 607 -21.00 26.82 24.51
CA ARG B 607 -21.31 25.53 25.10
C ARG B 607 -21.41 24.45 24.02
N PRO B 608 -21.18 23.19 24.38
CA PRO B 608 -21.37 22.11 23.41
C PRO B 608 -22.78 22.12 22.85
N ASP B 609 -22.88 22.05 21.53
CA ASP B 609 -24.16 22.15 20.85
C ASP B 609 -24.93 20.84 20.95
N GLU B 610 -26.20 20.90 20.57
CA GLU B 610 -27.02 19.69 20.52
C GLU B 610 -26.51 18.76 19.43
N MET B 611 -26.65 17.46 19.66
CA MET B 611 -26.15 16.47 18.73
C MET B 611 -26.92 16.56 17.41
N SER B 612 -26.19 16.57 16.29
CA SER B 612 -26.84 16.70 14.99
C SER B 612 -27.41 15.36 14.55
N PRO B 613 -28.58 15.36 13.90
CA PRO B 613 -29.22 14.08 13.52
C PRO B 613 -28.41 13.24 12.55
N TYR B 614 -27.61 13.85 11.67
CA TYR B 614 -26.89 13.09 10.67
C TYR B 614 -25.86 12.15 11.27
N ALA B 615 -25.41 12.42 12.49
CA ALA B 615 -24.44 11.55 13.14
C ALA B 615 -25.10 10.24 13.58
N PRO B 616 -24.31 9.17 13.79
CA PRO B 616 -24.89 7.91 14.27
C PRO B 616 -25.26 8.02 15.74
N ARG B 617 -26.56 8.05 16.01
CA ARG B 617 -27.08 8.25 17.35
C ARG B 617 -26.88 6.96 18.14
N VAL B 618 -25.81 6.92 18.92
CA VAL B 618 -25.47 5.78 19.76
C VAL B 618 -25.99 6.04 21.16
N THR B 619 -26.59 5.01 21.77
CA THR B 619 -27.00 5.05 23.16
C THR B 619 -26.14 4.10 23.97
N THR B 620 -26.25 4.20 25.29
CA THR B 620 -25.44 3.42 26.20
C THR B 620 -26.31 2.46 26.99
N ILE B 621 -25.92 1.18 27.01
CA ILE B 621 -26.61 0.17 27.78
C ILE B 621 -25.61 -0.92 28.16
N LYS B 622 -25.96 -1.66 29.21
CA LYS B 622 -25.10 -2.68 29.79
C LYS B 622 -25.82 -4.01 29.83
N VAL B 623 -25.07 -5.10 29.66
CA VAL B 623 -25.63 -6.45 29.68
C VAL B 623 -24.68 -7.39 30.38
N PRO B 624 -25.22 -8.44 30.99
CA PRO B 624 -24.35 -9.46 31.59
C PRO B 624 -23.56 -10.20 30.52
N VAL B 625 -22.24 -10.27 30.72
CA VAL B 625 -21.37 -10.91 29.74
C VAL B 625 -21.68 -12.40 29.63
N ASP B 626 -21.90 -13.06 30.76
CA ASP B 626 -22.11 -14.51 30.75
C ASP B 626 -23.44 -14.88 30.09
N LYS B 627 -24.41 -13.97 30.10
CA LYS B 627 -25.76 -14.30 29.67
C LYS B 627 -26.00 -14.03 28.19
N ILE B 628 -25.00 -13.53 27.45
CA ILE B 628 -25.22 -13.22 26.04
C ILE B 628 -25.39 -14.50 25.23
N GLY B 629 -24.72 -15.58 25.64
CA GLY B 629 -24.65 -16.76 24.80
C GLY B 629 -25.91 -17.60 24.79
N GLU B 630 -26.97 -17.14 25.45
CA GLU B 630 -28.21 -17.93 25.48
C GLU B 630 -29.19 -17.45 24.42
N VAL B 631 -29.43 -16.14 24.34
CA VAL B 631 -30.41 -15.61 23.40
C VAL B 631 -29.74 -14.59 22.49
N ILE B 632 -28.69 -13.93 22.98
CA ILE B 632 -27.97 -12.95 22.16
C ILE B 632 -26.98 -13.60 21.22
N GLY B 633 -26.99 -14.93 21.14
CA GLY B 633 -26.07 -15.67 20.30
C GLY B 633 -26.10 -15.32 18.83
N PRO B 634 -27.31 -15.22 18.24
CA PRO B 634 -27.38 -14.78 16.84
C PRO B 634 -26.59 -13.51 16.56
N LYS B 635 -26.90 -12.42 17.27
CA LYS B 635 -26.08 -11.22 17.27
C LYS B 635 -25.78 -10.67 15.88
N GLY B 636 -24.94 -11.38 15.12
CA GLY B 636 -24.52 -10.86 13.83
C GLY B 636 -25.60 -10.92 12.77
N LYS B 637 -26.63 -11.72 13.01
CA LYS B 637 -27.71 -11.92 12.04
C LYS B 637 -29.03 -11.77 12.77
N VAL B 638 -30.12 -12.11 12.07
CA VAL B 638 -31.49 -12.09 12.61
C VAL B 638 -31.90 -10.66 12.92
N ILE B 639 -31.27 -10.06 13.94
CA ILE B 639 -31.62 -8.69 14.34
C ILE B 639 -31.31 -7.72 13.21
N ASN B 640 -30.12 -7.87 12.60
CA ASN B 640 -29.77 -7.02 11.47
C ASN B 640 -30.76 -7.17 10.33
N ALA B 641 -31.16 -8.41 10.03
CA ALA B 641 -32.09 -8.64 8.94
C ALA B 641 -33.44 -8.00 9.20
N ILE B 642 -33.97 -8.17 10.42
CA ILE B 642 -35.30 -7.62 10.69
C ILE B 642 -35.26 -6.10 10.72
N THR B 643 -34.19 -5.52 11.28
CA THR B 643 -34.14 -4.06 11.36
C THR B 643 -33.74 -3.44 10.02
N GLU B 644 -33.21 -4.23 9.09
CA GLU B 644 -33.06 -3.75 7.72
C GLU B 644 -34.39 -3.84 6.97
N GLU B 645 -35.19 -4.88 7.26
CA GLU B 645 -36.54 -4.93 6.73
C GLU B 645 -37.38 -3.77 7.23
N THR B 646 -37.14 -3.34 8.47
CA THR B 646 -37.82 -2.15 9.00
C THR B 646 -37.07 -0.86 8.71
N GLY B 647 -35.90 -0.93 8.07
CA GLY B 647 -35.26 0.25 7.53
C GLY B 647 -34.16 0.89 8.36
N ALA B 648 -33.54 0.15 9.28
CA ALA B 648 -32.45 0.71 10.10
C ALA B 648 -31.48 -0.41 10.46
N GLN B 649 -30.41 -0.53 9.67
CA GLN B 649 -29.38 -1.52 9.97
C GLN B 649 -28.62 -1.13 11.23
N ILE B 650 -28.51 -2.08 12.16
CA ILE B 650 -27.84 -1.87 13.44
C ILE B 650 -26.62 -2.76 13.50
N SER B 651 -25.46 -2.15 13.79
CA SER B 651 -24.21 -2.88 13.98
C SER B 651 -24.00 -3.03 15.49
N ILE B 652 -24.82 -3.87 16.12
CA ILE B 652 -24.77 -4.05 17.57
C ILE B 652 -23.42 -4.67 17.92
N GLU B 653 -22.69 -4.02 18.83
CA GLU B 653 -21.40 -4.51 19.29
C GLU B 653 -21.56 -5.38 20.52
N ASP B 654 -20.60 -6.31 20.69
CA ASP B 654 -20.65 -7.26 21.78
C ASP B 654 -20.54 -6.62 23.16
N ASP B 655 -20.01 -5.40 23.24
CA ASP B 655 -19.87 -4.72 24.52
C ASP B 655 -21.20 -4.23 25.09
N GLY B 656 -22.27 -4.24 24.30
CA GLY B 656 -23.56 -3.80 24.74
C GLY B 656 -24.02 -2.46 24.18
N THR B 657 -23.08 -1.58 23.81
CA THR B 657 -23.42 -0.27 23.25
C THR B 657 -24.21 -0.46 21.97
N VAL B 658 -25.24 0.37 21.78
CA VAL B 658 -26.14 0.26 20.63
C VAL B 658 -25.54 1.10 19.49
N PHE B 659 -24.80 0.44 18.60
CA PHE B 659 -24.21 1.10 17.45
C PHE B 659 -25.18 0.93 16.28
N VAL B 660 -25.95 1.98 15.98
CA VAL B 660 -26.96 1.97 14.93
C VAL B 660 -26.67 3.08 13.94
N GLY B 661 -26.82 2.79 12.65
CA GLY B 661 -26.68 3.81 11.63
C GLY B 661 -27.86 4.76 11.62
N ALA B 662 -27.63 5.99 12.04
CA ALA B 662 -28.67 6.99 12.20
C ALA B 662 -28.49 8.07 11.13
N THR B 663 -29.09 7.86 9.97
CA THR B 663 -28.96 8.82 8.88
C THR B 663 -30.12 9.81 8.86
N ASP B 664 -31.34 9.30 8.67
CA ASP B 664 -32.52 10.17 8.59
C ASP B 664 -33.05 10.45 9.99
N GLY B 665 -33.57 11.66 10.18
CA GLY B 665 -34.04 12.10 11.48
C GLY B 665 -35.13 11.22 12.06
N PRO B 666 -36.30 11.21 11.41
CA PRO B 666 -37.38 10.32 11.88
C PRO B 666 -36.99 8.87 11.96
N SER B 667 -36.22 8.38 10.97
CA SER B 667 -35.77 6.99 10.99
C SER B 667 -34.89 6.72 12.21
N ALA B 668 -33.96 7.62 12.49
CA ALA B 668 -33.08 7.45 13.65
C ALA B 668 -33.87 7.50 14.95
N GLN B 669 -34.84 8.41 15.04
CA GLN B 669 -35.62 8.53 16.27
C GLN B 669 -36.43 7.25 16.51
N ALA B 670 -37.09 6.75 15.46
CA ALA B 670 -37.84 5.50 15.60
C ALA B 670 -36.91 4.34 15.92
N ALA B 671 -35.72 4.33 15.35
CA ALA B 671 -34.77 3.26 15.60
C ALA B 671 -34.34 3.24 17.05
N ILE B 672 -33.88 4.38 17.58
CA ILE B 672 -33.48 4.41 18.98
C ILE B 672 -34.67 4.12 19.89
N ASP B 673 -35.88 4.54 19.49
CA ASP B 673 -37.05 4.26 20.32
C ASP B 673 -37.33 2.77 20.42
N LYS B 674 -37.39 2.09 19.27
CA LYS B 674 -37.69 0.64 19.29
C LYS B 674 -36.56 -0.06 20.07
N ILE B 675 -35.32 0.33 19.83
CA ILE B 675 -34.20 -0.29 20.55
C ILE B 675 -34.38 -0.12 22.06
N ASN B 676 -34.76 1.08 22.50
CA ASN B 676 -34.87 1.32 23.93
C ASN B 676 -36.08 0.58 24.49
N ALA B 677 -37.10 0.35 23.66
CA ALA B 677 -38.31 -0.32 24.13
C ALA B 677 -38.21 -1.84 23.99
N ILE B 678 -37.23 -2.34 23.25
CA ILE B 678 -37.10 -3.78 23.03
C ILE B 678 -35.95 -4.37 23.84
N ALA B 679 -34.79 -3.71 23.87
CA ALA B 679 -33.62 -4.29 24.52
C ALA B 679 -33.61 -4.07 26.02
N ASN B 680 -34.07 -2.91 26.49
CA ASN B 680 -34.23 -2.62 27.91
C ASN B 680 -35.64 -2.09 28.13
N PRO B 681 -36.65 -2.97 28.08
CA PRO B 681 -38.00 -2.54 28.40
C PRO B 681 -38.14 -2.19 29.87
N GLN B 682 -39.14 -1.35 30.16
CA GLN B 682 -39.47 -1.06 31.55
C GLN B 682 -39.80 -2.35 32.28
N LEU B 683 -39.20 -2.53 33.45
CA LEU B 683 -39.24 -3.82 34.12
C LEU B 683 -40.68 -4.24 34.41
N PRO B 684 -41.00 -5.53 34.25
CA PRO B 684 -42.39 -5.97 34.37
C PRO B 684 -42.96 -5.74 35.76
N THR B 685 -44.27 -5.54 35.82
CA THR B 685 -44.99 -5.35 37.06
C THR B 685 -46.05 -6.43 37.19
N VAL B 686 -46.48 -6.67 38.42
CA VAL B 686 -47.50 -7.69 38.70
C VAL B 686 -48.81 -7.25 38.06
N GLY B 687 -49.42 -8.13 37.29
CA GLY B 687 -50.64 -7.81 36.57
C GLY B 687 -50.46 -7.49 35.10
N GLU B 688 -49.23 -7.32 34.63
CA GLU B 688 -48.99 -7.06 33.22
C GLU B 688 -49.36 -8.27 32.39
N ARG B 689 -50.05 -8.03 31.27
CA ARG B 689 -50.55 -9.10 30.42
C ARG B 689 -49.83 -9.09 29.09
N PHE B 690 -48.99 -10.10 28.87
CA PHE B 690 -48.35 -10.33 27.58
C PHE B 690 -48.55 -11.78 27.18
N LEU B 691 -48.63 -12.02 25.88
CA LEU B 691 -48.91 -13.33 25.33
C LEU B 691 -47.64 -13.90 24.71
N GLY B 692 -47.00 -14.83 25.43
CA GLY B 692 -45.82 -15.49 24.97
C GLY B 692 -46.09 -16.91 24.48
N THR B 693 -45.04 -17.52 23.94
CA THR B 693 -45.12 -18.86 23.38
C THR B 693 -43.84 -19.61 23.68
N VAL B 694 -43.94 -20.93 23.80
CA VAL B 694 -42.77 -21.77 24.00
C VAL B 694 -42.41 -22.45 22.69
N VAL B 695 -41.11 -22.62 22.44
CA VAL B 695 -40.64 -23.20 21.19
C VAL B 695 -39.88 -24.50 21.40
N LYS B 696 -39.19 -24.69 22.52
CA LYS B 696 -38.39 -25.87 22.77
C LYS B 696 -39.04 -26.71 23.87
N THR B 697 -38.95 -28.03 23.73
CA THR B 697 -39.39 -28.95 24.77
C THR B 697 -38.67 -30.28 24.59
N THR B 698 -38.29 -30.89 25.71
CA THR B 698 -37.61 -32.18 25.74
C THR B 698 -38.07 -32.95 26.97
N ASP B 699 -37.32 -33.99 27.31
CA ASP B 699 -37.68 -34.81 28.46
C ASP B 699 -37.17 -34.23 29.77
N PHE B 700 -36.21 -33.30 29.70
CA PHE B 700 -35.68 -32.73 30.94
C PHE B 700 -36.27 -31.36 31.23
N GLY B 701 -37.23 -30.93 30.42
CA GLY B 701 -37.92 -29.68 30.67
C GLY B 701 -38.17 -28.84 29.43
N ALA B 702 -38.49 -27.56 29.63
CA ALA B 702 -38.77 -26.65 28.54
C ALA B 702 -38.31 -25.26 28.92
N PHE B 703 -37.69 -24.55 27.98
CA PHE B 703 -37.15 -23.22 28.23
C PHE B 703 -38.21 -22.17 27.89
N VAL B 704 -38.37 -21.22 28.80
CA VAL B 704 -39.35 -20.14 28.63
C VAL B 704 -38.55 -18.88 28.32
N SER B 705 -38.88 -18.24 27.20
CA SER B 705 -38.20 -17.02 26.77
C SER B 705 -39.23 -15.93 26.55
N LEU B 706 -39.29 -15.01 27.53
CA LEU B 706 -40.24 -13.91 27.42
C LEU B 706 -39.54 -12.56 27.37
N LEU B 707 -38.62 -12.31 28.29
CA LEU B 707 -37.89 -11.06 28.34
C LEU B 707 -36.47 -11.29 28.83
N PRO B 708 -35.52 -10.46 28.41
CA PRO B 708 -34.17 -10.56 28.96
C PRO B 708 -34.13 -10.05 30.39
N GLY B 709 -33.16 -10.54 31.16
CA GLY B 709 -33.00 -10.17 32.54
C GLY B 709 -33.72 -11.04 33.55
N ARG B 710 -34.62 -11.90 33.09
CA ARG B 710 -35.31 -12.85 33.96
C ARG B 710 -35.80 -14.03 33.13
N ASP B 711 -35.16 -15.18 33.32
CA ASP B 711 -35.54 -16.41 32.63
C ASP B 711 -36.59 -17.12 33.47
N GLY B 712 -37.87 -16.97 33.08
CA GLY B 712 -38.94 -17.62 33.77
C GLY B 712 -38.90 -19.14 33.61
N LEU B 713 -39.39 -19.82 34.65
CA LEU B 713 -39.42 -21.27 34.67
C LEU B 713 -40.84 -21.76 34.92
N VAL B 714 -41.24 -22.79 34.18
CA VAL B 714 -42.56 -23.40 34.30
C VAL B 714 -42.37 -24.91 34.41
N HIS B 715 -43.41 -25.59 34.92
CA HIS B 715 -43.37 -27.03 35.11
C HIS B 715 -44.71 -27.60 34.68
N ILE B 716 -44.88 -28.91 34.88
CA ILE B 716 -46.12 -29.57 34.50
C ILE B 716 -46.88 -30.02 35.74
N SER B 717 -46.17 -30.27 36.84
CA SER B 717 -46.81 -30.72 38.07
C SER B 717 -47.74 -29.66 38.64
N LYS B 718 -47.33 -28.39 38.61
CA LYS B 718 -48.19 -27.32 39.13
C LYS B 718 -49.36 -27.03 38.19
N LEU B 719 -49.33 -27.58 36.98
CA LEU B 719 -50.41 -27.33 36.03
C LEU B 719 -51.67 -28.10 36.39
N GLY B 720 -51.57 -29.01 37.35
CA GLY B 720 -52.71 -29.81 37.76
C GLY B 720 -53.43 -29.33 39.00
N LYS B 721 -53.09 -28.15 39.51
CA LYS B 721 -53.71 -27.57 40.70
C LYS B 721 -53.64 -28.54 41.89
N GLY B 722 -52.41 -28.96 42.20
CA GLY B 722 -52.19 -29.86 43.32
C GLY B 722 -52.69 -31.27 43.11
N LYS B 723 -52.90 -31.68 41.86
CA LYS B 723 -53.37 -33.02 41.54
C LYS B 723 -52.59 -33.56 40.35
N ARG B 724 -52.49 -34.89 40.28
CA ARG B 724 -51.79 -35.52 39.18
C ARG B 724 -52.47 -35.20 37.85
N ILE B 725 -51.66 -34.79 36.87
CA ILE B 725 -52.14 -34.39 35.56
C ILE B 725 -51.40 -35.19 34.50
N ALA B 726 -52.13 -36.08 33.82
CA ALA B 726 -51.56 -36.87 32.73
C ALA B 726 -51.69 -36.17 31.39
N LYS B 727 -52.80 -35.45 31.18
CA LYS B 727 -53.05 -34.74 29.93
C LYS B 727 -53.65 -33.38 30.24
N VAL B 728 -53.49 -32.43 29.31
CA VAL B 728 -53.94 -31.07 29.55
C VAL B 728 -55.19 -30.77 28.70
N GLU B 729 -55.18 -31.22 27.45
CA GLU B 729 -56.29 -30.92 26.54
C GLU B 729 -57.59 -31.57 26.97
N ASP B 730 -57.52 -32.65 27.75
CA ASP B 730 -58.73 -33.37 28.14
C ASP B 730 -59.70 -32.52 28.93
N VAL B 731 -59.21 -31.50 29.63
CA VAL B 731 -60.07 -30.65 30.45
C VAL B 731 -60.64 -29.49 29.66
N VAL B 732 -59.82 -28.87 28.81
CA VAL B 732 -60.24 -27.64 28.12
C VAL B 732 -60.62 -27.97 26.68
N ASN B 733 -61.81 -27.52 26.28
CA ASN B 733 -62.29 -27.68 24.93
C ASN B 733 -62.36 -26.31 24.25
N VAL B 734 -62.79 -26.30 22.99
CA VAL B 734 -62.88 -25.05 22.25
C VAL B 734 -63.91 -24.12 22.88
N GLY B 735 -63.69 -22.82 22.70
CA GLY B 735 -64.55 -21.79 23.25
C GLY B 735 -64.07 -21.21 24.55
N ASP B 736 -63.21 -21.92 25.29
CA ASP B 736 -62.64 -21.39 26.52
C ASP B 736 -61.55 -20.38 26.20
N LYS B 737 -61.57 -19.26 26.92
CA LYS B 737 -60.63 -18.16 26.71
C LYS B 737 -59.49 -18.30 27.69
N LEU B 738 -58.25 -18.28 27.18
CA LEU B 738 -57.05 -18.42 27.99
C LEU B 738 -56.65 -17.04 28.48
N ARG B 739 -57.47 -16.45 29.34
CA ARG B 739 -57.19 -15.16 29.95
C ARG B 739 -56.12 -15.36 31.03
N VAL B 740 -55.03 -14.59 30.94
CA VAL B 740 -53.99 -14.67 31.95
C VAL B 740 -54.54 -14.12 33.26
N GLU B 741 -54.61 -14.98 34.28
CA GLU B 741 -55.26 -14.67 35.53
C GLU B 741 -54.24 -14.71 36.67
N ILE B 742 -54.35 -13.76 37.59
CA ILE B 742 -53.55 -13.76 38.81
C ILE B 742 -54.26 -14.66 39.81
N ALA B 743 -53.96 -15.96 39.77
CA ALA B 743 -54.66 -16.93 40.61
C ALA B 743 -54.40 -16.69 42.09
N ASP B 744 -53.14 -16.46 42.45
CA ASP B 744 -52.78 -16.24 43.84
C ASP B 744 -51.47 -15.47 43.90
N ILE B 745 -51.32 -14.68 44.96
CA ILE B 745 -50.10 -13.92 45.22
C ILE B 745 -49.41 -14.55 46.41
N ASP B 746 -48.34 -15.30 46.15
CA ASP B 746 -47.59 -15.98 47.18
C ASP B 746 -46.40 -15.13 47.62
N LYS B 747 -45.84 -15.51 48.78
CA LYS B 747 -44.70 -14.77 49.33
C LYS B 747 -43.43 -14.95 48.50
N ARG B 748 -43.36 -16.01 47.69
CA ARG B 748 -42.17 -16.27 46.89
C ARG B 748 -42.16 -15.54 45.56
N GLY B 749 -43.30 -15.02 45.12
CA GLY B 749 -43.37 -14.35 43.84
C GLY B 749 -43.07 -15.22 42.65
N LYS B 750 -43.53 -16.47 42.66
CA LYS B 750 -43.31 -17.41 41.56
C LYS B 750 -44.65 -18.03 41.17
N ILE B 751 -45.04 -17.85 39.92
CA ILE B 751 -46.31 -18.36 39.42
C ILE B 751 -46.05 -19.18 38.15
N SER B 752 -47.12 -19.69 37.56
CA SER B 752 -47.02 -20.48 36.33
C SER B 752 -48.13 -20.10 35.38
N LEU B 753 -48.05 -20.55 34.13
CA LEU B 753 -49.05 -20.23 33.13
C LEU B 753 -50.28 -21.11 33.30
N ILE B 754 -51.25 -20.91 32.40
CA ILE B 754 -52.49 -21.67 32.42
C ILE B 754 -52.71 -22.35 31.08
N ALA C 25 5.82 -27.33 -37.97
CA ALA C 25 5.87 -26.86 -39.35
C ALA C 25 5.46 -25.39 -39.44
N GLU C 26 4.58 -25.08 -40.39
CA GLU C 26 4.03 -23.75 -40.56
C GLU C 26 2.54 -23.85 -40.84
N ILE C 27 1.77 -22.99 -40.17
CA ILE C 27 0.32 -22.99 -40.33
C ILE C 27 -0.22 -21.70 -40.93
N ASP C 28 0.60 -20.66 -41.05
CA ASP C 28 0.15 -19.40 -41.62
C ASP C 28 1.38 -18.61 -42.05
N GLU C 29 1.21 -17.78 -43.09
CA GLU C 29 2.30 -16.96 -43.60
C GLU C 29 2.75 -15.99 -42.52
N GLY C 30 3.98 -16.20 -42.01
CA GLY C 30 4.53 -15.41 -40.94
C GLY C 30 4.47 -16.07 -39.57
N VAL C 31 3.66 -17.11 -39.42
CA VAL C 31 3.53 -17.83 -38.16
C VAL C 31 4.36 -19.11 -38.29
N PHE C 32 5.58 -19.07 -37.79
CA PHE C 32 6.48 -20.21 -37.82
C PHE C 32 6.58 -20.83 -36.43
N GLU C 33 6.35 -22.13 -36.34
CA GLU C 33 6.43 -22.86 -35.09
C GLU C 33 7.60 -23.83 -35.12
N THR C 34 7.84 -24.47 -33.99
CA THR C 34 8.93 -25.43 -33.86
C THR C 34 8.58 -26.41 -32.75
N THR C 35 9.56 -27.18 -32.31
CA THR C 35 9.34 -28.18 -31.27
C THR C 35 10.61 -28.34 -30.45
N ALA C 36 10.44 -28.92 -29.25
CA ALA C 36 11.57 -29.24 -28.40
C ALA C 36 11.24 -30.54 -27.68
N THR C 37 11.75 -31.64 -28.21
CA THR C 37 11.43 -32.97 -27.71
C THR C 37 12.44 -33.39 -26.65
N ILE C 38 11.95 -33.74 -25.47
CA ILE C 38 12.76 -34.25 -24.38
C ILE C 38 12.15 -35.54 -23.88
N ASP C 39 12.98 -36.57 -23.71
CA ASP C 39 12.49 -37.87 -23.30
C ASP C 39 12.30 -37.95 -21.79
N ASN C 40 13.25 -37.43 -21.02
CA ASN C 40 13.23 -37.50 -19.56
C ASN C 40 13.05 -38.93 -19.06
N GLY C 41 13.59 -39.90 -19.81
CA GLY C 41 13.52 -41.29 -19.40
C GLY C 41 12.10 -41.80 -19.33
N SER C 42 11.83 -42.63 -18.33
CA SER C 42 10.54 -43.28 -18.15
C SER C 42 9.61 -42.52 -17.21
N PHE C 43 10.02 -41.35 -16.74
CA PHE C 43 9.21 -40.56 -15.81
C PHE C 43 8.31 -39.55 -16.51
N GLY C 44 7.89 -39.85 -17.73
CA GLY C 44 7.02 -38.97 -18.48
C GLY C 44 7.78 -38.12 -19.47
N THR C 45 7.13 -37.82 -20.59
CA THR C 45 7.72 -37.02 -21.65
C THR C 45 6.88 -35.77 -21.85
N ARG C 46 7.54 -34.62 -21.83
CA ARG C 46 6.89 -33.34 -22.05
C ARG C 46 7.45 -32.71 -23.31
N THR C 47 6.71 -31.75 -23.87
CA THR C 47 7.09 -31.08 -25.09
C THR C 47 7.11 -29.57 -24.88
N ILE C 48 8.06 -28.91 -25.53
CA ILE C 48 8.17 -27.45 -25.49
C ILE C 48 8.01 -26.93 -26.91
N ARG C 49 7.12 -25.96 -27.09
CA ARG C 49 6.78 -25.44 -28.41
C ARG C 49 6.93 -23.93 -28.39
N PHE C 50 7.59 -23.38 -29.41
CA PHE C 50 7.74 -21.95 -29.59
C PHE C 50 7.02 -21.53 -30.87
N GLU C 51 6.17 -20.53 -30.76
CA GLU C 51 5.36 -20.05 -31.88
C GLU C 51 5.48 -18.54 -31.96
N THR C 52 5.77 -18.03 -33.16
CA THR C 52 6.02 -16.60 -33.36
C THR C 52 5.11 -16.05 -34.43
N GLY C 53 4.81 -14.76 -34.33
CA GLY C 53 4.10 -14.02 -35.34
C GLY C 53 2.60 -13.88 -35.10
N ARG C 54 2.01 -14.73 -34.26
CA ARG C 54 0.58 -14.63 -34.04
C ARG C 54 0.21 -13.48 -33.12
N LEU C 55 1.09 -13.10 -32.19
CA LEU C 55 0.80 -12.06 -31.21
C LEU C 55 1.99 -11.12 -31.11
N ALA C 56 1.72 -9.89 -30.69
CA ALA C 56 2.75 -8.88 -30.42
C ALA C 56 3.60 -8.61 -31.67
N LEU C 57 2.92 -8.18 -32.74
CA LEU C 57 3.60 -8.00 -34.02
C LEU C 57 4.54 -6.81 -33.99
N GLN C 58 4.23 -5.77 -33.21
CA GLN C 58 5.00 -4.53 -33.30
C GLN C 58 6.33 -4.63 -32.56
N ALA C 59 6.36 -5.32 -31.43
CA ALA C 59 7.60 -5.46 -30.69
C ALA C 59 8.62 -6.28 -31.47
N ALA C 60 9.90 -5.93 -31.31
CA ALA C 60 10.98 -6.62 -32.01
C ALA C 60 11.22 -7.96 -31.32
N GLY C 61 10.36 -8.91 -31.64
CA GLY C 61 10.41 -10.23 -31.04
C GLY C 61 9.09 -10.60 -30.40
N ALA C 62 8.51 -11.71 -30.83
CA ALA C 62 7.15 -12.09 -30.44
C ALA C 62 7.06 -13.56 -30.10
N VAL C 63 8.04 -14.07 -29.36
CA VAL C 63 8.09 -15.50 -29.06
C VAL C 63 7.10 -15.82 -27.93
N VAL C 64 6.33 -16.88 -28.12
CA VAL C 64 5.51 -17.43 -27.06
C VAL C 64 6.06 -18.81 -26.70
N ALA C 65 5.51 -19.40 -25.64
CA ALA C 65 6.01 -20.68 -25.13
C ALA C 65 4.85 -21.61 -24.84
N TYR C 66 5.16 -22.92 -24.83
CA TYR C 66 4.18 -23.96 -24.55
C TYR C 66 4.87 -25.11 -23.83
N LEU C 67 4.24 -25.58 -22.75
CA LEU C 67 4.68 -26.79 -22.07
C LEU C 67 3.45 -27.62 -21.73
N ASP C 68 3.44 -28.87 -22.22
CA ASP C 68 2.38 -29.84 -21.94
C ASP C 68 1.09 -29.31 -22.55
N ASP C 69 1.22 -28.34 -23.46
CA ASP C 69 0.11 -27.68 -24.16
C ASP C 69 -0.89 -27.02 -23.21
N ASP C 70 -0.54 -26.90 -21.93
CA ASP C 70 -1.41 -26.26 -20.94
C ASP C 70 -0.70 -25.10 -20.25
N ASN C 71 0.42 -24.64 -20.79
CA ASN C 71 1.20 -23.55 -20.21
C ASN C 71 1.54 -22.57 -21.32
N MET C 72 1.27 -21.29 -21.08
CA MET C 72 1.46 -20.26 -22.09
C MET C 72 2.09 -19.02 -21.48
N LEU C 73 3.19 -18.56 -22.07
CA LEU C 73 3.72 -17.23 -21.81
C LEU C 73 3.94 -16.52 -23.14
N LEU C 74 4.36 -15.27 -23.05
CA LEU C 74 4.64 -14.47 -24.24
C LEU C 74 5.73 -13.48 -23.89
N SER C 75 6.85 -13.55 -24.61
CA SER C 75 8.01 -12.72 -24.34
C SER C 75 8.26 -11.77 -25.50
N ALA C 76 8.58 -10.51 -25.17
CA ALA C 76 8.84 -9.51 -26.19
C ALA C 76 9.89 -8.53 -25.68
N THR C 77 10.83 -8.19 -26.55
CA THR C 77 11.87 -7.22 -26.25
C THR C 77 11.76 -6.06 -27.23
N THR C 78 11.76 -4.85 -26.71
CA THR C 78 11.63 -3.64 -27.52
C THR C 78 12.85 -2.76 -27.30
N ALA C 79 13.41 -2.24 -28.40
CA ALA C 79 14.62 -1.45 -28.37
C ALA C 79 14.28 0.02 -28.56
N SER C 80 14.82 0.86 -27.70
CA SER C 80 14.64 2.31 -27.83
C SER C 80 15.59 2.84 -28.89
N LYS C 81 15.02 3.55 -29.88
CA LYS C 81 15.83 4.05 -30.98
C LYS C 81 16.85 5.08 -30.51
N ASN C 82 16.44 5.98 -29.63
CA ASN C 82 17.33 7.06 -29.20
C ASN C 82 18.31 6.54 -28.16
N PRO C 83 19.61 6.60 -28.41
CA PRO C 83 20.58 6.15 -27.41
C PRO C 83 20.61 7.07 -26.20
N LYS C 84 20.98 6.49 -25.06
CA LYS C 84 21.09 7.24 -23.82
C LYS C 84 22.54 7.65 -23.59
N GLU C 85 22.77 8.93 -23.32
CA GLU C 85 24.12 9.46 -23.12
C GLU C 85 24.49 9.55 -21.64
N HIS C 86 23.64 10.13 -20.81
CA HIS C 86 23.95 10.27 -19.38
C HIS C 86 24.11 8.90 -18.72
N PHE C 87 23.49 7.86 -19.28
CA PHE C 87 23.64 6.53 -18.74
C PHE C 87 25.07 6.03 -18.96
N ASP C 88 25.54 5.21 -18.02
CA ASP C 88 26.84 4.57 -18.15
C ASP C 88 26.83 3.07 -17.91
N PHE C 89 25.80 2.52 -17.26
CA PHE C 89 25.65 1.08 -17.12
C PHE C 89 24.98 0.53 -18.38
N PHE C 90 24.56 -0.74 -18.32
CA PHE C 90 23.69 -1.30 -19.34
C PHE C 90 22.26 -1.26 -18.83
N PRO C 91 21.38 -0.48 -19.45
CA PRO C 91 20.02 -0.29 -18.90
C PRO C 91 19.05 -1.40 -19.32
N LEU C 92 19.40 -2.64 -18.97
CA LEU C 92 18.53 -3.79 -19.21
C LEU C 92 17.56 -3.90 -18.06
N THR C 93 16.30 -3.54 -18.29
CA THR C 93 15.25 -3.59 -17.27
C THR C 93 14.29 -4.72 -17.66
N VAL C 94 14.47 -5.87 -17.03
CA VAL C 94 13.59 -7.01 -17.25
C VAL C 94 12.53 -7.02 -16.16
N ASP C 95 11.36 -7.57 -16.49
CA ASP C 95 10.25 -7.64 -15.54
C ASP C 95 9.25 -8.67 -16.05
N VAL C 96 8.62 -9.36 -15.10
CA VAL C 96 7.63 -10.38 -15.41
C VAL C 96 6.28 -9.90 -14.89
N GLU C 97 5.30 -9.83 -15.79
CA GLU C 97 3.93 -9.48 -15.33
C GLU C 97 3.20 -10.77 -14.95
N GLU C 98 3.30 -11.17 -13.67
CA GLU C 98 2.67 -12.45 -13.21
C GLU C 98 1.15 -12.27 -13.18
N ARG C 99 0.55 -12.01 -14.34
CA ARG C 99 -0.89 -11.82 -14.45
C ARG C 99 -1.61 -12.89 -13.64
N MET C 100 -2.55 -12.47 -12.79
CA MET C 100 -3.16 -13.38 -11.84
C MET C 100 -4.17 -14.30 -12.51
N TYR C 101 -4.69 -13.92 -13.67
CA TYR C 101 -5.76 -14.69 -14.30
C TYR C 101 -5.26 -15.93 -15.03
N ALA C 102 -3.97 -16.27 -14.93
CA ALA C 102 -3.51 -17.50 -15.56
C ALA C 102 -4.15 -18.72 -14.89
N ALA C 103 -4.22 -18.72 -13.57
CA ALA C 103 -5.03 -19.69 -12.84
C ALA C 103 -6.43 -19.11 -12.65
N GLY C 104 -7.41 -20.01 -12.54
CA GLY C 104 -8.80 -19.58 -12.49
C GLY C 104 -9.21 -18.98 -11.17
N ARG C 105 -8.67 -17.80 -10.86
CA ARG C 105 -8.97 -17.15 -9.59
C ARG C 105 -8.85 -15.64 -9.74
N ILE C 106 -9.41 -14.92 -8.78
CA ILE C 106 -9.46 -13.47 -8.78
C ILE C 106 -8.53 -12.95 -7.68
N PRO C 107 -7.78 -11.87 -7.91
CA PRO C 107 -6.92 -11.35 -6.84
C PRO C 107 -7.70 -11.01 -5.59
N GLY C 108 -7.12 -11.33 -4.44
CA GLY C 108 -7.73 -11.12 -3.14
C GLY C 108 -7.41 -9.79 -2.50
N SER C 109 -6.78 -8.87 -3.22
CA SER C 109 -6.41 -7.59 -2.65
C SER C 109 -7.65 -6.71 -2.46
N PHE C 110 -7.46 -5.62 -1.73
CA PHE C 110 -8.52 -4.65 -1.48
C PHE C 110 -8.98 -3.95 -2.76
N PHE C 111 -8.20 -4.02 -3.84
CA PHE C 111 -8.53 -3.35 -5.09
C PHE C 111 -8.84 -4.32 -6.22
N ARG C 112 -8.79 -5.63 -5.98
CA ARG C 112 -9.08 -6.65 -6.98
C ARG C 112 -8.24 -6.44 -8.24
N ARG C 113 -6.93 -6.31 -8.04
CA ARG C 113 -5.99 -6.10 -9.13
C ARG C 113 -4.60 -6.46 -8.65
N GLU C 114 -3.82 -7.11 -9.52
CA GLU C 114 -2.45 -7.43 -9.17
C GLU C 114 -1.68 -6.15 -8.89
N GLY C 115 -0.98 -6.13 -7.74
CA GLY C 115 -0.25 -4.95 -7.35
C GLY C 115 1.22 -5.04 -7.74
N ARG C 116 2.10 -4.68 -6.82
CA ARG C 116 3.52 -4.84 -7.08
C ARG C 116 3.85 -6.32 -7.20
N PRO C 117 4.75 -6.70 -8.12
CA PRO C 117 5.06 -8.13 -8.28
C PRO C 117 5.55 -8.74 -6.97
N SER C 118 5.11 -9.97 -6.73
CA SER C 118 5.36 -10.61 -5.45
C SER C 118 6.79 -11.12 -5.35
N THR C 119 7.08 -11.84 -4.26
CA THR C 119 8.45 -12.32 -4.03
C THR C 119 8.89 -13.28 -5.12
N ASP C 120 8.02 -14.21 -5.51
CA ASP C 120 8.39 -15.19 -6.53
C ASP C 120 8.60 -14.52 -7.88
N ALA C 121 7.82 -13.48 -8.18
CA ALA C 121 8.02 -12.75 -9.43
C ALA C 121 9.40 -12.09 -9.46
N ILE C 122 9.81 -11.47 -8.34
CA ILE C 122 11.12 -10.84 -8.29
C ILE C 122 12.21 -11.90 -8.36
N LEU C 123 11.98 -13.07 -7.75
CA LEU C 123 12.95 -14.16 -7.85
C LEU C 123 13.15 -14.59 -9.29
N THR C 124 12.04 -14.77 -10.02
CA THR C 124 12.15 -15.15 -11.43
C THR C 124 12.80 -14.03 -12.24
N CYS C 125 12.54 -12.78 -11.87
CA CYS C 125 13.14 -11.64 -12.55
C CYS C 125 14.65 -11.65 -12.39
N ARG C 126 15.14 -11.91 -11.18
CA ARG C 126 16.57 -12.05 -10.96
C ARG C 126 17.12 -13.28 -11.68
N LEU C 127 16.33 -14.35 -11.75
CA LEU C 127 16.78 -15.56 -12.43
C LEU C 127 17.01 -15.31 -13.91
N ILE C 128 16.10 -14.56 -14.56
CA ILE C 128 16.28 -14.27 -15.97
C ILE C 128 17.36 -13.23 -16.19
N ASP C 129 17.40 -12.18 -15.36
CA ASP C 129 18.34 -11.09 -15.57
C ASP C 129 19.78 -11.51 -15.38
N ARG C 130 20.03 -12.61 -14.65
CA ARG C 130 21.42 -12.97 -14.32
C ARG C 130 22.18 -13.45 -15.55
N PRO C 131 21.78 -14.55 -16.22
CA PRO C 131 22.60 -15.05 -17.33
C PRO C 131 22.25 -14.40 -18.66
N LEU C 132 22.08 -13.09 -18.66
CA LEU C 132 21.84 -12.36 -19.90
C LEU C 132 22.77 -11.16 -20.06
N ARG C 133 23.09 -10.47 -18.97
CA ARG C 133 23.97 -9.31 -19.06
C ARG C 133 25.34 -9.63 -19.63
N PRO C 134 26.07 -10.66 -19.18
CA PRO C 134 27.36 -10.97 -19.81
C PRO C 134 27.24 -11.35 -21.28
N SER C 135 26.11 -11.92 -21.70
CA SER C 135 25.92 -12.31 -23.09
C SER C 135 25.38 -11.16 -23.94
N PHE C 136 26.07 -10.03 -23.89
CA PHE C 136 25.70 -8.85 -24.67
C PHE C 136 26.98 -8.15 -25.12
N VAL C 137 26.85 -7.39 -26.21
CA VAL C 137 27.98 -6.61 -26.69
C VAL C 137 28.31 -5.53 -25.67
N ASP C 138 29.60 -5.34 -25.40
CA ASP C 138 30.02 -4.44 -24.34
C ASP C 138 29.64 -3.00 -24.66
N GLY C 139 29.34 -2.24 -23.60
CA GLY C 139 29.07 -0.82 -23.73
C GLY C 139 27.86 -0.46 -24.56
N LEU C 140 26.77 -1.21 -24.43
CA LEU C 140 25.53 -0.90 -25.11
C LEU C 140 24.71 0.06 -24.26
N ARG C 141 24.11 1.06 -24.91
CA ARG C 141 23.44 2.13 -24.20
C ARG C 141 21.96 2.29 -24.52
N ASN C 142 21.50 1.83 -25.67
CA ASN C 142 20.07 1.91 -25.99
C ASN C 142 19.28 1.02 -25.04
N GLU C 143 18.28 1.61 -24.39
CA GLU C 143 17.52 0.87 -23.38
C GLU C 143 16.82 -0.32 -24.01
N ILE C 144 17.04 -1.49 -23.41
CA ILE C 144 16.43 -2.74 -23.87
C ILE C 144 15.71 -3.36 -22.69
N GLN C 145 14.43 -3.69 -22.88
CA GLN C 145 13.62 -4.27 -21.82
C GLN C 145 12.95 -5.54 -22.31
N ILE C 146 12.94 -6.55 -21.45
CA ILE C 146 12.32 -7.84 -21.73
C ILE C 146 11.11 -7.99 -20.82
N VAL C 147 9.95 -8.24 -21.43
CA VAL C 147 8.71 -8.44 -20.71
C VAL C 147 8.24 -9.86 -20.93
N VAL C 148 7.98 -10.58 -19.84
CA VAL C 148 7.52 -11.97 -19.89
C VAL C 148 6.25 -12.05 -19.08
N THR C 149 5.11 -12.14 -19.77
CA THR C 149 3.80 -12.22 -19.14
C THR C 149 3.35 -13.67 -19.07
N ILE C 150 2.43 -13.94 -18.14
CA ILE C 150 1.92 -15.29 -17.92
C ILE C 150 0.43 -15.30 -18.25
N LEU C 151 -0.01 -16.32 -19.00
CA LEU C 151 -1.41 -16.43 -19.37
C LEU C 151 -2.07 -17.72 -18.90
N SER C 152 -1.32 -18.76 -18.60
CA SER C 152 -1.90 -20.04 -18.22
C SER C 152 -0.85 -20.85 -17.47
N LEU C 153 -1.23 -21.35 -16.29
CA LEU C 153 -0.30 -22.05 -15.41
C LEU C 153 -1.05 -23.18 -14.71
N ASP C 154 -0.91 -24.40 -15.23
CA ASP C 154 -1.54 -25.54 -14.59
C ASP C 154 -0.94 -25.75 -13.20
N PRO C 155 -1.74 -26.20 -12.23
CA PRO C 155 -1.20 -26.40 -10.87
C PRO C 155 -0.15 -27.51 -10.86
N GLY C 156 0.82 -27.35 -9.95
CA GLY C 156 1.89 -28.32 -9.81
C GLY C 156 3.08 -28.09 -10.72
N ASP C 157 3.07 -27.04 -11.55
CA ASP C 157 4.17 -26.74 -12.43
C ASP C 157 4.81 -25.41 -12.03
N LEU C 158 6.10 -25.28 -12.35
CA LEU C 158 6.87 -24.09 -12.02
C LEU C 158 7.22 -23.33 -13.29
N TYR C 159 6.89 -22.05 -13.32
CA TYR C 159 7.05 -21.21 -14.50
C TYR C 159 8.39 -20.47 -14.51
N ASP C 160 9.49 -21.18 -14.27
CA ASP C 160 10.80 -20.55 -14.17
C ASP C 160 11.64 -20.75 -15.43
N VAL C 161 11.85 -22.00 -15.84
CA VAL C 161 12.84 -22.30 -16.86
C VAL C 161 12.30 -22.03 -18.27
N LEU C 162 11.04 -22.41 -18.53
CA LEU C 162 10.49 -22.11 -19.84
C LEU C 162 10.36 -20.61 -20.04
N ALA C 163 10.25 -19.85 -18.93
CA ALA C 163 10.22 -18.40 -19.02
C ALA C 163 11.53 -17.85 -19.55
N ILE C 164 12.66 -18.26 -18.97
CA ILE C 164 13.95 -17.76 -19.44
C ILE C 164 14.22 -18.26 -20.86
N ASN C 165 13.80 -19.49 -21.18
CA ASN C 165 13.94 -19.98 -22.55
C ASN C 165 13.18 -19.11 -23.53
N ALA C 166 11.93 -18.78 -23.21
CA ALA C 166 11.11 -17.95 -24.08
C ALA C 166 11.68 -16.55 -24.23
N ALA C 167 12.18 -15.98 -23.13
CA ALA C 167 12.78 -14.65 -23.20
C ALA C 167 14.02 -14.66 -24.07
N SER C 168 14.85 -15.71 -23.95
CA SER C 168 16.02 -15.83 -24.82
C SER C 168 15.61 -15.90 -26.28
N ALA C 169 14.59 -16.71 -26.58
CA ALA C 169 14.11 -16.80 -27.97
C ALA C 169 13.61 -15.45 -28.46
N SER C 170 12.85 -14.74 -27.61
CA SER C 170 12.30 -13.45 -28.02
C SER C 170 13.40 -12.44 -28.30
N THR C 171 14.41 -12.37 -27.43
CA THR C 171 15.51 -11.44 -27.66
C THR C 171 16.37 -11.88 -28.85
N GLN C 172 16.37 -13.17 -29.20
CA GLN C 172 17.09 -13.61 -30.38
C GLN C 172 16.37 -13.22 -31.66
N LEU C 173 15.03 -13.36 -31.67
CA LEU C 173 14.26 -13.08 -32.88
C LEU C 173 14.27 -11.60 -33.26
N GLY C 174 14.50 -10.70 -32.31
CA GLY C 174 14.38 -9.29 -32.56
C GLY C 174 15.51 -8.65 -33.35
N GLY C 175 16.64 -9.34 -33.48
CA GLY C 175 17.77 -8.78 -34.20
C GLY C 175 18.68 -7.89 -33.40
N LEU C 176 18.52 -7.82 -32.08
CA LEU C 176 19.44 -7.07 -31.26
C LEU C 176 20.82 -7.73 -31.26
N PRO C 177 21.89 -6.96 -31.06
CA PRO C 177 23.22 -7.58 -30.96
C PRO C 177 23.30 -8.53 -29.78
N PHE C 178 23.39 -9.83 -30.08
CA PHE C 178 23.34 -10.85 -29.05
C PHE C 178 24.36 -11.92 -29.37
N SER C 179 24.88 -12.57 -28.31
CA SER C 179 25.90 -13.60 -28.49
C SER C 179 25.31 -14.85 -29.15
N GLY C 180 24.13 -15.27 -28.69
CA GLY C 180 23.49 -16.45 -29.20
C GLY C 180 22.43 -16.95 -28.24
N PRO C 181 21.46 -17.72 -28.75
CA PRO C 181 20.36 -18.19 -27.89
C PRO C 181 20.90 -19.01 -26.72
N ILE C 182 20.23 -18.87 -25.57
CA ILE C 182 20.59 -19.59 -24.36
C ILE C 182 19.40 -20.42 -23.91
N GLY C 183 19.63 -21.69 -23.61
CA GLY C 183 18.59 -22.58 -23.14
C GLY C 183 18.72 -22.80 -21.64
N GLY C 184 17.58 -23.06 -21.01
CA GLY C 184 17.56 -23.28 -19.58
C GLY C 184 16.51 -24.28 -19.15
N VAL C 185 16.92 -25.28 -18.37
CA VAL C 185 16.02 -26.31 -17.88
C VAL C 185 16.19 -26.46 -16.37
N ARG C 186 15.18 -27.02 -15.73
CA ARG C 186 15.25 -27.39 -14.32
C ARG C 186 15.36 -28.91 -14.24
N VAL C 187 16.39 -29.38 -13.53
CA VAL C 187 16.66 -30.81 -13.42
C VAL C 187 16.71 -31.18 -11.95
N ALA C 188 16.01 -32.24 -11.59
CA ALA C 188 15.94 -32.70 -10.21
C ALA C 188 16.28 -34.18 -10.14
N LEU C 189 17.05 -34.56 -9.12
CA LEU C 189 17.44 -35.96 -8.97
C LEU C 189 16.28 -36.76 -8.41
N ILE C 190 15.91 -37.82 -9.11
CA ILE C 190 14.82 -38.70 -8.70
C ILE C 190 15.38 -40.12 -8.65
N ASP C 191 15.62 -40.62 -7.43
CA ASP C 191 15.98 -42.02 -7.21
C ASP C 191 17.17 -42.44 -8.05
N GLY C 192 18.20 -41.60 -8.08
CA GLY C 192 19.37 -41.86 -8.90
C GLY C 192 19.24 -41.47 -10.35
N THR C 193 18.10 -40.92 -10.75
CA THR C 193 17.87 -40.47 -12.12
C THR C 193 17.52 -38.99 -12.11
N TRP C 194 17.84 -38.32 -13.20
CA TRP C 194 17.59 -36.88 -13.36
C TRP C 194 16.48 -36.68 -14.38
N VAL C 195 15.51 -35.84 -14.03
CA VAL C 195 14.37 -35.54 -14.89
C VAL C 195 14.32 -34.05 -15.14
N GLY C 196 13.92 -33.66 -16.34
CA GLY C 196 13.81 -32.26 -16.69
C GLY C 196 12.37 -31.78 -16.68
N PHE C 197 12.22 -30.49 -16.36
CA PHE C 197 10.92 -29.82 -16.25
C PHE C 197 9.99 -30.62 -15.34
N PRO C 198 10.33 -30.82 -14.08
CA PRO C 198 9.51 -31.66 -13.22
C PRO C 198 8.31 -30.90 -12.66
N THR C 199 7.31 -31.66 -12.24
CA THR C 199 6.15 -31.11 -11.55
C THR C 199 6.34 -31.28 -10.04
N VAL C 200 5.41 -30.69 -9.29
CA VAL C 200 5.58 -30.58 -7.84
C VAL C 200 5.67 -31.95 -7.18
N ASP C 201 5.05 -32.98 -7.77
CA ASP C 201 5.03 -34.30 -7.14
C ASP C 201 6.43 -34.89 -7.05
N GLN C 202 7.15 -34.96 -8.18
CA GLN C 202 8.51 -35.47 -8.13
C GLN C 202 9.45 -34.50 -7.42
N ILE C 203 9.11 -33.20 -7.41
CA ILE C 203 9.91 -32.24 -6.65
C ILE C 203 9.86 -32.60 -5.17
N GLU C 204 8.67 -32.95 -4.66
CA GLU C 204 8.59 -33.50 -3.32
C GLU C 204 9.35 -34.83 -3.23
N ARG C 205 9.23 -35.67 -4.26
CA ARG C 205 9.93 -36.94 -4.26
C ARG C 205 11.44 -36.76 -4.39
N ALA C 206 11.88 -35.66 -5.01
CA ALA C 206 13.30 -35.42 -5.21
C ALA C 206 13.96 -35.02 -3.89
N VAL C 207 15.29 -34.88 -3.93
CA VAL C 207 16.05 -34.45 -2.77
C VAL C 207 16.86 -33.22 -3.13
N PHE C 208 16.94 -32.93 -4.42
CA PHE C 208 17.83 -31.86 -4.88
C PHE C 208 17.42 -31.42 -6.29
N ASP C 209 16.97 -30.17 -6.42
CA ASP C 209 16.52 -29.66 -7.71
C ASP C 209 17.39 -28.48 -8.13
N MET C 210 17.78 -28.48 -9.40
CA MET C 210 18.67 -27.47 -9.95
C MET C 210 18.07 -26.87 -11.21
N VAL C 211 18.33 -25.59 -11.41
CA VAL C 211 18.01 -24.91 -12.66
C VAL C 211 19.31 -24.44 -13.28
N VAL C 212 19.57 -24.89 -14.50
CA VAL C 212 20.81 -24.57 -15.21
C VAL C 212 20.46 -23.84 -16.49
N ALA C 213 21.44 -23.12 -17.03
CA ALA C 213 21.24 -22.37 -18.25
C ALA C 213 22.59 -22.12 -18.90
N GLY C 214 22.59 -22.09 -20.23
CA GLY C 214 23.81 -21.84 -20.97
C GLY C 214 23.55 -21.91 -22.46
N ARG C 215 24.61 -21.74 -23.22
CA ARG C 215 24.56 -21.80 -24.67
C ARG C 215 25.58 -22.81 -25.18
N ILE C 216 25.36 -23.29 -26.40
CA ILE C 216 26.29 -24.20 -27.05
C ILE C 216 27.30 -23.37 -27.84
N VAL C 217 28.59 -23.61 -27.59
CA VAL C 217 29.67 -22.90 -28.25
C VAL C 217 30.61 -23.92 -28.87
N GLU C 218 30.91 -23.76 -30.16
CA GLU C 218 31.81 -24.64 -30.89
C GLU C 218 31.39 -26.11 -30.74
N GLY C 219 30.09 -26.36 -30.82
CA GLY C 219 29.56 -27.70 -30.74
C GLY C 219 29.45 -28.28 -29.34
N ASP C 220 29.74 -27.51 -28.30
CA ASP C 220 29.63 -27.98 -26.93
C ASP C 220 28.91 -26.94 -26.08
N VAL C 221 28.03 -27.42 -25.21
CA VAL C 221 27.26 -26.52 -24.35
C VAL C 221 28.14 -26.05 -23.20
N ALA C 222 28.11 -24.73 -22.97
CA ALA C 222 28.84 -24.12 -21.86
C ALA C 222 27.85 -23.66 -20.81
N ILE C 223 28.01 -24.17 -19.59
CA ILE C 223 27.08 -23.85 -18.51
C ILE C 223 27.36 -22.44 -18.02
N MET C 224 26.30 -21.63 -17.94
CA MET C 224 26.43 -20.22 -17.60
C MET C 224 25.82 -19.86 -16.26
N MET C 225 24.79 -20.58 -15.81
CA MET C 225 24.16 -20.27 -14.53
C MET C 225 23.65 -21.56 -13.91
N VAL C 226 23.76 -21.65 -12.59
CA VAL C 226 23.25 -22.77 -11.82
C VAL C 226 22.70 -22.23 -10.50
N GLU C 227 21.49 -22.65 -10.14
CA GLU C 227 20.87 -22.27 -8.87
C GLU C 227 20.32 -23.54 -8.23
N ALA C 228 21.02 -24.02 -7.20
CA ALA C 228 20.69 -25.30 -6.57
C ALA C 228 19.55 -25.13 -5.58
N GLU C 229 19.30 -26.17 -4.79
CA GLU C 229 18.15 -26.27 -3.88
C GLU C 229 18.29 -27.53 -3.03
N ALA C 230 17.32 -27.69 -2.12
CA ALA C 230 17.18 -28.88 -1.30
C ALA C 230 15.76 -28.89 -0.79
N THR C 231 15.04 -29.99 -1.06
CA THR C 231 13.62 -30.05 -0.77
C THR C 231 13.38 -30.07 0.74
N GLU C 232 12.11 -30.12 1.12
CA GLU C 232 11.71 -30.07 2.52
C GLU C 232 11.72 -31.43 3.19
N ASN C 233 12.07 -32.49 2.47
CA ASN C 233 12.10 -33.84 3.02
C ASN C 233 13.42 -34.54 2.69
N VAL C 234 14.49 -33.78 2.52
CA VAL C 234 15.77 -34.38 2.14
C VAL C 234 16.32 -35.25 3.27
N VAL C 235 16.11 -34.85 4.52
CA VAL C 235 16.65 -35.60 5.65
C VAL C 235 15.98 -36.97 5.74
N GLU C 236 14.65 -37.01 5.64
CA GLU C 236 13.94 -38.27 5.76
C GLU C 236 14.09 -39.14 4.52
N LEU C 237 14.42 -38.55 3.36
CA LEU C 237 14.77 -39.35 2.20
C LEU C 237 16.16 -39.96 2.36
N VAL C 238 17.11 -39.18 2.84
CA VAL C 238 18.49 -39.66 3.02
C VAL C 238 18.51 -40.78 4.06
N GLU C 239 17.86 -40.55 5.20
CA GLU C 239 17.79 -41.61 6.21
C GLU C 239 16.84 -42.72 5.78
N GLY C 240 15.90 -42.43 4.88
CA GLY C 240 14.99 -43.41 4.34
C GLY C 240 15.45 -44.11 3.09
N GLY C 241 16.67 -43.84 2.65
CA GLY C 241 17.22 -44.47 1.45
C GLY C 241 17.39 -43.50 0.31
N ALA C 242 18.62 -43.03 0.11
CA ALA C 242 18.97 -42.08 -0.94
C ALA C 242 20.49 -41.96 -0.94
N GLN C 243 20.99 -41.04 -1.77
CA GLN C 243 22.40 -40.72 -1.84
C GLN C 243 22.62 -39.30 -1.33
N ALA C 244 23.63 -39.11 -0.51
CA ALA C 244 23.90 -37.79 0.06
C ALA C 244 24.42 -36.85 -1.02
N PRO C 245 23.76 -35.72 -1.26
CA PRO C 245 24.26 -34.78 -2.27
C PRO C 245 25.67 -34.31 -1.98
N THR C 246 26.53 -34.40 -2.99
CA THR C 246 27.92 -34.00 -2.91
C THR C 246 28.37 -33.57 -4.30
N GLU C 247 29.69 -33.51 -4.51
CA GLU C 247 30.24 -33.15 -5.81
C GLU C 247 29.79 -34.15 -6.89
N SER C 248 29.69 -35.43 -6.52
CA SER C 248 29.36 -36.46 -7.50
C SER C 248 27.99 -36.19 -8.13
N VAL C 249 26.97 -35.97 -7.31
CA VAL C 249 25.63 -35.83 -7.85
C VAL C 249 25.47 -34.53 -8.61
N VAL C 250 26.12 -33.45 -8.15
CA VAL C 250 25.99 -32.19 -8.88
C VAL C 250 26.69 -32.27 -10.23
N ALA C 251 27.84 -32.96 -10.29
CA ALA C 251 28.49 -33.19 -11.58
C ALA C 251 27.60 -34.04 -12.49
N ALA C 252 26.98 -35.08 -11.92
CA ALA C 252 26.07 -35.90 -12.71
C ALA C 252 24.88 -35.10 -13.22
N GLY C 253 24.34 -34.22 -12.38
CA GLY C 253 23.24 -33.38 -12.81
C GLY C 253 23.63 -32.42 -13.91
N LEU C 254 24.84 -31.87 -13.84
CA LEU C 254 25.33 -31.01 -14.91
C LEU C 254 25.45 -31.79 -16.22
N GLU C 255 26.09 -32.97 -16.16
CA GLU C 255 26.29 -33.77 -17.35
C GLU C 255 24.99 -34.37 -17.89
N ALA C 256 23.95 -34.43 -17.07
CA ALA C 256 22.64 -34.89 -17.53
C ALA C 256 21.77 -33.76 -18.04
N ALA C 257 21.98 -32.54 -17.54
CA ALA C 257 21.26 -31.38 -18.04
C ALA C 257 21.88 -30.80 -19.30
N LYS C 258 23.12 -31.18 -19.62
CA LYS C 258 23.72 -30.72 -20.88
C LYS C 258 22.90 -31.08 -22.11
N PRO C 259 22.43 -32.32 -22.30
CA PRO C 259 21.64 -32.61 -23.51
C PRO C 259 20.36 -31.81 -23.63
N PHE C 260 19.69 -31.53 -22.51
CA PHE C 260 18.47 -30.73 -22.57
C PHE C 260 18.77 -29.32 -23.09
N ILE C 261 19.84 -28.71 -22.59
CA ILE C 261 20.25 -27.40 -23.07
C ILE C 261 20.61 -27.47 -24.55
N ALA C 262 21.29 -28.55 -24.96
CA ALA C 262 21.64 -28.70 -26.37
C ALA C 262 20.39 -28.73 -27.25
N ALA C 263 19.40 -29.54 -26.86
CA ALA C 263 18.18 -29.63 -27.64
C ALA C 263 17.43 -28.29 -27.68
N LEU C 264 17.32 -27.62 -26.52
CA LEU C 264 16.63 -26.35 -26.48
C LEU C 264 17.32 -25.31 -27.36
N CYS C 265 18.65 -25.24 -27.29
CA CYS C 265 19.38 -24.27 -28.08
C CYS C 265 19.24 -24.56 -29.57
N THR C 266 19.28 -25.84 -29.95
CA THR C 266 19.07 -26.19 -31.35
C THR C 266 17.69 -25.76 -31.81
N ALA C 267 16.66 -25.98 -30.98
CA ALA C 267 15.32 -25.55 -31.33
C ALA C 267 15.25 -24.04 -31.51
N GLN C 268 15.88 -23.29 -30.60
CA GLN C 268 15.90 -21.84 -30.72
C GLN C 268 16.56 -21.41 -32.02
N GLN C 269 17.69 -22.05 -32.37
CA GLN C 269 18.38 -21.68 -33.60
C GLN C 269 17.57 -22.02 -34.84
N GLU C 270 16.90 -23.18 -34.87
CA GLU C 270 16.09 -23.50 -36.03
C GLU C 270 14.93 -22.52 -36.17
N LEU C 271 14.30 -22.14 -35.05
CA LEU C 271 13.24 -21.14 -35.13
C LEU C 271 13.80 -19.81 -35.64
N ALA C 272 14.98 -19.41 -35.15
CA ALA C 272 15.53 -18.12 -35.53
C ALA C 272 15.86 -18.07 -37.02
N ASP C 273 16.61 -19.05 -37.51
CA ASP C 273 17.00 -19.02 -38.91
C ASP C 273 15.86 -19.42 -39.84
N ALA C 274 14.81 -20.04 -39.32
CA ALA C 274 13.62 -20.31 -40.14
C ALA C 274 12.87 -19.01 -40.44
N ALA C 275 12.94 -18.04 -39.54
CA ALA C 275 12.21 -16.79 -39.70
C ALA C 275 12.87 -15.83 -40.67
N GLY C 276 14.07 -16.14 -41.15
CA GLY C 276 14.81 -15.23 -42.00
C GLY C 276 15.50 -14.11 -41.24
N LYS C 277 15.36 -14.06 -39.92
CA LYS C 277 16.00 -13.05 -39.10
C LYS C 277 17.35 -13.57 -38.63
N SER C 278 17.96 -12.87 -37.66
CA SER C 278 19.21 -13.29 -37.02
C SER C 278 20.37 -13.41 -38.00
N GLY C 279 20.25 -12.78 -39.18
CA GLY C 279 21.33 -12.78 -40.14
C GLY C 279 22.00 -11.42 -40.23
N LYS C 280 21.72 -10.68 -41.29
CA LYS C 280 22.20 -9.31 -41.40
C LYS C 280 21.24 -8.37 -40.68
N PRO C 281 21.69 -7.64 -39.65
CA PRO C 281 20.78 -6.74 -38.94
C PRO C 281 20.41 -5.55 -39.81
N THR C 282 19.09 -5.36 -40.02
CA THR C 282 18.62 -4.21 -40.76
C THR C 282 18.97 -2.91 -40.04
N VAL C 283 18.83 -2.90 -38.72
CA VAL C 283 19.17 -1.74 -37.89
C VAL C 283 20.44 -2.04 -37.13
N ASP C 284 21.37 -1.10 -37.14
CA ASP C 284 22.63 -1.22 -36.42
C ASP C 284 22.53 -0.38 -35.15
N PHE C 285 23.24 -0.83 -34.11
CA PHE C 285 23.17 -0.18 -32.80
C PHE C 285 24.49 0.52 -32.50
N PRO C 286 24.56 1.85 -32.61
CA PRO C 286 25.80 2.54 -32.23
C PRO C 286 26.19 2.21 -30.79
N VAL C 287 27.46 1.88 -30.61
CA VAL C 287 27.96 1.41 -29.33
C VAL C 287 28.70 2.54 -28.62
N PHE C 288 28.89 2.36 -27.32
CA PHE C 288 29.56 3.32 -26.46
C PHE C 288 30.67 2.60 -25.69
N PRO C 289 31.82 2.35 -26.32
CA PRO C 289 32.94 1.74 -25.60
C PRO C 289 33.38 2.61 -24.43
N ASP C 290 33.82 1.96 -23.37
CA ASP C 290 34.22 2.68 -22.15
C ASP C 290 35.43 3.56 -22.42
N TYR C 291 36.46 3.00 -23.05
CA TYR C 291 37.69 3.72 -23.33
C TYR C 291 38.15 3.43 -24.75
N GLY C 292 38.88 4.37 -25.33
CA GLY C 292 39.42 4.18 -26.66
C GLY C 292 40.64 3.27 -26.66
N GLU C 293 40.97 2.78 -27.86
CA GLU C 293 42.18 1.99 -28.02
C GLU C 293 43.43 2.87 -27.93
N ASP C 294 43.35 4.12 -28.36
CA ASP C 294 44.51 5.01 -28.28
C ASP C 294 44.90 5.30 -26.84
N VAL C 295 43.91 5.54 -25.96
CA VAL C 295 44.22 5.76 -24.56
C VAL C 295 44.75 4.47 -23.93
N TYR C 296 44.23 3.31 -24.35
CA TYR C 296 44.78 2.05 -23.89
C TYR C 296 46.26 1.92 -24.25
N TYR C 297 46.60 2.22 -25.51
CA TYR C 297 48.00 2.17 -25.93
C TYR C 297 48.85 3.15 -25.13
N SER C 298 48.35 4.36 -24.93
CA SER C 298 49.14 5.37 -24.23
C SER C 298 49.39 4.97 -22.77
N VAL C 299 48.35 4.49 -22.09
CA VAL C 299 48.52 4.06 -20.70
C VAL C 299 49.45 2.86 -20.62
N SER C 300 49.22 1.89 -21.52
CA SER C 300 50.08 0.69 -21.54
C SER C 300 51.53 1.15 -21.62
N SER C 301 51.84 2.00 -22.59
CA SER C 301 53.23 2.49 -22.78
C SER C 301 53.74 3.18 -21.50
N VAL C 302 52.99 4.17 -20.99
CA VAL C 302 53.50 4.93 -19.85
C VAL C 302 53.54 4.12 -18.56
N ALA C 303 52.91 2.95 -18.51
CA ALA C 303 52.93 2.13 -17.31
C ALA C 303 53.18 0.66 -17.67
N THR C 304 54.03 0.41 -18.66
CA THR C 304 54.22 -0.99 -19.13
C THR C 304 54.99 -1.84 -18.12
N ASP C 305 56.04 -1.29 -17.50
CA ASP C 305 56.89 -2.08 -16.61
C ASP C 305 56.97 -1.55 -15.19
N GLU C 306 57.01 -0.23 -15.00
CA GLU C 306 57.12 0.30 -13.65
C GLU C 306 55.85 0.05 -12.85
N LEU C 307 54.68 0.00 -13.51
CA LEU C 307 53.46 -0.36 -12.81
C LEU C 307 53.50 -1.81 -12.36
N ALA C 308 53.99 -2.71 -13.22
CA ALA C 308 54.14 -4.10 -12.82
C ALA C 308 55.12 -4.23 -11.66
N ALA C 309 56.21 -3.46 -11.68
CA ALA C 309 57.14 -3.46 -10.56
C ALA C 309 56.46 -2.95 -9.28
N ALA C 310 55.59 -1.95 -9.42
CA ALA C 310 54.84 -1.46 -8.26
C ALA C 310 53.94 -2.54 -7.68
N LEU C 311 53.27 -3.30 -8.55
CA LEU C 311 52.43 -4.40 -8.06
C LEU C 311 53.26 -5.51 -7.43
N THR C 312 54.42 -5.83 -7.99
CA THR C 312 55.16 -7.02 -7.55
C THR C 312 55.78 -6.85 -6.16
N ILE C 313 55.80 -5.63 -5.59
CA ILE C 313 56.38 -5.45 -4.26
C ILE C 313 55.54 -6.14 -3.20
N GLY C 314 54.22 -6.13 -3.34
CA GLY C 314 53.35 -6.71 -2.34
C GLY C 314 53.45 -6.05 -0.98
N GLY C 315 53.56 -4.72 -0.94
CA GLY C 315 53.68 -4.03 0.33
C GLY C 315 52.41 -4.08 1.17
N LYS C 316 51.26 -3.90 0.54
CA LYS C 316 49.94 -3.91 1.16
C LYS C 316 49.73 -2.70 2.07
N ALA C 317 50.78 -1.95 2.36
CA ALA C 317 50.69 -0.80 3.26
C ALA C 317 50.77 0.53 2.55
N GLU C 318 51.71 0.69 1.61
CA GLU C 318 51.83 1.91 0.83
C GLU C 318 51.54 1.68 -0.65
N ARG C 319 51.21 0.46 -1.06
CA ARG C 319 51.07 0.18 -2.49
C ARG C 319 49.81 0.82 -3.05
N ASP C 320 48.77 0.99 -2.23
CA ASP C 320 47.54 1.60 -2.75
C ASP C 320 47.77 3.07 -3.09
N GLN C 321 48.42 3.83 -2.21
CA GLN C 321 48.73 5.21 -2.57
C GLN C 321 49.86 5.28 -3.59
N ARG C 322 50.70 4.24 -3.68
CA ARG C 322 51.70 4.22 -4.74
C ARG C 322 51.05 4.10 -6.11
N ILE C 323 50.12 3.16 -6.28
CA ILE C 323 49.43 3.06 -7.55
C ILE C 323 48.55 4.29 -7.77
N ASP C 324 48.02 4.88 -6.70
CA ASP C 324 47.24 6.10 -6.84
C ASP C 324 48.08 7.24 -7.40
N GLU C 325 49.25 7.48 -6.80
CA GLU C 325 50.13 8.52 -7.34
C GLU C 325 50.64 8.16 -8.72
N ILE C 326 50.73 6.87 -9.04
CA ILE C 326 51.07 6.46 -10.40
C ILE C 326 50.01 6.93 -11.37
N LYS C 327 48.73 6.70 -11.04
CA LYS C 327 47.68 7.16 -11.94
C LYS C 327 47.63 8.68 -12.01
N THR C 328 47.85 9.36 -10.88
CA THR C 328 47.87 10.82 -10.93
C THR C 328 48.99 11.34 -11.82
N GLN C 329 50.19 10.76 -11.71
CA GLN C 329 51.32 11.25 -12.48
C GLN C 329 51.14 10.93 -13.96
N VAL C 330 50.60 9.76 -14.29
CA VAL C 330 50.34 9.50 -15.70
C VAL C 330 49.22 10.40 -16.22
N VAL C 331 48.22 10.72 -15.40
CA VAL C 331 47.17 11.62 -15.86
C VAL C 331 47.75 12.99 -16.15
N GLN C 332 48.64 13.46 -15.27
CA GLN C 332 49.35 14.71 -15.53
C GLN C 332 50.22 14.63 -16.78
N ARG C 333 50.75 13.45 -17.10
CA ARG C 333 51.55 13.30 -18.31
C ARG C 333 50.73 13.32 -19.59
N LEU C 334 49.58 12.64 -19.59
CA LEU C 334 48.79 12.52 -20.85
C LEU C 334 47.75 13.63 -21.01
N ALA C 335 47.41 14.34 -19.92
CA ALA C 335 46.33 15.32 -20.01
C ALA C 335 46.78 16.62 -20.66
N ASP C 336 48.03 17.01 -20.46
CA ASP C 336 48.54 18.25 -21.05
C ASP C 336 48.50 18.19 -22.58
N THR C 337 48.95 17.07 -23.14
CA THR C 337 48.98 16.96 -24.60
C THR C 337 47.64 16.46 -25.16
N TYR C 338 46.96 15.58 -24.43
CA TYR C 338 45.72 14.98 -24.89
C TYR C 338 44.63 15.21 -23.84
N GLU C 339 43.79 16.21 -24.07
CA GLU C 339 42.67 16.53 -23.21
C GLU C 339 41.40 15.88 -23.75
N GLY C 340 40.26 16.21 -23.13
CA GLY C 340 39.00 15.63 -23.54
C GLY C 340 38.83 14.17 -23.17
N ARG C 341 39.64 13.67 -22.25
CA ARG C 341 39.63 12.25 -21.86
C ARG C 341 39.99 12.17 -20.38
N GLU C 342 38.97 12.10 -19.53
CA GLU C 342 39.16 11.97 -18.09
C GLU C 342 38.61 10.66 -17.56
N LYS C 343 37.33 10.37 -17.79
CA LYS C 343 36.76 9.12 -17.30
C LYS C 343 37.30 7.91 -18.06
N GLU C 344 37.46 8.05 -19.38
CA GLU C 344 38.00 6.95 -20.17
C GLU C 344 39.43 6.63 -19.77
N VAL C 345 40.22 7.66 -19.45
CA VAL C 345 41.59 7.42 -19.00
C VAL C 345 41.58 6.62 -17.71
N GLY C 346 40.76 7.02 -16.74
CA GLY C 346 40.68 6.28 -15.48
C GLY C 346 40.22 4.86 -15.67
N ALA C 347 39.24 4.65 -16.57
CA ALA C 347 38.80 3.30 -16.88
C ALA C 347 39.94 2.47 -17.46
N ALA C 348 40.76 3.08 -18.32
CA ALA C 348 41.92 2.39 -18.87
C ALA C 348 42.91 2.01 -17.76
N LEU C 349 43.12 2.92 -16.81
CA LEU C 349 44.01 2.61 -15.68
C LEU C 349 43.47 1.44 -14.87
N ARG C 350 42.16 1.43 -14.60
CA ARG C 350 41.58 0.32 -13.86
C ARG C 350 41.70 -0.98 -14.64
N ALA C 351 41.53 -0.93 -15.97
CA ALA C 351 41.70 -2.12 -16.79
C ALA C 351 43.13 -2.64 -16.73
N LEU C 352 44.12 -1.74 -16.79
CA LEU C 352 45.52 -2.15 -16.67
C LEU C 352 45.77 -2.80 -15.32
N THR C 353 45.25 -2.20 -14.24
CA THR C 353 45.43 -2.78 -12.92
C THR C 353 44.79 -4.16 -12.84
N LYS C 354 43.58 -4.31 -13.40
CA LYS C 354 42.90 -5.59 -13.38
C LYS C 354 43.70 -6.66 -14.12
N LYS C 355 44.20 -6.32 -15.31
CA LYS C 355 44.99 -7.28 -16.06
C LYS C 355 46.28 -7.65 -15.32
N LEU C 356 46.91 -6.67 -14.67
CA LEU C 356 48.14 -6.93 -13.95
C LEU C 356 47.89 -7.86 -12.76
N VAL C 357 46.84 -7.58 -11.98
CA VAL C 357 46.59 -8.46 -10.83
C VAL C 357 46.16 -9.83 -11.31
N ARG C 358 45.47 -9.90 -12.44
CA ARG C 358 45.08 -11.20 -13.00
C ARG C 358 46.32 -12.03 -13.32
N GLN C 359 47.27 -11.47 -14.06
CA GLN C 359 48.46 -12.24 -14.40
C GLN C 359 49.31 -12.53 -13.16
N ARG C 360 49.33 -11.60 -12.20
CA ARG C 360 50.14 -11.79 -11.00
C ARG C 360 49.57 -12.93 -10.15
N ILE C 361 48.25 -12.95 -9.95
CA ILE C 361 47.60 -14.06 -9.25
C ILE C 361 47.82 -15.35 -10.02
N LEU C 362 47.79 -15.28 -11.35
CA LEU C 362 47.85 -16.48 -12.16
C LEU C 362 49.26 -17.06 -12.21
N THR C 363 50.28 -16.24 -11.98
CA THR C 363 51.67 -16.67 -12.06
C THR C 363 52.26 -17.00 -10.70
N ASP C 364 52.18 -16.07 -9.75
CA ASP C 364 52.72 -16.31 -8.41
C ASP C 364 51.74 -17.07 -7.52
N HIS C 365 50.49 -17.26 -7.96
CA HIS C 365 49.54 -18.19 -7.36
C HIS C 365 49.00 -17.66 -6.03
N PHE C 366 49.49 -16.51 -5.56
CA PHE C 366 49.02 -15.92 -4.32
C PHE C 366 48.15 -14.70 -4.59
N ARG C 367 47.23 -14.42 -3.65
CA ARG C 367 46.17 -13.46 -3.85
C ARG C 367 46.59 -12.07 -3.36
N ILE C 368 45.61 -11.18 -3.20
CA ILE C 368 45.87 -9.80 -2.82
C ILE C 368 46.58 -9.72 -1.48
N ASP C 369 46.06 -10.43 -0.47
CA ASP C 369 46.61 -10.32 0.88
C ASP C 369 47.98 -10.97 1.00
N GLY C 370 48.36 -11.85 0.07
CA GLY C 370 49.70 -12.37 -0.01
C GLY C 370 49.92 -13.73 0.63
N ARG C 371 48.95 -14.26 1.37
CA ARG C 371 49.13 -15.54 2.04
C ARG C 371 48.47 -16.65 1.22
N GLY C 372 48.43 -17.86 1.79
CA GLY C 372 47.92 -19.02 1.08
C GLY C 372 46.47 -18.88 0.70
N ILE C 373 46.18 -19.31 -0.53
CA ILE C 373 44.83 -19.17 -1.07
C ILE C 373 43.87 -20.15 -0.42
N THR C 374 44.31 -21.39 -0.22
CA THR C 374 43.44 -22.42 0.34
C THR C 374 43.39 -22.29 1.86
N ASP C 375 43.09 -21.09 2.34
CA ASP C 375 43.09 -20.82 3.78
C ASP C 375 42.17 -19.63 4.03
N ILE C 376 40.95 -19.90 4.47
CA ILE C 376 40.12 -18.87 5.04
C ILE C 376 40.62 -18.59 6.45
N ARG C 377 41.06 -17.36 6.70
CA ARG C 377 41.66 -17.03 7.98
C ARG C 377 40.60 -17.02 9.08
N ALA C 378 41.06 -16.77 10.31
CA ALA C 378 40.19 -16.91 11.47
C ALA C 378 39.00 -15.96 11.39
N LEU C 379 37.92 -16.34 12.05
CA LEU C 379 36.69 -15.57 12.07
C LEU C 379 35.94 -15.91 13.34
N SER C 380 35.14 -14.95 13.81
CA SER C 380 34.54 -15.05 15.13
C SER C 380 33.04 -14.80 15.03
N ALA C 381 32.28 -15.49 15.88
CA ALA C 381 30.84 -15.34 15.97
C ALA C 381 30.43 -15.38 17.44
N GLU C 382 29.53 -14.49 17.82
CA GLU C 382 29.03 -14.42 19.18
C GLU C 382 27.56 -14.81 19.23
N VAL C 383 27.02 -14.89 20.45
CA VAL C 383 25.64 -15.28 20.67
C VAL C 383 25.04 -14.40 21.76
N ALA C 384 23.71 -14.39 21.82
CA ALA C 384 22.96 -13.68 22.86
C ALA C 384 23.37 -12.22 22.96
N VAL C 385 23.46 -11.55 21.82
CA VAL C 385 23.89 -10.16 21.80
C VAL C 385 22.70 -9.24 22.04
N VAL C 386 21.66 -9.36 21.23
CA VAL C 386 20.45 -8.54 21.40
C VAL C 386 19.75 -9.01 22.66
N PRO C 387 19.49 -8.13 23.62
CA PRO C 387 18.95 -8.57 24.92
C PRO C 387 17.55 -9.17 24.85
N ARG C 388 16.59 -8.41 24.32
CA ARG C 388 15.19 -8.84 24.40
C ARG C 388 14.86 -9.89 23.35
N ALA C 389 15.45 -9.78 22.16
CA ALA C 389 15.08 -10.65 21.05
C ALA C 389 15.36 -12.12 21.38
N HIS C 390 14.60 -13.00 20.75
CA HIS C 390 14.67 -14.43 21.06
C HIS C 390 15.95 -15.08 20.56
N GLY C 391 16.76 -14.37 19.78
CA GLY C 391 18.03 -14.90 19.31
C GLY C 391 18.91 -13.77 18.83
N SER C 392 20.15 -14.12 18.51
CA SER C 392 21.10 -13.12 18.05
C SER C 392 22.24 -13.82 17.33
N ALA C 393 23.06 -13.01 16.66
CA ALA C 393 24.22 -13.51 15.93
C ALA C 393 25.13 -12.36 15.54
N LEU C 394 26.44 -12.52 15.77
CA LEU C 394 27.44 -11.53 15.42
C LEU C 394 28.52 -12.15 14.55
N PHE C 395 28.10 -12.93 13.56
CA PHE C 395 29.02 -13.52 12.60
C PHE C 395 29.87 -12.44 11.94
N GLU C 396 31.18 -12.45 12.19
CA GLU C 396 32.04 -11.34 11.84
C GLU C 396 33.20 -11.78 10.96
N ARG C 397 32.91 -12.57 9.93
CA ARG C 397 33.94 -13.10 9.05
C ARG C 397 34.69 -11.99 8.33
N GLY C 398 35.96 -11.80 8.65
CA GLY C 398 36.77 -10.82 7.94
C GLY C 398 36.17 -9.43 8.03
N GLU C 399 36.15 -8.74 6.89
CA GLU C 399 35.60 -7.38 6.86
C GLU C 399 34.07 -7.40 6.93
N THR C 400 33.43 -8.31 6.21
CA THR C 400 31.97 -8.33 6.18
C THR C 400 31.43 -8.73 7.55
N GLN C 401 30.46 -7.95 8.04
CA GLN C 401 29.86 -8.14 9.35
C GLN C 401 28.37 -8.28 9.17
N ILE C 402 27.78 -9.28 9.82
CA ILE C 402 26.36 -9.58 9.66
C ILE C 402 25.75 -9.82 11.02
N LEU C 403 24.43 -9.65 11.09
CA LEU C 403 23.67 -9.83 12.32
C LEU C 403 22.36 -10.53 11.99
N GLY C 404 22.00 -11.49 12.81
CA GLY C 404 20.76 -12.23 12.62
C GLY C 404 19.97 -12.29 13.90
N VAL C 405 18.65 -12.14 13.77
CA VAL C 405 17.74 -12.16 14.91
C VAL C 405 16.54 -13.02 14.54
N THR C 406 16.20 -13.97 15.40
CA THR C 406 14.98 -14.75 15.24
C THR C 406 13.83 -14.11 16.00
N THR C 407 12.61 -14.47 15.62
CA THR C 407 11.41 -14.02 16.32
C THR C 407 10.35 -15.10 16.16
N LEU C 408 10.21 -15.95 17.18
CA LEU C 408 9.18 -16.98 17.16
C LEU C 408 7.82 -16.38 17.52
N ASP C 409 6.78 -16.91 16.87
CA ASP C 409 5.42 -16.50 17.18
C ASP C 409 4.48 -17.63 16.77
N MET C 410 3.20 -17.44 17.08
CA MET C 410 2.21 -18.50 16.88
C MET C 410 1.94 -18.71 15.39
N ILE C 411 1.61 -19.97 15.06
CA ILE C 411 1.40 -20.36 13.67
C ILE C 411 0.25 -19.59 13.03
N LYS C 412 -0.69 -19.12 13.85
CA LYS C 412 -1.88 -18.45 13.31
C LYS C 412 -1.50 -17.31 12.37
N MET C 413 -0.45 -16.58 12.69
CA MET C 413 0.07 -15.51 11.82
C MET C 413 1.38 -15.97 11.21
N ALA C 414 1.48 -15.81 9.89
CA ALA C 414 2.65 -16.22 9.12
C ALA C 414 2.49 -15.66 7.70
N GLN C 415 3.40 -16.05 6.81
CA GLN C 415 3.30 -15.65 5.41
C GLN C 415 2.13 -16.36 4.75
N GLN C 416 1.33 -15.61 4.00
CA GLN C 416 0.12 -16.13 3.36
C GLN C 416 -0.01 -15.58 1.95
N ILE C 417 1.09 -15.62 1.19
CA ILE C 417 1.08 -15.05 -0.15
C ILE C 417 0.13 -15.82 -1.05
N ASP C 418 -0.42 -15.12 -2.04
CA ASP C 418 -1.13 -15.74 -3.15
C ASP C 418 -0.44 -15.35 -4.45
N SER C 419 -0.34 -16.30 -5.37
CA SER C 419 0.35 -16.09 -6.63
C SER C 419 -0.07 -17.20 -7.59
N LEU C 420 0.61 -17.29 -8.72
CA LEU C 420 0.34 -18.36 -9.66
C LEU C 420 0.98 -19.68 -9.21
N GLY C 421 2.11 -19.60 -8.52
CA GLY C 421 2.84 -20.78 -8.10
C GLY C 421 2.05 -21.63 -7.12
N PRO C 422 2.33 -22.94 -7.10
CA PRO C 422 1.62 -23.83 -6.17
C PRO C 422 1.89 -23.52 -4.71
N GLU C 423 3.01 -22.86 -4.40
CA GLU C 423 3.31 -22.51 -3.02
C GLU C 423 2.22 -21.60 -2.45
N THR C 424 1.73 -21.95 -1.26
CA THR C 424 0.62 -21.21 -0.68
C THR C 424 1.00 -20.53 0.64
N SER C 425 1.54 -21.29 1.58
CA SER C 425 1.84 -20.80 2.92
C SER C 425 3.29 -21.10 3.26
N LYS C 426 4.01 -20.08 3.71
CA LYS C 426 5.41 -20.21 4.09
C LYS C 426 5.51 -20.17 5.61
N ARG C 427 5.90 -21.30 6.22
CA ARG C 427 6.15 -21.31 7.65
C ARG C 427 7.35 -20.45 8.01
N TYR C 428 8.39 -20.49 7.18
CA TYR C 428 9.65 -19.83 7.48
C TYR C 428 9.92 -18.79 6.40
N MET C 429 10.04 -17.53 6.81
CA MET C 429 10.42 -16.45 5.91
C MET C 429 11.67 -15.77 6.44
N HIS C 430 12.61 -15.49 5.54
CA HIS C 430 13.93 -14.95 5.88
C HIS C 430 14.08 -13.60 5.19
N HIS C 431 13.86 -12.53 5.94
CA HIS C 431 14.02 -11.20 5.37
C HIS C 431 15.51 -10.87 5.26
N TYR C 432 15.79 -9.65 4.85
CA TYR C 432 17.16 -9.20 4.66
C TYR C 432 17.17 -7.68 4.68
N ASN C 433 18.36 -7.13 4.94
CA ASN C 433 18.52 -5.68 4.96
C ASN C 433 19.91 -5.33 4.45
N PHE C 434 19.99 -4.22 3.72
CA PHE C 434 21.26 -3.68 3.24
C PHE C 434 21.27 -2.19 3.57
N PRO C 435 21.39 -1.85 4.86
CA PRO C 435 21.28 -0.45 5.25
C PRO C 435 22.39 0.37 4.63
N PRO C 436 22.12 1.64 4.30
CA PRO C 436 23.12 2.44 3.58
C PRO C 436 24.45 2.58 4.31
N PHE C 437 24.43 2.67 5.65
CA PHE C 437 25.67 2.90 6.38
C PHE C 437 26.61 1.70 6.35
N SER C 438 26.16 0.55 5.85
CA SER C 438 27.01 -0.64 5.85
C SER C 438 28.21 -0.47 4.93
N THR C 439 27.97 -0.06 3.69
CA THR C 439 29.03 -0.04 2.70
C THR C 439 30.04 1.08 2.93
N GLY C 440 29.68 2.07 3.75
CA GLY C 440 30.52 3.23 3.93
C GLY C 440 30.16 4.42 3.07
N GLU C 441 29.13 4.30 2.25
CA GLU C 441 28.63 5.38 1.42
C GLU C 441 27.14 5.56 1.65
N THR C 442 26.66 6.79 1.40
CA THR C 442 25.26 7.10 1.65
C THR C 442 24.37 6.37 0.65
N GLY C 443 23.06 6.54 0.81
CA GLY C 443 22.12 5.94 -0.09
C GLY C 443 20.70 6.08 0.40
N ARG C 444 19.77 5.76 -0.49
CA ARG C 444 18.35 5.82 -0.20
C ARG C 444 17.93 4.62 0.64
N VAL C 445 16.99 4.85 1.56
CA VAL C 445 16.45 3.80 2.42
C VAL C 445 14.93 3.73 2.21
N GLY C 446 14.41 2.52 2.19
CA GLY C 446 12.99 2.31 1.93
C GLY C 446 12.70 0.91 1.42
N SER C 447 11.98 0.83 0.32
CA SER C 447 11.70 -0.47 -0.28
C SER C 447 12.99 -1.10 -0.79
N PRO C 448 13.30 -2.34 -0.42
CA PRO C 448 14.55 -2.95 -0.86
C PRO C 448 14.56 -3.21 -2.36
N LYS C 449 15.76 -3.21 -2.93
CA LYS C 449 15.94 -3.45 -4.36
C LYS C 449 15.82 -4.94 -4.63
N ARG C 450 16.12 -5.34 -5.87
CA ARG C 450 16.01 -6.75 -6.25
C ARG C 450 17.15 -7.58 -5.68
N ARG C 451 18.32 -6.96 -5.45
CA ARG C 451 19.45 -7.70 -4.89
C ARG C 451 19.16 -8.19 -3.48
N GLU C 452 18.55 -7.33 -2.66
CA GLU C 452 18.16 -7.73 -1.31
C GLU C 452 17.20 -8.92 -1.35
N ILE C 453 16.18 -8.85 -2.20
CA ILE C 453 15.22 -9.95 -2.29
C ILE C 453 15.91 -11.22 -2.77
N GLY C 454 16.80 -11.10 -3.75
CA GLY C 454 17.48 -12.28 -4.25
C GLY C 454 18.35 -12.95 -3.20
N HIS C 455 19.13 -12.16 -2.47
CA HIS C 455 19.98 -12.73 -1.42
C HIS C 455 19.16 -13.34 -0.30
N GLY C 456 18.07 -12.67 0.11
CA GLY C 456 17.21 -13.23 1.12
C GLY C 456 16.55 -14.52 0.66
N ALA C 457 16.15 -14.58 -0.61
CA ALA C 457 15.56 -15.79 -1.16
C ALA C 457 16.58 -16.92 -1.17
N LEU C 458 17.83 -16.62 -1.54
CA LEU C 458 18.86 -17.65 -1.51
C LEU C 458 19.07 -18.18 -0.10
N ALA C 459 19.12 -17.28 0.89
CA ALA C 459 19.29 -17.71 2.27
C ALA C 459 18.14 -18.59 2.73
N GLU C 460 16.90 -18.18 2.42
CA GLU C 460 15.74 -18.96 2.82
C GLU C 460 15.75 -20.33 2.14
N ARG C 461 16.10 -20.37 0.86
CA ARG C 461 16.18 -21.64 0.15
C ARG C 461 17.25 -22.54 0.75
N ALA C 462 18.34 -21.95 1.22
CA ALA C 462 19.40 -22.73 1.85
C ALA C 462 19.03 -23.22 3.24
N LEU C 463 18.12 -22.52 3.94
CA LEU C 463 17.75 -22.93 5.28
C LEU C 463 16.49 -23.78 5.36
N VAL C 464 15.67 -23.82 4.31
CA VAL C 464 14.39 -24.53 4.40
C VAL C 464 14.54 -26.02 4.69
N PRO C 465 15.50 -26.78 4.08
CA PRO C 465 15.45 -28.24 4.24
C PRO C 465 15.74 -28.71 5.66
N VAL C 466 16.79 -28.18 6.27
CA VAL C 466 17.22 -28.67 7.58
C VAL C 466 16.28 -28.24 8.70
N LEU C 467 15.43 -27.25 8.43
CA LEU C 467 14.51 -26.77 9.45
C LEU C 467 13.55 -27.88 9.89
N PRO C 468 13.21 -27.95 11.19
CA PRO C 468 12.35 -29.05 11.67
C PRO C 468 10.95 -29.04 11.09
N SER C 469 10.15 -30.03 11.48
CA SER C 469 8.81 -30.22 10.97
C SER C 469 7.83 -29.24 11.62
N VAL C 470 6.55 -29.39 11.30
CA VAL C 470 5.53 -28.49 11.81
C VAL C 470 4.94 -29.00 13.11
N GLU C 471 4.55 -30.29 13.14
CA GLU C 471 3.86 -30.83 14.31
C GLU C 471 4.79 -30.90 15.52
N GLU C 472 6.05 -31.28 15.31
CA GLU C 472 6.98 -31.38 16.42
C GLU C 472 7.26 -30.01 17.04
N PHE C 473 7.38 -28.98 16.22
CA PHE C 473 7.72 -27.63 16.66
C PHE C 473 6.77 -26.65 16.00
N PRO C 474 5.56 -26.50 16.54
CA PRO C 474 4.60 -25.57 15.93
C PRO C 474 4.88 -24.13 16.32
N TYR C 475 5.50 -23.38 15.41
CA TYR C 475 5.91 -22.01 15.68
C TYR C 475 6.15 -21.31 14.34
N ALA C 476 5.88 -20.01 14.32
CA ALA C 476 6.15 -19.18 13.16
C ALA C 476 7.49 -18.50 13.35
N ILE C 477 8.46 -18.85 12.51
CA ILE C 477 9.83 -18.38 12.63
C ILE C 477 10.05 -17.28 11.59
N ARG C 478 10.27 -16.06 12.06
CA ARG C 478 10.70 -14.96 11.22
C ARG C 478 12.09 -14.54 11.66
N GLN C 479 13.03 -14.49 10.73
CA GLN C 479 14.38 -14.06 11.05
C GLN C 479 14.83 -13.04 10.03
N VAL C 480 15.31 -11.90 10.52
CA VAL C 480 15.87 -10.86 9.67
C VAL C 480 17.38 -10.92 9.75
N SER C 481 18.03 -10.48 8.68
CA SER C 481 19.48 -10.32 8.65
C SER C 481 19.80 -8.85 8.43
N GLU C 482 20.59 -8.28 9.33
CA GLU C 482 21.05 -6.90 9.21
C GLU C 482 22.49 -6.91 8.76
N ALA C 483 22.78 -6.17 7.69
CA ALA C 483 24.13 -6.05 7.16
C ALA C 483 24.76 -4.83 7.80
N LEU C 484 25.50 -5.04 8.89
CA LEU C 484 26.12 -3.93 9.59
C LEU C 484 27.37 -3.44 8.89
N GLY C 485 27.78 -4.09 7.81
CA GLY C 485 28.91 -3.68 7.00
C GLY C 485 29.39 -4.84 6.14
N SER C 486 29.71 -4.56 4.88
CA SER C 486 30.06 -5.62 3.94
C SER C 486 30.95 -5.07 2.85
N ASN C 487 31.95 -5.86 2.47
CA ASN C 487 32.84 -5.51 1.36
C ASN C 487 32.50 -6.29 0.09
N GLY C 488 32.50 -7.62 0.18
CA GLY C 488 32.19 -8.45 -0.96
C GLY C 488 30.92 -9.25 -0.79
N SER C 489 31.02 -10.57 -0.92
CA SER C 489 29.86 -11.43 -0.77
C SER C 489 29.34 -11.36 0.67
N THR C 490 28.02 -11.34 0.79
CA THR C 490 27.38 -11.20 2.10
C THR C 490 26.21 -12.15 2.34
N SER C 491 25.71 -12.85 1.32
CA SER C 491 24.62 -13.78 1.54
C SER C 491 25.03 -14.95 2.41
N MET C 492 26.25 -15.47 2.21
CA MET C 492 26.71 -16.60 2.99
C MET C 492 26.87 -16.24 4.46
N GLY C 493 27.37 -15.04 4.75
CA GLY C 493 27.35 -14.56 6.12
C GLY C 493 25.95 -14.47 6.68
N SER C 494 24.98 -14.11 5.83
CA SER C 494 23.59 -14.10 6.26
C SER C 494 23.13 -15.49 6.64
N VAL C 495 23.51 -16.51 5.86
CA VAL C 495 23.14 -17.89 6.20
C VAL C 495 23.81 -18.32 7.50
N CYS C 496 25.06 -17.92 7.71
CA CYS C 496 25.75 -18.26 8.94
C CYS C 496 25.05 -17.63 10.15
N ALA C 497 24.70 -16.34 10.05
CA ALA C 497 23.94 -15.71 11.12
C ALA C 497 22.59 -16.38 11.29
N SER C 498 22.00 -16.87 10.19
CA SER C 498 20.71 -17.54 10.27
C SER C 498 20.80 -18.80 11.11
N THR C 499 21.82 -19.63 10.86
CA THR C 499 21.98 -20.84 11.66
C THR C 499 22.35 -20.50 13.10
N LEU C 500 23.14 -19.44 13.30
CA LEU C 500 23.45 -18.97 14.64
C LEU C 500 22.17 -18.69 15.42
N ALA C 501 21.30 -17.85 14.84
CA ALA C 501 20.10 -17.41 15.54
C ALA C 501 19.10 -18.55 15.70
N LEU C 502 19.00 -19.43 14.70
CA LEU C 502 18.13 -20.60 14.85
C LEU C 502 18.57 -21.47 16.01
N LEU C 503 19.88 -21.71 16.15
CA LEU C 503 20.35 -22.48 17.30
C LEU C 503 20.10 -21.75 18.62
N ASN C 504 20.32 -20.43 18.65
CA ASN C 504 20.17 -19.72 19.91
C ASN C 504 18.70 -19.58 20.32
N ALA C 505 17.78 -19.58 19.35
CA ALA C 505 16.37 -19.35 19.67
C ALA C 505 15.79 -20.51 20.45
N GLY C 506 16.10 -21.74 20.05
CA GLY C 506 15.53 -22.91 20.71
C GLY C 506 14.89 -23.86 19.73
N VAL C 507 15.16 -23.66 18.44
CA VAL C 507 14.62 -24.52 17.39
C VAL C 507 15.50 -25.76 17.29
N PRO C 508 14.94 -26.96 17.46
CA PRO C 508 15.78 -28.17 17.39
C PRO C 508 16.27 -28.46 15.98
N LEU C 509 17.20 -27.65 15.50
CA LEU C 509 17.68 -27.78 14.13
C LEU C 509 18.40 -29.12 13.94
N LYS C 510 18.25 -29.68 12.75
CA LYS C 510 18.83 -31.00 12.48
C LYS C 510 20.34 -30.95 12.40
N ALA C 511 20.89 -29.92 11.76
CA ALA C 511 22.34 -29.78 11.63
C ALA C 511 22.71 -28.35 11.28
N PRO C 512 23.69 -27.76 11.97
CA PRO C 512 24.16 -26.42 11.60
C PRO C 512 24.71 -26.40 10.18
N VAL C 513 24.51 -25.28 9.50
CA VAL C 513 24.80 -25.15 8.07
C VAL C 513 25.44 -23.80 7.80
N ALA C 514 26.44 -23.78 6.92
CA ALA C 514 27.13 -22.55 6.53
C ALA C 514 27.63 -22.70 5.11
N GLY C 515 28.36 -21.69 4.64
CA GLY C 515 28.92 -21.73 3.30
C GLY C 515 29.83 -20.56 3.05
N ILE C 516 30.86 -20.80 2.23
CA ILE C 516 31.84 -19.79 1.86
C ILE C 516 31.80 -19.68 0.34
N ALA C 517 32.02 -18.47 -0.17
CA ALA C 517 31.98 -18.20 -1.61
C ALA C 517 33.33 -18.55 -2.24
N MET C 518 33.25 -19.34 -3.32
CA MET C 518 34.48 -19.72 -4.07
C MET C 518 34.53 -18.95 -5.39
N GLY C 519 35.69 -18.35 -5.70
CA GLY C 519 35.91 -17.59 -6.92
C GLY C 519 37.17 -18.03 -7.62
N LEU C 520 37.11 -18.28 -8.93
CA LEU C 520 38.27 -18.74 -9.67
C LEU C 520 38.47 -17.88 -10.91
N VAL C 521 39.71 -17.88 -11.39
CA VAL C 521 40.10 -17.11 -12.57
C VAL C 521 40.67 -18.07 -13.61
N SER C 522 40.28 -17.86 -14.87
CA SER C 522 40.71 -18.73 -15.95
C SER C 522 42.05 -18.28 -16.53
N ASP C 523 42.90 -19.26 -16.82
CA ASP C 523 44.22 -19.01 -17.38
C ASP C 523 44.11 -18.89 -18.89
N ASP C 524 43.76 -17.70 -19.37
CA ASP C 524 43.75 -17.38 -20.79
C ASP C 524 45.15 -17.31 -21.39
N ILE C 525 46.19 -17.31 -20.57
CA ILE C 525 47.56 -17.18 -21.02
C ILE C 525 48.23 -18.55 -20.96
N GLN C 526 49.29 -18.71 -21.74
CA GLN C 526 50.06 -19.95 -21.82
C GLN C 526 51.41 -19.74 -21.15
N VAL C 527 52.21 -20.81 -21.12
CA VAL C 527 53.57 -20.73 -20.62
C VAL C 527 54.47 -20.16 -21.71
N GLU C 528 54.78 -18.87 -21.61
CA GLU C 528 55.51 -18.16 -22.65
C GLU C 528 54.83 -18.37 -23.99
N GLY C 529 55.52 -19.05 -24.91
CA GLY C 529 54.91 -19.48 -26.15
C GLY C 529 54.47 -18.36 -27.08
N ALA C 530 55.43 -17.60 -27.62
CA ALA C 530 55.10 -16.68 -28.69
C ALA C 530 54.53 -17.42 -29.89
N VAL C 531 54.97 -18.66 -30.10
CA VAL C 531 54.35 -19.56 -31.07
C VAL C 531 53.93 -20.88 -30.45
N ASP C 532 54.49 -21.27 -29.31
CA ASP C 532 54.13 -22.53 -28.67
C ASP C 532 52.80 -22.40 -27.95
N GLY C 533 51.97 -23.44 -28.06
CA GLY C 533 50.70 -23.46 -27.35
C GLY C 533 50.62 -24.58 -26.34
N VAL C 534 50.60 -24.22 -25.06
CA VAL C 534 50.51 -25.19 -23.97
C VAL C 534 49.30 -24.85 -23.11
N VAL C 535 48.44 -25.85 -22.91
CA VAL C 535 47.20 -25.66 -22.17
C VAL C 535 47.56 -25.85 -20.70
N GLU C 536 48.09 -24.80 -20.10
CA GLU C 536 48.47 -24.77 -18.69
C GLU C 536 47.36 -24.02 -17.97
N ARG C 537 46.16 -24.60 -17.95
CA ARG C 537 44.96 -23.95 -17.43
C ARG C 537 45.04 -23.93 -15.90
N ARG C 538 45.79 -22.96 -15.38
CA ARG C 538 45.94 -22.78 -13.93
C ARG C 538 44.64 -22.17 -13.38
N PHE C 539 43.65 -23.04 -13.19
CA PHE C 539 42.34 -22.62 -12.70
C PHE C 539 42.41 -22.47 -11.19
N VAL C 540 42.96 -21.34 -10.76
CA VAL C 540 43.16 -21.05 -9.34
C VAL C 540 41.82 -20.66 -8.73
N THR C 541 41.30 -21.52 -7.85
CA THR C 541 40.03 -21.28 -7.18
C THR C 541 40.27 -20.57 -5.87
N LEU C 542 40.09 -19.25 -5.86
CA LEU C 542 40.30 -18.46 -4.66
C LEU C 542 39.22 -18.79 -3.64
N THR C 543 39.63 -19.23 -2.46
CA THR C 543 38.67 -19.74 -1.48
C THR C 543 37.80 -18.63 -0.89
N ASP C 544 38.32 -17.42 -0.83
CA ASP C 544 37.56 -16.29 -0.32
C ASP C 544 37.59 -15.14 -1.31
N ILE C 545 36.51 -14.38 -1.35
CA ILE C 545 36.33 -13.30 -2.31
C ILE C 545 36.17 -11.98 -1.57
N LEU C 546 36.90 -10.97 -2.02
CA LEU C 546 36.66 -9.59 -1.63
C LEU C 546 35.95 -8.86 -2.78
N GLY C 547 35.48 -7.65 -2.47
CA GLY C 547 34.70 -6.90 -3.46
C GLY C 547 35.48 -6.67 -4.74
N ALA C 548 36.73 -6.23 -4.62
CA ALA C 548 37.58 -6.06 -5.80
C ALA C 548 37.85 -7.40 -6.48
N GLU C 549 38.06 -8.45 -5.68
CA GLU C 549 38.29 -9.78 -6.24
C GLU C 549 37.10 -10.24 -7.07
N ASP C 550 35.89 -9.99 -6.57
CA ASP C 550 34.70 -10.26 -7.38
C ASP C 550 34.65 -9.35 -8.60
N ALA C 551 35.12 -8.12 -8.48
CA ALA C 551 35.08 -7.19 -9.60
C ALA C 551 35.95 -7.68 -10.76
N PHE C 552 37.17 -8.13 -10.47
CA PHE C 552 38.05 -8.65 -11.51
C PHE C 552 38.12 -10.17 -11.49
N GLY C 553 37.18 -10.83 -10.81
CA GLY C 553 37.07 -12.26 -10.88
C GLY C 553 36.39 -12.70 -12.15
N ASP C 554 36.31 -14.03 -12.30
CA ASP C 554 35.68 -14.62 -13.47
C ASP C 554 34.77 -15.80 -13.14
N MET C 555 34.45 -16.02 -11.88
CA MET C 555 33.74 -17.23 -11.47
C MET C 555 33.22 -17.02 -10.06
N ASP C 556 31.95 -17.29 -9.83
CA ASP C 556 31.33 -17.13 -8.52
C ASP C 556 30.48 -18.35 -8.20
N PHE C 557 30.64 -18.89 -6.98
CA PHE C 557 29.91 -20.07 -6.56
C PHE C 557 28.90 -19.77 -5.45
N LYS C 558 29.34 -19.20 -4.33
CA LYS C 558 28.48 -18.98 -3.17
C LYS C 558 27.80 -20.28 -2.73
N VAL C 559 28.58 -21.36 -2.70
CA VAL C 559 28.05 -22.65 -2.28
C VAL C 559 27.90 -22.69 -0.76
N ALA C 560 26.83 -23.34 -0.30
CA ALA C 560 26.55 -23.45 1.13
C ALA C 560 25.84 -24.76 1.40
N GLY C 561 26.13 -25.36 2.55
CA GLY C 561 25.53 -26.63 2.90
C GLY C 561 25.95 -27.06 4.29
N THR C 562 25.52 -28.25 4.66
CA THR C 562 25.87 -28.82 5.96
C THR C 562 27.14 -29.68 5.82
N LYS C 563 27.46 -30.45 6.86
CA LYS C 563 28.62 -31.33 6.79
C LYS C 563 28.45 -32.41 5.74
N ASP C 564 27.20 -32.84 5.49
CA ASP C 564 26.92 -33.99 4.63
C ASP C 564 26.53 -33.58 3.22
N PHE C 565 25.50 -32.75 3.07
CA PHE C 565 24.93 -32.46 1.77
C PHE C 565 24.81 -30.95 1.57
N VAL C 566 25.08 -30.51 0.33
CA VAL C 566 24.97 -29.09 0.01
C VAL C 566 23.50 -28.69 -0.06
N THR C 567 23.25 -27.38 0.01
CA THR C 567 21.89 -26.85 -0.09
C THR C 567 21.72 -25.90 -1.26
N ALA C 568 22.62 -24.93 -1.43
CA ALA C 568 22.45 -23.89 -2.43
C ALA C 568 23.72 -23.70 -3.24
N LEU C 569 23.54 -23.26 -4.49
CA LEU C 569 24.65 -22.92 -5.37
C LEU C 569 24.22 -21.75 -6.24
N GLN C 570 25.22 -21.01 -6.73
CA GLN C 570 24.97 -19.87 -7.60
C GLN C 570 26.15 -19.75 -8.55
N LEU C 571 25.99 -20.23 -9.78
CA LEU C 571 27.07 -20.31 -10.75
C LEU C 571 26.92 -19.16 -11.75
N ASP C 572 28.02 -18.47 -12.03
CA ASP C 572 27.97 -17.23 -12.81
C ASP C 572 29.09 -17.18 -13.84
N THR C 573 29.24 -18.25 -14.62
CA THR C 573 30.28 -18.30 -15.66
C THR C 573 30.21 -17.07 -16.55
N LYS C 574 31.34 -16.37 -16.67
CA LYS C 574 31.42 -15.23 -17.59
C LYS C 574 31.34 -15.70 -19.03
N LEU C 575 32.30 -16.52 -19.46
CA LEU C 575 32.35 -16.97 -20.85
C LEU C 575 33.31 -18.14 -21.01
N ASP C 576 32.86 -19.18 -21.72
CA ASP C 576 33.72 -20.29 -22.14
C ASP C 576 34.47 -20.92 -20.96
N GLY C 577 33.79 -21.05 -19.82
CA GLY C 577 34.42 -21.66 -18.66
C GLY C 577 34.73 -23.11 -18.87
N ILE C 578 33.67 -23.94 -18.90
CA ILE C 578 33.70 -25.38 -19.13
C ILE C 578 34.97 -26.04 -18.60
N PRO C 579 35.24 -26.00 -17.31
CA PRO C 579 36.42 -26.68 -16.79
C PRO C 579 36.30 -28.19 -16.91
N SER C 580 35.20 -28.73 -16.39
CA SER C 580 34.81 -30.13 -16.55
C SER C 580 35.75 -31.07 -15.81
N GLN C 581 36.81 -30.53 -15.22
CA GLN C 581 37.77 -31.35 -14.48
C GLN C 581 38.23 -30.73 -13.16
N VAL C 582 38.16 -29.41 -13.01
CA VAL C 582 38.59 -28.74 -11.79
C VAL C 582 37.43 -28.25 -10.94
N LEU C 583 36.20 -28.31 -11.45
CA LEU C 583 35.04 -28.04 -10.61
C LEU C 583 35.01 -28.96 -9.41
N ALA C 584 35.45 -30.21 -9.59
CA ALA C 584 35.58 -31.13 -8.47
C ALA C 584 36.50 -30.56 -7.40
N GLY C 585 37.71 -30.15 -7.79
CA GLY C 585 38.64 -29.59 -6.82
C GLY C 585 38.12 -28.33 -6.15
N ALA C 586 37.41 -27.48 -6.91
CA ALA C 586 36.79 -26.31 -6.30
C ALA C 586 35.76 -26.71 -5.26
N LEU C 587 34.97 -27.75 -5.55
CA LEU C 587 34.01 -28.24 -4.55
C LEU C 587 34.70 -28.82 -3.33
N GLU C 588 35.83 -29.52 -3.50
CA GLU C 588 36.57 -29.99 -2.32
C GLU C 588 37.10 -28.83 -1.50
N GLN C 589 37.61 -27.79 -2.15
CA GLN C 589 38.06 -26.61 -1.40
C GLN C 589 36.92 -25.96 -0.64
N ALA C 590 35.76 -25.86 -1.29
CA ALA C 590 34.57 -25.31 -0.61
C ALA C 590 34.18 -26.18 0.57
N LYS C 591 34.25 -27.50 0.41
CA LYS C 591 33.92 -28.40 1.51
C LYS C 591 34.89 -28.24 2.67
N ASP C 592 36.18 -28.09 2.38
CA ASP C 592 37.16 -27.88 3.45
C ASP C 592 36.89 -26.58 4.19
N ALA C 593 36.62 -25.51 3.46
CA ALA C 593 36.31 -24.23 4.11
C ALA C 593 35.04 -24.33 4.94
N ARG C 594 34.03 -25.03 4.41
CA ARG C 594 32.79 -25.24 5.14
C ARG C 594 33.02 -26.01 6.42
N LEU C 595 33.85 -27.05 6.38
CA LEU C 595 34.16 -27.81 7.58
C LEU C 595 34.91 -26.97 8.59
N THR C 596 35.85 -26.12 8.13
CA THR C 596 36.56 -25.23 9.05
C THR C 596 35.60 -24.28 9.74
N ILE C 597 34.71 -23.65 8.97
CA ILE C 597 33.80 -22.69 9.58
C ILE C 597 32.77 -23.39 10.46
N LEU C 598 32.42 -24.65 10.16
CA LEU C 598 31.52 -25.37 11.03
C LEU C 598 32.22 -25.83 12.31
N GLU C 599 33.52 -26.08 12.25
CA GLU C 599 34.28 -26.30 13.49
C GLU C 599 34.28 -25.05 14.35
N VAL C 600 34.47 -23.88 13.72
CA VAL C 600 34.35 -22.62 14.47
C VAL C 600 32.95 -22.47 15.05
N MET C 601 31.94 -22.84 14.26
CA MET C 601 30.57 -22.94 14.77
C MET C 601 30.50 -23.75 16.05
N ALA C 602 30.94 -25.00 15.99
CA ALA C 602 30.83 -25.90 17.13
C ALA C 602 31.55 -25.32 18.34
N GLU C 603 32.70 -24.68 18.11
CA GLU C 603 33.38 -24.00 19.21
C GLU C 603 32.53 -22.86 19.77
N ALA C 604 31.75 -22.20 18.93
CA ALA C 604 30.91 -21.09 19.40
C ALA C 604 29.67 -21.61 20.11
N ILE C 605 28.83 -22.39 19.41
CA ILE C 605 27.64 -22.99 19.99
C ILE C 605 27.41 -24.33 19.31
N ASP C 606 26.92 -25.31 20.08
CA ASP C 606 26.83 -26.68 19.61
C ASP C 606 25.40 -27.19 19.52
N ARG C 607 24.62 -27.07 20.59
CA ARG C 607 23.30 -27.67 20.69
C ARG C 607 22.25 -26.58 20.86
N PRO C 608 20.99 -26.84 20.49
CA PRO C 608 19.93 -25.86 20.71
C PRO C 608 19.83 -25.47 22.18
N ASP C 609 19.75 -24.16 22.43
CA ASP C 609 19.80 -23.63 23.77
C ASP C 609 18.43 -23.75 24.44
N GLU C 610 18.36 -23.33 25.71
CA GLU C 610 17.10 -23.34 26.44
C GLU C 610 16.12 -22.35 25.82
N MET C 611 14.84 -22.73 25.85
CA MET C 611 13.81 -21.96 25.18
C MET C 611 13.53 -20.70 26.03
N SER C 612 13.84 -19.53 25.48
CA SER C 612 13.95 -18.33 26.31
C SER C 612 12.60 -17.90 26.84
N PRO C 613 12.50 -17.58 28.14
CA PRO C 613 11.20 -17.23 28.72
C PRO C 613 10.53 -16.00 28.11
N TYR C 614 11.32 -15.05 27.58
CA TYR C 614 10.73 -13.83 27.05
C TYR C 614 9.83 -14.12 25.85
N ALA C 615 10.26 -15.02 24.98
CA ALA C 615 9.46 -15.40 23.83
C ALA C 615 8.23 -16.18 24.27
N PRO C 616 7.17 -16.22 23.46
CA PRO C 616 5.92 -16.85 23.92
C PRO C 616 6.04 -18.37 23.92
N ARG C 617 5.94 -18.95 25.11
CA ARG C 617 6.04 -20.40 25.29
C ARG C 617 4.69 -21.02 24.99
N VAL C 618 4.55 -21.56 23.79
CA VAL C 618 3.31 -22.19 23.33
C VAL C 618 3.52 -23.70 23.35
N THR C 619 2.59 -24.41 24.00
CA THR C 619 2.66 -25.86 24.12
C THR C 619 1.44 -26.47 23.44
N THR C 620 1.66 -27.53 22.67
CA THR C 620 0.59 -28.14 21.91
C THR C 620 0.12 -29.43 22.57
N ILE C 621 -1.15 -29.77 22.29
CA ILE C 621 -1.77 -30.99 22.79
C ILE C 621 -2.53 -31.64 21.64
N LYS C 622 -2.71 -32.95 21.73
CA LYS C 622 -3.44 -33.70 20.70
C LYS C 622 -4.67 -34.33 21.33
N VAL C 623 -5.85 -33.95 20.84
CA VAL C 623 -7.11 -34.57 21.24
C VAL C 623 -7.92 -34.84 19.99
N PRO C 624 -8.80 -35.83 20.03
CA PRO C 624 -9.63 -36.15 18.86
C PRO C 624 -10.61 -35.02 18.54
N VAL C 625 -11.34 -35.21 17.44
CA VAL C 625 -12.26 -34.19 16.96
C VAL C 625 -13.42 -34.01 17.94
N ASP C 626 -13.88 -35.10 18.57
CA ASP C 626 -15.01 -35.01 19.47
C ASP C 626 -14.73 -34.10 20.65
N LYS C 627 -13.50 -34.13 21.16
CA LYS C 627 -13.12 -33.25 22.27
C LYS C 627 -13.18 -31.79 21.85
N ILE C 628 -12.78 -31.50 20.61
CA ILE C 628 -12.81 -30.12 20.12
C ILE C 628 -14.23 -29.58 20.08
N GLY C 629 -15.15 -30.37 19.54
CA GLY C 629 -16.53 -29.91 19.41
C GLY C 629 -17.18 -29.62 20.75
N GLU C 630 -16.84 -30.41 21.78
CA GLU C 630 -17.40 -30.17 23.10
C GLU C 630 -16.78 -28.93 23.75
N VAL C 631 -15.46 -28.83 23.71
CA VAL C 631 -14.77 -27.76 24.44
C VAL C 631 -15.04 -26.41 23.79
N ILE C 632 -14.87 -26.31 22.47
CA ILE C 632 -15.02 -25.03 21.78
C ILE C 632 -16.05 -25.19 20.67
N GLY C 633 -15.84 -26.16 19.79
CA GLY C 633 -16.77 -26.42 18.71
C GLY C 633 -16.64 -25.46 17.56
N PRO C 634 -17.70 -24.68 17.31
CA PRO C 634 -17.73 -23.80 16.14
C PRO C 634 -17.03 -22.47 16.32
N LYS C 635 -16.23 -22.30 17.39
CA LYS C 635 -15.48 -21.07 17.63
C LYS C 635 -16.40 -19.85 17.67
N GLY C 636 -17.31 -19.85 18.64
CA GLY C 636 -18.22 -18.73 18.82
C GLY C 636 -17.56 -17.57 19.53
N LYS C 637 -18.26 -16.99 20.51
CA LYS C 637 -17.70 -15.92 21.33
C LYS C 637 -17.09 -16.42 22.63
N VAL C 638 -17.22 -17.73 22.92
CA VAL C 638 -16.64 -18.28 24.13
C VAL C 638 -15.12 -18.23 24.06
N ILE C 639 -14.55 -18.43 22.87
CA ILE C 639 -13.10 -18.32 22.71
C ILE C 639 -12.61 -16.92 23.05
N ASN C 640 -13.32 -15.90 22.57
CA ASN C 640 -12.95 -14.52 22.89
C ASN C 640 -13.13 -14.24 24.38
N ALA C 641 -14.20 -14.79 24.98
CA ALA C 641 -14.41 -14.60 26.42
C ALA C 641 -13.28 -15.20 27.22
N ILE C 642 -12.84 -16.41 26.85
CA ILE C 642 -11.72 -17.06 27.54
C ILE C 642 -10.44 -16.26 27.35
N THR C 643 -10.21 -15.77 26.13
CA THR C 643 -9.03 -14.97 25.86
C THR C 643 -9.00 -13.71 26.72
N GLU C 644 -10.16 -13.04 26.86
CA GLU C 644 -10.21 -11.83 27.68
C GLU C 644 -10.06 -12.15 29.16
N GLU C 645 -10.66 -13.25 29.62
CA GLU C 645 -10.63 -13.54 31.06
C GLU C 645 -9.28 -14.06 31.52
N THR C 646 -8.55 -14.79 30.68
CA THR C 646 -7.28 -15.40 31.07
C THR C 646 -6.09 -14.81 30.36
N GLY C 647 -6.18 -14.59 29.05
CA GLY C 647 -5.07 -14.05 28.29
C GLY C 647 -4.43 -15.08 27.39
N ALA C 648 -5.22 -16.06 26.94
CA ALA C 648 -4.74 -17.13 26.08
C ALA C 648 -5.52 -17.12 24.77
N GLN C 649 -4.79 -17.13 23.66
CA GLN C 649 -5.39 -17.19 22.33
C GLN C 649 -5.21 -18.59 21.76
N ILE C 650 -6.30 -19.17 21.28
CA ILE C 650 -6.32 -20.56 20.82
C ILE C 650 -6.71 -20.59 19.35
N SER C 651 -5.88 -21.21 18.53
CA SER C 651 -6.17 -21.44 17.12
C SER C 651 -6.42 -22.93 16.92
N ILE C 652 -7.62 -23.28 16.48
CA ILE C 652 -8.06 -24.66 16.39
C ILE C 652 -8.48 -24.97 14.97
N GLU C 653 -7.93 -26.04 14.40
CA GLU C 653 -8.38 -26.58 13.13
C GLU C 653 -8.83 -28.02 13.32
N ASP C 654 -9.71 -28.47 12.44
CA ASP C 654 -10.24 -29.82 12.51
C ASP C 654 -9.37 -30.85 11.80
N ASP C 655 -8.14 -30.48 11.42
CA ASP C 655 -7.23 -31.40 10.75
C ASP C 655 -6.65 -32.45 11.68
N GLY C 656 -7.05 -32.47 12.94
CA GLY C 656 -6.53 -33.40 13.92
C GLY C 656 -5.56 -32.80 14.92
N THR C 657 -4.85 -31.75 14.54
CA THR C 657 -3.94 -31.05 15.44
C THR C 657 -4.70 -30.01 16.25
N VAL C 658 -4.27 -29.83 17.50
CA VAL C 658 -4.93 -28.91 18.41
C VAL C 658 -3.87 -27.95 18.97
N PHE C 659 -3.89 -26.72 18.48
CA PHE C 659 -2.97 -25.67 18.93
C PHE C 659 -3.66 -24.87 20.03
N VAL C 660 -3.12 -24.96 21.25
CA VAL C 660 -3.58 -24.15 22.38
C VAL C 660 -2.41 -23.29 22.83
N GLY C 661 -2.63 -21.99 22.92
CA GLY C 661 -1.55 -21.06 23.13
C GLY C 661 -1.86 -19.97 24.12
N ALA C 662 -0.80 -19.35 24.63
CA ALA C 662 -0.87 -18.19 25.51
C ALA C 662 0.47 -17.50 25.42
N THR C 663 0.46 -16.16 25.35
CA THR C 663 1.69 -15.43 25.08
C THR C 663 2.68 -15.57 26.23
N ASP C 664 2.31 -15.10 27.41
CA ASP C 664 3.23 -15.14 28.54
C ASP C 664 3.44 -16.57 29.03
N GLY C 665 4.66 -16.85 29.45
CA GLY C 665 4.99 -18.11 30.08
C GLY C 665 4.13 -18.40 31.31
N PRO C 666 4.00 -17.41 32.21
CA PRO C 666 3.00 -17.57 33.29
C PRO C 666 1.59 -17.78 32.79
N SER C 667 1.19 -17.08 31.73
CA SER C 667 -0.12 -17.35 31.12
C SER C 667 -0.15 -18.78 30.58
N ALA C 668 0.98 -19.27 30.07
CA ALA C 668 1.03 -20.64 29.57
C ALA C 668 0.85 -21.66 30.68
N GLN C 669 1.49 -21.45 31.84
CA GLN C 669 1.30 -22.41 32.91
C GLN C 669 -0.10 -22.31 33.49
N ALA C 670 -0.67 -21.11 33.53
CA ALA C 670 -2.06 -20.97 33.94
C ALA C 670 -3.00 -21.72 32.99
N ALA C 671 -2.73 -21.63 31.68
CA ALA C 671 -3.57 -22.31 30.71
C ALA C 671 -3.45 -23.82 30.82
N ILE C 672 -2.23 -24.34 30.96
CA ILE C 672 -2.09 -25.79 31.09
C ILE C 672 -2.67 -26.26 32.41
N ASP C 673 -2.57 -25.44 33.46
CA ASP C 673 -3.20 -25.78 34.73
C ASP C 673 -4.71 -25.87 34.58
N LYS C 674 -5.33 -24.91 33.89
CA LYS C 674 -6.78 -24.98 33.72
C LYS C 674 -7.19 -26.15 32.84
N ILE C 675 -6.41 -26.46 31.80
CA ILE C 675 -6.74 -27.60 30.94
C ILE C 675 -6.66 -28.90 31.74
N ASN C 676 -5.57 -29.09 32.49
CA ASN C 676 -5.37 -30.33 33.22
C ASN C 676 -6.07 -30.33 34.58
N ALA C 677 -6.81 -29.28 34.93
CA ALA C 677 -7.66 -29.31 36.11
C ALA C 677 -9.13 -29.38 35.74
N ILE C 678 -9.50 -29.02 34.51
CA ILE C 678 -10.89 -29.13 34.08
C ILE C 678 -11.10 -30.40 33.27
N ALA C 679 -10.28 -30.63 32.24
CA ALA C 679 -10.44 -31.79 31.39
C ALA C 679 -9.92 -33.07 32.05
N ASN C 680 -8.88 -32.97 32.87
CA ASN C 680 -8.23 -34.14 33.46
C ASN C 680 -8.12 -33.97 34.98
N PRO C 681 -9.24 -34.05 35.70
CA PRO C 681 -9.17 -33.95 37.16
C PRO C 681 -8.33 -35.07 37.76
N GLN C 682 -7.60 -34.74 38.82
CA GLN C 682 -6.80 -35.74 39.52
C GLN C 682 -7.70 -36.72 40.27
N LEU C 683 -7.38 -37.99 40.16
CA LEU C 683 -8.18 -39.03 40.80
C LEU C 683 -7.93 -39.02 42.31
N PRO C 684 -8.96 -38.90 43.13
CA PRO C 684 -8.76 -38.89 44.58
C PRO C 684 -8.32 -40.25 45.10
N THR C 685 -7.71 -40.23 46.29
CA THR C 685 -7.23 -41.44 46.95
C THR C 685 -8.23 -41.90 48.00
N VAL C 686 -7.87 -42.96 48.72
CA VAL C 686 -8.75 -43.56 49.71
C VAL C 686 -8.80 -42.68 50.95
N GLY C 687 -10.01 -42.43 51.45
CA GLY C 687 -10.20 -41.71 52.68
C GLY C 687 -10.54 -40.24 52.54
N GLU C 688 -10.47 -39.68 51.34
CA GLU C 688 -10.73 -38.26 51.13
C GLU C 688 -12.13 -38.03 50.59
N ARG C 689 -12.78 -37.00 51.15
CA ARG C 689 -14.09 -36.56 50.67
C ARG C 689 -14.04 -35.05 50.46
N PHE C 690 -14.77 -34.58 49.46
CA PHE C 690 -14.83 -33.16 49.10
C PHE C 690 -16.26 -32.66 49.25
N LEU C 691 -16.42 -31.54 49.95
CA LEU C 691 -17.72 -30.91 50.16
C LEU C 691 -17.78 -29.64 49.32
N GLY C 692 -18.74 -29.58 48.40
CA GLY C 692 -18.95 -28.41 47.58
C GLY C 692 -20.27 -27.72 47.89
N THR C 693 -20.42 -26.53 47.29
CA THR C 693 -21.61 -25.72 47.47
C THR C 693 -22.13 -25.25 46.11
N VAL C 694 -23.45 -25.27 45.97
CA VAL C 694 -24.10 -24.86 44.74
C VAL C 694 -24.76 -23.51 44.95
N VAL C 695 -24.73 -22.68 43.91
CA VAL C 695 -25.30 -21.34 43.96
C VAL C 695 -26.75 -21.31 43.50
N LYS C 696 -27.12 -22.17 42.55
CA LYS C 696 -28.49 -22.25 42.06
C LYS C 696 -28.73 -23.67 41.58
N THR C 697 -29.85 -24.25 41.98
CA THR C 697 -30.23 -25.59 41.54
C THR C 697 -31.56 -25.56 40.79
N THR C 698 -31.99 -26.73 40.36
CA THR C 698 -33.27 -26.90 39.67
C THR C 698 -33.92 -28.18 40.19
N ASP C 699 -35.10 -28.51 39.65
CA ASP C 699 -35.77 -29.75 40.02
C ASP C 699 -35.53 -30.83 38.98
N PHE C 700 -35.37 -30.43 37.72
CA PHE C 700 -35.08 -31.37 36.65
C PHE C 700 -33.70 -32.03 36.80
N GLY C 701 -32.76 -31.36 37.45
CA GLY C 701 -31.43 -31.90 37.63
C GLY C 701 -30.47 -30.87 38.20
N ALA C 702 -29.23 -30.87 37.71
CA ALA C 702 -28.23 -29.91 38.16
C ALA C 702 -27.52 -29.32 36.94
N PHE C 703 -27.37 -28.00 36.92
CA PHE C 703 -26.64 -27.32 35.86
C PHE C 703 -25.16 -27.19 36.26
N VAL C 704 -24.59 -28.32 36.64
CA VAL C 704 -23.17 -28.38 36.97
C VAL C 704 -22.35 -28.34 35.69
N SER C 705 -21.31 -27.52 35.68
CA SER C 705 -20.54 -27.25 34.46
C SER C 705 -19.40 -28.26 34.33
N LEU C 706 -19.78 -29.54 34.23
CA LEU C 706 -18.80 -30.58 33.96
C LEU C 706 -18.16 -30.43 32.58
N LEU C 707 -18.96 -30.12 31.56
CA LEU C 707 -18.48 -29.94 30.20
C LEU C 707 -19.05 -28.63 29.68
N PRO C 708 -18.22 -27.62 29.40
CA PRO C 708 -18.74 -26.32 28.99
C PRO C 708 -19.48 -26.40 27.66
N GLY C 709 -20.53 -25.60 27.54
CA GLY C 709 -21.30 -25.54 26.31
C GLY C 709 -22.34 -26.64 26.18
N ARG C 710 -22.44 -27.50 27.19
CA ARG C 710 -23.38 -28.61 27.14
C ARG C 710 -23.92 -28.87 28.54
N ASP C 711 -25.19 -29.28 28.62
CA ASP C 711 -25.83 -29.66 29.87
C ASP C 711 -26.32 -31.09 29.74
N GLY C 712 -26.00 -31.91 30.73
CA GLY C 712 -26.33 -33.33 30.69
C GLY C 712 -27.71 -33.63 31.23
N LEU C 713 -27.79 -34.76 31.93
CA LEU C 713 -29.04 -35.23 32.49
C LEU C 713 -28.74 -36.13 33.69
N VAL C 714 -29.71 -36.22 34.60
CA VAL C 714 -29.61 -37.10 35.76
C VAL C 714 -30.70 -38.16 35.63
N HIS C 715 -30.29 -39.42 35.63
CA HIS C 715 -31.22 -40.53 35.42
C HIS C 715 -32.19 -40.65 36.59
N ILE C 716 -33.35 -41.24 36.30
CA ILE C 716 -34.35 -41.50 37.33
C ILE C 716 -33.87 -42.50 38.37
N SER C 717 -32.84 -43.29 38.06
CA SER C 717 -32.36 -44.29 39.01
C SER C 717 -31.62 -43.64 40.17
N LYS C 718 -30.77 -42.66 39.88
CA LYS C 718 -29.95 -42.01 40.90
C LYS C 718 -30.53 -40.70 41.40
N LEU C 719 -31.73 -40.30 40.93
CA LEU C 719 -32.35 -39.09 41.46
C LEU C 719 -32.70 -39.25 42.93
N GLY C 720 -33.25 -40.40 43.32
CA GLY C 720 -33.57 -40.69 44.69
C GLY C 720 -32.58 -41.54 45.44
N LYS C 721 -31.45 -41.87 44.81
CA LYS C 721 -30.43 -42.74 45.39
C LYS C 721 -31.05 -44.08 45.84
N GLY C 722 -31.89 -44.64 44.97
CA GLY C 722 -32.57 -45.88 45.26
C GLY C 722 -33.97 -45.74 45.82
N LYS C 723 -34.53 -44.53 45.85
CA LYS C 723 -35.85 -44.27 46.41
C LYS C 723 -36.78 -43.78 45.30
N ARG C 724 -37.95 -44.41 45.21
CA ARG C 724 -38.97 -43.96 44.28
C ARG C 724 -39.65 -42.70 44.81
N ILE C 725 -40.17 -41.90 43.89
CA ILE C 725 -40.85 -40.64 44.23
C ILE C 725 -42.35 -40.87 44.14
N ALA C 726 -43.04 -40.60 45.24
CA ALA C 726 -44.49 -40.79 45.32
C ALA C 726 -45.26 -39.51 45.09
N LYS C 727 -44.95 -38.45 45.84
CA LYS C 727 -45.63 -37.17 45.71
C LYS C 727 -44.63 -36.09 45.30
N VAL C 728 -45.08 -35.17 44.47
CA VAL C 728 -44.24 -34.08 43.96
C VAL C 728 -44.36 -32.83 44.81
N GLU C 729 -45.59 -32.49 45.23
CA GLU C 729 -45.79 -31.25 45.96
C GLU C 729 -45.86 -31.50 47.47
N ASP C 730 -46.52 -32.58 47.88
CA ASP C 730 -46.81 -32.80 49.29
C ASP C 730 -45.57 -33.18 50.09
N VAL C 731 -44.63 -33.91 49.50
CA VAL C 731 -43.47 -34.40 50.23
C VAL C 731 -42.20 -33.74 49.73
N VAL C 732 -41.94 -33.87 48.42
CA VAL C 732 -40.71 -33.36 47.84
C VAL C 732 -40.77 -31.83 47.80
N ASN C 733 -39.74 -31.19 48.35
CA ASN C 733 -39.64 -29.74 48.37
C ASN C 733 -38.40 -29.29 47.60
N VAL C 734 -38.32 -27.98 47.38
CA VAL C 734 -37.18 -27.38 46.70
C VAL C 734 -36.19 -26.89 47.75
N GLY C 735 -34.95 -27.37 47.67
CA GLY C 735 -33.94 -27.01 48.64
C GLY C 735 -33.43 -28.20 49.43
N ASP C 736 -33.63 -29.40 48.89
CA ASP C 736 -33.20 -30.61 49.57
C ASP C 736 -31.68 -30.78 49.46
N LYS C 737 -31.16 -31.76 50.21
CA LYS C 737 -29.73 -32.04 50.24
C LYS C 737 -29.45 -33.23 49.32
N LEU C 738 -28.55 -33.02 48.36
CA LEU C 738 -28.14 -34.07 47.42
C LEU C 738 -26.62 -34.08 47.34
N ARG C 739 -26.02 -35.27 47.41
CA ARG C 739 -24.59 -35.41 47.24
C ARG C 739 -24.28 -36.11 45.94
N VAL C 740 -23.14 -35.76 45.33
CA VAL C 740 -22.70 -36.32 44.07
C VAL C 740 -21.32 -36.92 44.25
N GLU C 741 -21.12 -38.13 43.75
CA GLU C 741 -19.84 -38.83 43.83
C GLU C 741 -19.42 -39.29 42.44
N ILE C 742 -18.12 -39.26 42.18
CA ILE C 742 -17.60 -39.66 40.88
C ILE C 742 -17.57 -41.18 40.79
N ALA C 743 -18.02 -41.71 39.64
CA ALA C 743 -18.01 -43.16 39.44
C ALA C 743 -16.70 -43.62 38.83
N ASP C 744 -16.35 -43.08 37.66
CA ASP C 744 -15.11 -43.45 36.99
C ASP C 744 -14.66 -42.30 36.11
N ILE C 745 -13.35 -42.15 35.97
CA ILE C 745 -12.74 -41.12 35.12
C ILE C 745 -11.72 -41.80 34.22
N ASP C 746 -11.79 -41.50 32.92
CA ASP C 746 -10.79 -41.99 31.98
C ASP C 746 -9.76 -40.91 31.69
N LYS C 747 -8.66 -41.31 31.07
CA LYS C 747 -7.62 -40.37 30.66
C LYS C 747 -7.98 -39.62 29.40
N ARG C 748 -9.09 -39.97 28.74
CA ARG C 748 -9.52 -39.29 27.53
C ARG C 748 -10.16 -37.94 27.81
N GLY C 749 -10.24 -37.52 29.07
CA GLY C 749 -10.86 -36.26 29.42
C GLY C 749 -12.35 -36.29 29.60
N LYS C 750 -12.95 -37.47 29.71
CA LYS C 750 -14.38 -37.62 29.87
C LYS C 750 -14.75 -37.84 31.33
N ILE C 751 -15.99 -37.51 31.67
CA ILE C 751 -16.57 -37.77 32.98
C ILE C 751 -17.82 -38.61 32.76
N SER C 752 -17.68 -39.93 32.81
CA SER C 752 -18.76 -40.85 32.54
C SER C 752 -19.48 -41.18 33.84
N LEU C 753 -20.72 -40.70 33.97
CA LEU C 753 -21.56 -40.98 35.12
C LEU C 753 -22.75 -41.81 34.68
N ILE C 754 -23.03 -42.89 35.41
CA ILE C 754 -24.14 -43.78 35.08
C ILE C 754 -25.14 -43.82 36.21
#